data_4JCF
#
_entry.id   4JCF
#
_cell.length_a   149.970
_cell.length_b   96.060
_cell.length_c   128.220
_cell.angle_alpha   90.00
_cell.angle_beta   110.36
_cell.angle_gamma   90.00
#
_symmetry.space_group_name_H-M   'C 1 2 1'
#
loop_
_entity.id
_entity.type
_entity.pdbx_description
1 polymer 'Major capsid protein VP1'
2 branched 'N-acetyl-alpha-neuraminic acid-(2-6)-beta-D-galactopyranose-(1-4)-2-acetamido-2-deoxy-beta-D-glucopyranose'
3 non-polymer GLYCEROL
4 non-polymer 1,2-ETHANEDIOL
5 water water
#
_entity_poly.entity_id   1
_entity_poly.type   'polypeptide(L)'
_entity_poly.pdbx_seq_one_letter_code
;GSHMGGVEVLEVKTGVDSITEVECFLTPEMGDPDEHLRGFSKSISISDTFESDSPNRDMLPCYSVARIPLPNLNEDLTCG
NILMWEAVTLKTEVIGVTSLMNVHSNGQATHDNGAGKPVQGTSFHFFSVGGEALELQGVLFNYRTKYPDGTIFPKNATVQ
SQVMNTEHKAYLDKNKAYPVECWVPDPTRNENTRYFGTLTGGENVPPVLHITNTATTVLLDEFGVGPLCKGDNLYLSAVD
VCGMFTNRSGFQQWRGLSRYFKVQLRKRRVKN
;
_entity_poly.pdbx_strand_id   C,A,B,D,E
#
loop_
_chem_comp.id
_chem_comp.type
_chem_comp.name
_chem_comp.formula
EDO non-polymer 1,2-ETHANEDIOL 'C2 H6 O2'
GAL D-saccharide, beta linking beta-D-galactopyranose 'C6 H12 O6'
GOL non-polymer GLYCEROL 'C3 H8 O3'
NAG D-saccharide, beta linking 2-acetamido-2-deoxy-beta-D-glucopyranose 'C8 H15 N O6'
SIA D-saccharide, alpha linking 'N-acetyl-alpha-neuraminic acid' 'C11 H19 N O9'
#
# COMPACT_ATOMS: atom_id res chain seq x y z
N GLU A 8 10.73 -30.62 -27.47
CA GLU A 8 12.19 -30.86 -27.16
C GLU A 8 13.02 -29.61 -27.47
N VAL A 9 13.40 -28.88 -26.43
CA VAL A 9 14.13 -27.63 -26.57
C VAL A 9 15.60 -27.90 -26.41
N LEU A 10 16.40 -27.45 -27.37
CA LEU A 10 17.84 -27.68 -27.29
C LEU A 10 18.52 -26.32 -27.10
N GLU A 11 19.71 -26.13 -27.66
CA GLU A 11 20.50 -24.95 -27.34
C GLU A 11 20.09 -23.65 -28.07
N VAL A 12 20.51 -22.52 -27.49
CA VAL A 12 20.35 -21.18 -28.08
C VAL A 12 21.41 -20.92 -29.15
N LYS A 13 21.02 -20.37 -30.29
CA LYS A 13 21.99 -19.98 -31.33
C LYS A 13 22.52 -18.61 -30.98
N THR A 14 23.84 -18.46 -31.01
CA THR A 14 24.52 -17.18 -30.77
C THR A 14 25.03 -16.58 -32.09
N GLY A 15 25.64 -15.40 -32.03
CA GLY A 15 26.16 -14.74 -33.21
C GLY A 15 25.30 -13.54 -33.57
N VAL A 16 25.82 -12.71 -34.48
CA VAL A 16 25.18 -11.46 -34.88
C VAL A 16 23.72 -11.67 -35.30
N ASP A 17 23.50 -12.67 -36.15
CA ASP A 17 22.19 -12.94 -36.74
C ASP A 17 21.12 -13.55 -35.79
N SER A 18 21.46 -13.81 -34.54
CA SER A 18 20.68 -14.70 -33.71
C SER A 18 19.68 -14.03 -32.77
N ILE A 19 19.69 -12.70 -32.72
CA ILE A 19 18.74 -11.96 -31.92
C ILE A 19 17.93 -10.98 -32.79
N THR A 20 16.74 -10.67 -32.32
CA THR A 20 15.90 -9.68 -32.98
C THR A 20 15.01 -9.07 -31.92
N GLU A 21 14.31 -8.03 -32.31
CA GLU A 21 13.55 -7.25 -31.37
C GLU A 21 12.27 -6.78 -32.02
N VAL A 22 11.18 -6.84 -31.26
CA VAL A 22 9.90 -6.38 -31.73
C VAL A 22 9.49 -5.22 -30.86
N GLU A 23 8.92 -4.20 -31.48
CA GLU A 23 8.51 -3.03 -30.74
C GLU A 23 7.20 -2.56 -31.34
N CYS A 24 6.21 -2.31 -30.51
CA CYS A 24 4.92 -1.80 -31.01
C CYS A 24 3.97 -1.34 -29.89
N PHE A 25 2.85 -0.77 -30.32
CA PHE A 25 1.83 -0.32 -29.41
C PHE A 25 0.52 -0.99 -29.79
N LEU A 26 -0.22 -1.46 -28.79
CA LEU A 26 -1.58 -1.96 -28.96
C LEU A 26 -2.54 -0.92 -28.49
N THR A 27 -3.47 -0.54 -29.36
CA THR A 27 -4.48 0.42 -29.02
C THR A 27 -5.58 -0.28 -28.21
N PRO A 28 -6.23 0.46 -27.31
CA PRO A 28 -7.31 -0.08 -26.54
C PRO A 28 -8.57 -0.23 -27.37
N GLU A 29 -9.46 -1.13 -26.94
CA GLU A 29 -10.72 -1.34 -27.66
C GLU A 29 -11.86 -1.25 -26.66
N MET A 30 -12.26 -0.01 -26.39
CA MET A 30 -13.17 0.30 -25.30
C MET A 30 -14.64 0.32 -25.75
N GLY A 31 -14.86 0.38 -27.05
CA GLY A 31 -16.21 0.33 -27.59
C GLY A 31 -16.43 1.33 -28.72
N ASP A 32 -15.79 2.51 -28.60
CA ASP A 32 -15.75 3.51 -29.66
C ASP A 32 -17.16 3.84 -30.16
N PRO A 33 -17.96 4.47 -29.29
CA PRO A 33 -19.39 4.66 -29.61
C PRO A 33 -19.68 5.61 -30.77
N ASP A 34 -18.75 6.51 -31.09
CA ASP A 34 -18.87 7.32 -32.32
C ASP A 34 -17.50 7.72 -32.88
N GLU A 35 -17.50 8.52 -33.95
CA GLU A 35 -16.30 8.84 -34.72
C GLU A 35 -15.35 9.74 -33.96
N HIS A 36 -15.83 10.32 -32.86
CA HIS A 36 -15.00 11.19 -32.01
C HIS A 36 -14.49 10.54 -30.74
N LEU A 37 -14.88 9.28 -30.48
CA LEU A 37 -14.76 8.73 -29.13
C LEU A 37 -13.89 7.48 -29.01
N ARG A 38 -12.90 7.39 -29.88
CA ARG A 38 -11.92 6.34 -29.85
C ARG A 38 -11.25 6.32 -28.49
N GLY A 39 -11.29 5.17 -27.82
CA GLY A 39 -10.69 5.00 -26.51
C GLY A 39 -11.65 5.16 -25.36
N PHE A 40 -12.90 5.52 -25.67
CA PHE A 40 -13.98 5.54 -24.71
C PHE A 40 -14.98 4.45 -25.06
N SER A 41 -15.76 4.01 -24.07
CA SER A 41 -16.94 3.22 -24.32
C SER A 41 -18.13 4.14 -24.50
N LYS A 42 -19.21 3.56 -24.99
CA LYS A 42 -20.54 4.08 -24.78
C LYS A 42 -20.84 4.31 -23.29
N SER A 43 -21.61 5.35 -23.00
CA SER A 43 -22.07 5.57 -21.63
CA SER A 43 -22.07 5.57 -21.64
C SER A 43 -22.73 4.29 -21.10
N ILE A 44 -22.45 3.97 -19.85
CA ILE A 44 -22.92 2.73 -19.30
C ILE A 44 -24.34 2.90 -18.82
N SER A 45 -25.25 2.03 -19.23
CA SER A 45 -26.59 2.02 -18.66
C SER A 45 -26.78 0.73 -17.88
N ILE A 46 -27.73 0.74 -16.96
CA ILE A 46 -27.99 -0.40 -16.07
C ILE A 46 -29.32 -1.06 -16.43
N SER A 47 -29.32 -2.39 -16.54
CA SER A 47 -30.53 -3.14 -16.85
C SER A 47 -31.56 -3.02 -15.73
N ASP A 48 -32.84 -3.19 -16.10
CA ASP A 48 -33.99 -3.07 -15.16
C ASP A 48 -34.06 -4.24 -14.21
N THR A 49 -33.52 -5.39 -14.63
CA THR A 49 -33.51 -6.61 -13.81
C THR A 49 -32.29 -7.42 -14.21
N PHE A 50 -32.08 -8.51 -13.49
CA PHE A 50 -30.93 -9.37 -13.73
C PHE A 50 -31.05 -10.17 -14.99
N GLU A 51 -32.25 -10.69 -15.24
CA GLU A 51 -32.49 -11.47 -16.45
C GLU A 51 -32.45 -10.65 -17.72
N SER A 52 -32.71 -9.34 -17.64
CA SER A 52 -32.76 -8.52 -18.85
C SER A 52 -31.45 -7.77 -19.19
N ASP A 53 -30.35 -8.18 -18.58
CA ASP A 53 -29.05 -7.57 -18.84
C ASP A 53 -28.71 -7.82 -20.31
N SER A 54 -28.50 -6.74 -21.06
CA SER A 54 -28.22 -6.86 -22.49
CA SER A 54 -28.27 -6.83 -22.48
C SER A 54 -27.36 -5.69 -22.97
N PRO A 55 -26.06 -5.72 -22.62
CA PRO A 55 -25.20 -4.60 -22.96
C PRO A 55 -25.03 -4.48 -24.47
N ASN A 56 -25.05 -3.26 -24.98
CA ASN A 56 -24.73 -2.99 -26.36
C ASN A 56 -23.23 -3.17 -26.58
N ARG A 57 -22.88 -3.52 -27.81
CA ARG A 57 -21.51 -3.77 -28.20
C ARG A 57 -20.56 -2.64 -27.82
N ASP A 58 -20.95 -1.42 -28.17
CA ASP A 58 -20.07 -0.27 -27.94
C ASP A 58 -19.96 0.13 -26.45
N MET A 59 -20.65 -0.60 -25.59
CA MET A 59 -20.51 -0.42 -24.13
C MET A 59 -19.53 -1.41 -23.50
N LEU A 60 -19.07 -2.40 -24.28
CA LEU A 60 -18.23 -3.48 -23.77
C LEU A 60 -16.76 -3.39 -24.21
N PRO A 61 -15.86 -3.03 -23.29
CA PRO A 61 -14.44 -3.09 -23.62
C PRO A 61 -14.03 -4.52 -23.97
N CYS A 62 -13.06 -4.67 -24.87
CA CYS A 62 -12.64 -6.00 -25.32
C CYS A 62 -11.12 -6.11 -25.18
N TYR A 63 -10.63 -7.34 -25.25
CA TYR A 63 -9.20 -7.62 -25.26
C TYR A 63 -8.59 -7.14 -26.58
N SER A 64 -7.40 -6.56 -26.50
CA SER A 64 -6.60 -6.22 -27.67
C SER A 64 -5.60 -7.35 -27.92
N VAL A 65 -5.31 -7.58 -29.19
CA VAL A 65 -4.33 -8.57 -29.60
C VAL A 65 -3.66 -8.14 -30.88
N ALA A 66 -2.35 -8.32 -30.94
CA ALA A 66 -1.60 -8.16 -32.16
C ALA A 66 -0.76 -9.41 -32.36
N ARG A 67 -0.80 -9.93 -33.60
CA ARG A 67 0.10 -10.99 -34.05
C ARG A 67 1.20 -10.35 -34.89
N ILE A 68 2.45 -10.43 -34.43
CA ILE A 68 3.58 -9.75 -35.06
C ILE A 68 4.44 -10.78 -35.82
N PRO A 69 4.59 -10.61 -37.15
CA PRO A 69 5.45 -11.52 -37.92
C PRO A 69 6.91 -11.32 -37.56
N LEU A 70 7.66 -12.40 -37.43
CA LEU A 70 9.09 -12.34 -37.07
C LEU A 70 9.93 -12.74 -38.29
N PRO A 71 11.26 -12.48 -38.26
CA PRO A 71 12.09 -12.88 -39.39
C PRO A 71 11.90 -14.35 -39.69
N ASN A 72 11.64 -14.62 -40.96
CA ASN A 72 11.35 -15.96 -41.40
C ASN A 72 12.53 -16.87 -41.12
N LEU A 73 12.28 -17.95 -40.40
CA LEU A 73 13.29 -18.94 -40.12
C LEU A 73 13.07 -20.12 -41.07
N ILE A 82 15.36 -27.43 -37.10
CA ILE A 82 14.29 -26.48 -36.77
C ILE A 82 14.69 -25.43 -35.72
N LEU A 83 14.59 -24.16 -36.11
CA LEU A 83 14.76 -23.04 -35.19
C LEU A 83 13.44 -22.34 -34.93
N MET A 84 13.33 -21.79 -33.72
CA MET A 84 12.20 -20.96 -33.35
C MET A 84 12.67 -19.75 -32.57
N TRP A 85 11.97 -18.65 -32.79
CA TRP A 85 12.21 -17.46 -32.01
C TRP A 85 11.70 -17.69 -30.59
N GLU A 86 12.55 -17.40 -29.62
CA GLU A 86 12.22 -17.49 -28.22
C GLU A 86 12.20 -16.08 -27.62
N ALA A 87 11.08 -15.72 -26.99
CA ALA A 87 10.90 -14.44 -26.35
C ALA A 87 11.53 -14.48 -24.97
N VAL A 88 12.42 -13.53 -24.69
CA VAL A 88 13.26 -13.58 -23.49
C VAL A 88 12.92 -12.47 -22.50
N THR A 89 12.76 -11.24 -23.02
CA THR A 89 12.48 -10.11 -22.17
C THR A 89 11.37 -9.26 -22.73
N LEU A 90 10.76 -8.48 -21.83
CA LEU A 90 9.68 -7.57 -22.17
C LEU A 90 9.86 -6.28 -21.40
N LYS A 91 9.75 -5.16 -22.10
CA LYS A 91 9.50 -3.86 -21.50
C LYS A 91 8.13 -3.41 -21.95
N THR A 92 7.35 -2.86 -21.03
CA THR A 92 6.01 -2.46 -21.33
C THR A 92 5.57 -1.31 -20.45
N GLU A 93 4.68 -0.49 -20.97
CA GLU A 93 4.04 0.54 -20.15
C GLU A 93 2.83 1.14 -20.85
N VAL A 94 1.98 1.74 -20.05
CA VAL A 94 0.80 2.44 -20.55
C VAL A 94 1.26 3.77 -21.18
N ILE A 95 0.76 4.05 -22.38
CA ILE A 95 1.11 5.25 -23.16
C ILE A 95 0.00 6.29 -23.04
N GLY A 96 0.37 7.48 -22.58
CA GLY A 96 -0.55 8.59 -22.48
C GLY A 96 -1.15 8.78 -21.09
N VAL A 97 -0.44 8.35 -20.04
CA VAL A 97 -0.97 8.42 -18.69
C VAL A 97 -1.32 9.83 -18.28
N THR A 98 -0.59 10.81 -18.79
CA THR A 98 -0.82 12.20 -18.40
C THR A 98 -2.11 12.77 -18.95
N SER A 99 -2.66 12.14 -19.99
CA SER A 99 -3.88 12.63 -20.60
C SER A 99 -5.03 12.64 -19.60
N LEU A 100 -4.92 11.81 -18.56
CA LEU A 100 -5.95 11.78 -17.52
C LEU A 100 -5.92 13.00 -16.60
N MET A 101 -4.98 13.91 -16.81
CA MET A 101 -5.00 15.19 -16.11
C MET A 101 -5.93 16.19 -16.77
N ASN A 102 -6.51 15.85 -17.93
CA ASN A 102 -7.54 16.72 -18.48
C ASN A 102 -8.82 16.63 -17.62
N VAL A 103 -8.99 17.59 -16.71
CA VAL A 103 -10.17 17.66 -15.87
C VAL A 103 -10.99 18.91 -16.17
N HIS A 104 -10.87 19.40 -17.41
CA HIS A 104 -11.59 20.60 -17.86
C HIS A 104 -12.50 20.35 -19.06
N SER A 105 -12.66 19.09 -19.46
CA SER A 105 -13.34 18.76 -20.69
C SER A 105 -14.71 18.16 -20.40
N ASN A 106 -15.66 19.04 -20.09
CA ASN A 106 -17.05 18.67 -19.88
C ASN A 106 -17.28 17.57 -18.86
N GLY A 107 -16.49 17.60 -17.78
CA GLY A 107 -16.61 16.63 -16.72
C GLY A 107 -17.62 17.07 -15.69
N GLN A 108 -17.83 16.24 -14.69
CA GLN A 108 -18.74 16.61 -13.62
C GLN A 108 -17.93 17.22 -12.51
N ALA A 109 -18.29 18.45 -12.13
CA ALA A 109 -17.56 19.17 -11.12
C ALA A 109 -17.70 18.42 -9.83
N THR A 110 -16.58 18.26 -9.16
CA THR A 110 -16.52 17.58 -7.88
C THR A 110 -17.36 18.26 -6.78
N HIS A 111 -17.48 19.58 -6.87
CA HIS A 111 -18.27 20.40 -5.95
C HIS A 111 -18.42 21.76 -6.66
N ASP A 112 -19.16 22.69 -6.05
CA ASP A 112 -19.40 23.99 -6.68
CA ASP A 112 -19.41 23.99 -6.67
C ASP A 112 -18.09 24.73 -6.96
N ASN A 113 -17.90 25.09 -8.22
CA ASN A 113 -16.70 25.75 -8.74
C ASN A 113 -15.45 24.87 -8.86
N GLY A 114 -15.61 23.57 -8.60
CA GLY A 114 -14.47 22.66 -8.59
C GLY A 114 -14.08 22.24 -10.00
N ALA A 115 -12.94 21.59 -10.11
CA ALA A 115 -12.51 21.02 -11.37
C ALA A 115 -13.32 19.76 -11.67
N GLY A 116 -13.23 19.28 -12.90
CA GLY A 116 -13.89 18.03 -13.27
C GLY A 116 -13.37 16.81 -12.50
N LYS A 117 -14.27 15.88 -12.19
CA LYS A 117 -13.90 14.61 -11.58
C LYS A 117 -12.97 13.87 -12.55
N PRO A 118 -11.85 13.31 -12.05
CA PRO A 118 -10.98 12.64 -12.99
C PRO A 118 -11.41 11.21 -13.26
N VAL A 119 -10.84 10.61 -14.29
CA VAL A 119 -11.04 9.20 -14.57
C VAL A 119 -10.69 8.41 -13.31
N GLN A 120 -11.56 7.48 -12.93
CA GLN A 120 -11.36 6.72 -11.72
C GLN A 120 -12.36 5.59 -11.70
N GLY A 121 -12.22 4.73 -10.71
CA GLY A 121 -13.09 3.59 -10.61
C GLY A 121 -12.43 2.36 -11.17
N THR A 122 -13.23 1.32 -11.33
CA THR A 122 -12.73 0.01 -11.72
C THR A 122 -11.72 0.04 -12.87
N SER A 123 -10.59 -0.64 -12.68
CA SER A 123 -9.56 -0.75 -13.69
C SER A 123 -9.15 -2.21 -13.94
N PHE A 124 -8.75 -2.50 -15.16
CA PHE A 124 -8.11 -3.79 -15.46
C PHE A 124 -6.92 -3.52 -16.34
N HIS A 125 -5.75 -3.91 -15.87
CA HIS A 125 -4.48 -3.71 -16.58
C HIS A 125 -3.88 -5.07 -16.75
N PHE A 126 -3.70 -5.47 -18.00
CA PHE A 126 -3.33 -6.81 -18.37
C PHE A 126 -2.46 -6.81 -19.60
N PHE A 127 -1.46 -7.68 -19.58
CA PHE A 127 -0.66 -7.89 -20.76
C PHE A 127 -0.14 -9.32 -20.80
N SER A 128 0.11 -9.77 -22.02
CA SER A 128 0.69 -11.06 -22.24
C SER A 128 1.55 -11.12 -23.50
N VAL A 129 2.53 -12.02 -23.41
CA VAL A 129 3.43 -12.33 -24.49
C VAL A 129 3.47 -13.84 -24.68
N GLY A 130 3.27 -14.29 -25.90
CA GLY A 130 3.12 -15.71 -26.19
C GLY A 130 3.52 -16.05 -27.59
N GLY A 131 3.89 -17.32 -27.79
CA GLY A 131 4.29 -17.82 -29.09
C GLY A 131 3.12 -18.41 -29.85
N GLU A 132 1.93 -18.12 -29.35
CA GLU A 132 0.67 -18.51 -29.97
C GLU A 132 -0.41 -17.68 -29.27
N ALA A 133 -1.64 -17.75 -29.77
CA ALA A 133 -2.74 -16.96 -29.23
C ALA A 133 -2.97 -17.27 -27.75
N LEU A 134 -3.32 -16.23 -27.01
CA LEU A 134 -3.71 -16.38 -25.62
C LEU A 134 -4.93 -17.29 -25.52
N GLU A 135 -4.92 -18.19 -24.54
CA GLU A 135 -6.02 -19.10 -24.33
C GLU A 135 -6.93 -18.55 -23.22
N LEU A 136 -8.22 -18.53 -23.51
CA LEU A 136 -9.24 -17.87 -22.69
C LEU A 136 -10.21 -18.89 -22.09
N GLN A 137 -10.64 -18.60 -20.86
CA GLN A 137 -11.68 -19.34 -20.17
C GLN A 137 -12.80 -18.35 -19.83
N GLY A 138 -14.03 -18.73 -20.10
CA GLY A 138 -15.15 -17.82 -19.90
C GLY A 138 -15.69 -17.91 -18.51
N VAL A 139 -15.95 -16.76 -17.88
CA VAL A 139 -16.69 -16.69 -16.62
C VAL A 139 -17.61 -15.50 -16.67
N LEU A 140 -18.87 -15.72 -16.30
CA LEU A 140 -19.90 -14.71 -16.42
C LEU A 140 -20.35 -14.23 -15.06
N PHE A 141 -20.47 -12.93 -14.93
CA PHE A 141 -21.05 -12.34 -13.74
C PHE A 141 -22.49 -12.84 -13.60
N ASN A 142 -23.19 -12.89 -14.74
CA ASN A 142 -24.61 -13.18 -14.77
C ASN A 142 -24.85 -13.99 -16.05
N TYR A 143 -25.15 -15.27 -15.92
CA TYR A 143 -25.19 -16.15 -17.08
C TYR A 143 -26.33 -15.81 -18.03
N ARG A 144 -27.31 -15.05 -17.55
CA ARG A 144 -28.45 -14.64 -18.37
C ARG A 144 -28.21 -13.32 -19.11
N THR A 145 -27.00 -12.76 -19.00
CA THR A 145 -26.66 -11.60 -19.81
C THR A 145 -26.73 -11.96 -21.30
N LYS A 146 -27.47 -11.19 -22.08
CA LYS A 146 -27.44 -11.37 -23.52
C LYS A 146 -26.29 -10.53 -24.05
N TYR A 147 -25.22 -11.16 -24.52
CA TYR A 147 -24.14 -10.44 -25.15
C TYR A 147 -24.48 -10.16 -26.61
N PRO A 148 -24.01 -9.01 -27.14
CA PRO A 148 -24.47 -8.56 -28.44
C PRO A 148 -23.78 -9.16 -29.64
N ASP A 149 -24.49 -9.09 -30.75
CA ASP A 149 -23.95 -9.46 -32.04
C ASP A 149 -22.66 -8.69 -32.31
N GLY A 150 -21.68 -9.37 -32.89
CA GLY A 150 -20.36 -8.74 -33.16
C GLY A 150 -19.33 -9.01 -32.07
N THR A 151 -19.74 -9.56 -30.93
CA THR A 151 -18.80 -10.00 -29.90
C THR A 151 -18.75 -11.52 -29.88
N ILE A 152 -17.64 -12.06 -29.34
CA ILE A 152 -17.48 -13.49 -29.15
C ILE A 152 -17.52 -13.76 -27.64
N PHE A 153 -18.54 -14.50 -27.22
CA PHE A 153 -18.86 -14.68 -25.80
C PHE A 153 -19.10 -16.15 -25.47
N PRO A 154 -19.08 -16.49 -24.17
CA PRO A 154 -19.32 -17.87 -23.86
C PRO A 154 -20.70 -18.31 -24.33
N LYS A 155 -20.74 -19.44 -25.05
CA LYS A 155 -22.00 -19.97 -25.59
C LYS A 155 -22.55 -21.12 -24.76
N ASN A 156 -23.86 -21.31 -24.84
CA ASN A 156 -24.58 -22.31 -24.04
C ASN A 156 -24.37 -22.10 -22.55
N ALA A 157 -24.47 -20.84 -22.14
CA ALA A 157 -24.28 -20.44 -20.74
C ALA A 157 -25.29 -21.14 -19.83
N THR A 158 -24.84 -21.51 -18.66
CA THR A 158 -25.72 -22.06 -17.64
C THR A 158 -25.40 -21.35 -16.36
N VAL A 159 -26.14 -21.65 -15.29
CA VAL A 159 -25.89 -21.01 -14.01
C VAL A 159 -24.46 -21.34 -13.55
N GLN A 160 -23.94 -22.51 -13.92
CA GLN A 160 -22.57 -22.89 -13.60
C GLN A 160 -21.53 -21.98 -14.26
N SER A 161 -21.91 -21.31 -15.35
CA SER A 161 -21.01 -20.37 -16.02
C SER A 161 -20.67 -19.19 -15.13
N GLN A 162 -21.46 -18.99 -14.08
CA GLN A 162 -21.17 -17.93 -13.11
C GLN A 162 -20.00 -18.24 -12.20
N VAL A 163 -19.56 -19.49 -12.14
CA VAL A 163 -18.40 -19.87 -11.32
C VAL A 163 -17.30 -20.60 -12.10
N MET A 164 -17.69 -21.59 -12.90
CA MET A 164 -16.78 -22.32 -13.81
C MET A 164 -17.56 -23.29 -14.66
N ASN A 165 -17.53 -23.07 -15.97
CA ASN A 165 -18.09 -24.04 -16.93
C ASN A 165 -17.00 -24.27 -17.97
N THR A 166 -16.39 -25.46 -17.94
CA THR A 166 -15.20 -25.74 -18.71
C THR A 166 -15.48 -25.81 -20.21
N GLU A 167 -16.74 -25.70 -20.62
CA GLU A 167 -17.07 -25.62 -22.04
C GLU A 167 -16.63 -24.27 -22.60
N HIS A 168 -16.53 -23.24 -21.76
CA HIS A 168 -16.22 -21.89 -22.25
C HIS A 168 -14.71 -21.66 -22.49
N LYS A 169 -14.20 -22.27 -23.57
CA LYS A 169 -12.79 -22.18 -23.97
C LYS A 169 -12.72 -21.40 -25.27
N ALA A 170 -11.72 -20.53 -25.41
CA ALA A 170 -11.54 -19.82 -26.67
C ALA A 170 -10.10 -19.36 -26.83
N TYR A 171 -9.80 -18.86 -28.03
CA TYR A 171 -8.51 -18.27 -28.33
C TYR A 171 -8.72 -16.77 -28.57
N LEU A 172 -7.83 -15.96 -28.02
CA LEU A 172 -7.83 -14.54 -28.34
C LEU A 172 -7.21 -14.38 -29.72
N ASP A 173 -8.02 -14.64 -30.73
CA ASP A 173 -7.59 -14.71 -32.13
C ASP A 173 -8.23 -13.62 -32.97
N LYS A 174 -8.81 -12.61 -32.32
CA LYS A 174 -9.49 -11.54 -33.05
C LYS A 174 -9.60 -10.28 -32.21
N ASN A 175 -9.30 -9.15 -32.83
CA ASN A 175 -9.33 -7.87 -32.15
C ASN A 175 -10.76 -7.30 -32.09
N LYS A 176 -11.04 -6.49 -31.06
CA LYS A 176 -12.33 -5.82 -30.92
C LYS A 176 -13.49 -6.82 -30.83
N ALA A 177 -13.26 -7.98 -30.23
CA ALA A 177 -14.24 -9.07 -30.28
C ALA A 177 -14.54 -9.78 -28.96
N TYR A 178 -13.54 -10.01 -28.13
CA TYR A 178 -13.70 -10.76 -26.88
C TYR A 178 -13.91 -9.77 -25.74
N PRO A 179 -15.13 -9.73 -25.17
CA PRO A 179 -15.36 -8.74 -24.13
C PRO A 179 -14.57 -9.06 -22.86
N VAL A 180 -13.97 -8.03 -22.28
CA VAL A 180 -13.18 -8.19 -21.08
C VAL A 180 -13.94 -8.89 -19.93
N GLU A 181 -15.22 -8.55 -19.75
CA GLU A 181 -15.96 -9.03 -18.59
C GLU A 181 -16.35 -10.52 -18.62
N CYS A 182 -16.22 -11.14 -19.80
CA CYS A 182 -16.58 -12.53 -20.05
C CYS A 182 -15.44 -13.49 -20.00
N TRP A 183 -14.25 -12.99 -20.25
CA TRP A 183 -13.12 -13.85 -20.51
C TRP A 183 -11.93 -13.52 -19.59
N VAL A 184 -11.24 -14.56 -19.14
CA VAL A 184 -9.94 -14.44 -18.52
C VAL A 184 -8.96 -15.43 -19.16
N PRO A 185 -7.66 -15.21 -18.94
CA PRO A 185 -6.71 -16.22 -19.36
C PRO A 185 -7.01 -17.55 -18.68
N ASP A 186 -6.92 -18.64 -19.44
CA ASP A 186 -7.16 -19.99 -18.97
C ASP A 186 -5.90 -20.49 -18.25
N PRO A 187 -5.98 -20.65 -16.93
CA PRO A 187 -4.80 -21.08 -16.19
C PRO A 187 -4.46 -22.56 -16.42
N THR A 188 -5.40 -23.34 -16.97
CA THR A 188 -5.16 -24.74 -17.28
C THR A 188 -4.42 -24.90 -18.60
N ARG A 189 -4.20 -23.83 -19.33
CA ARG A 189 -3.47 -23.89 -20.56
C ARG A 189 -2.43 -22.76 -20.50
N ASN A 190 -2.17 -22.12 -21.64
CA ASN A 190 -1.19 -21.05 -21.73
C ASN A 190 0.24 -21.42 -21.27
N GLU A 191 0.66 -22.65 -21.57
CA GLU A 191 2.02 -23.09 -21.29
C GLU A 191 3.05 -22.30 -22.09
N ASN A 192 2.64 -21.80 -23.27
CA ASN A 192 3.55 -21.10 -24.20
C ASN A 192 3.32 -19.58 -24.23
N THR A 193 2.72 -19.07 -23.15
CA THR A 193 2.44 -17.65 -22.95
C THR A 193 2.80 -17.25 -21.51
N ARG A 194 3.25 -16.01 -21.30
CA ARG A 194 3.37 -15.41 -19.96
C ARG A 194 2.36 -14.29 -19.87
N TYR A 195 1.53 -14.32 -18.83
CA TYR A 195 0.52 -13.29 -18.64
C TYR A 195 0.49 -12.70 -17.22
N PHE A 196 0.00 -11.47 -17.17
CA PHE A 196 0.04 -10.66 -15.96
C PHE A 196 -1.12 -9.69 -16.00
N GLY A 197 -1.91 -9.69 -14.93
CA GLY A 197 -2.99 -8.73 -14.84
C GLY A 197 -3.46 -8.44 -13.46
N THR A 198 -4.01 -7.24 -13.30
CA THR A 198 -4.57 -6.80 -12.05
C THR A 198 -5.92 -6.14 -12.29
N LEU A 199 -6.93 -6.59 -11.55
CA LEU A 199 -8.20 -5.93 -11.51
C LEU A 199 -8.31 -5.19 -10.19
N THR A 200 -8.55 -3.88 -10.27
CA THR A 200 -8.80 -3.06 -9.08
C THR A 200 -10.21 -2.48 -9.20
N GLY A 201 -11.15 -2.99 -8.39
CA GLY A 201 -12.58 -2.64 -8.47
C GLY A 201 -13.05 -1.61 -7.44
N GLY A 202 -14.12 -0.89 -7.74
CA GLY A 202 -14.62 0.15 -6.82
C GLY A 202 -14.75 1.46 -7.56
N GLU A 203 -15.86 2.16 -7.39
CA GLU A 203 -16.15 3.33 -8.23
C GLU A 203 -15.25 4.53 -7.95
N ASN A 204 -14.56 4.55 -6.80
CA ASN A 204 -13.68 5.68 -6.49
C ASN A 204 -12.20 5.31 -6.52
N VAL A 205 -11.89 4.14 -7.06
CA VAL A 205 -10.52 3.65 -7.14
C VAL A 205 -9.69 4.63 -7.98
N PRO A 206 -8.59 5.15 -7.42
CA PRO A 206 -7.75 6.10 -8.14
C PRO A 206 -6.74 5.39 -9.05
N PRO A 207 -6.59 5.83 -10.30
CA PRO A 207 -5.52 5.27 -11.12
C PRO A 207 -4.12 5.51 -10.54
N VAL A 208 -3.30 4.47 -10.57
CA VAL A 208 -1.91 4.53 -10.18
C VAL A 208 -1.12 3.92 -11.32
N LEU A 209 -0.49 4.76 -12.13
CA LEU A 209 0.19 4.31 -13.33
C LEU A 209 1.64 4.75 -13.30
N HIS A 210 2.54 3.79 -13.38
CA HIS A 210 3.97 4.05 -13.40
C HIS A 210 4.53 3.89 -14.79
N ILE A 211 5.42 4.78 -15.19
CA ILE A 211 6.17 4.66 -16.43
C ILE A 211 7.68 4.77 -16.14
N THR A 212 8.48 4.04 -16.90
CA THR A 212 9.93 4.13 -16.87
C THR A 212 10.47 3.26 -17.99
N ASN A 213 11.61 3.63 -18.56
CA ASN A 213 12.30 2.80 -19.54
C ASN A 213 13.43 1.95 -18.91
N THR A 214 13.36 1.74 -17.60
CA THR A 214 14.40 1.03 -16.87
C THR A 214 13.97 -0.32 -16.30
N ALA A 215 12.71 -0.74 -16.50
CA ALA A 215 12.17 -1.97 -15.96
C ALA A 215 12.01 -3.03 -17.06
N THR A 216 12.57 -4.22 -16.82
CA THR A 216 12.48 -5.32 -17.76
C THR A 216 11.83 -6.48 -17.06
N THR A 217 10.89 -7.14 -17.72
CA THR A 217 10.35 -8.41 -17.23
C THR A 217 11.01 -9.56 -18.00
N VAL A 218 11.54 -10.53 -17.27
CA VAL A 218 12.11 -11.74 -17.87
C VAL A 218 10.97 -12.74 -18.18
N LEU A 219 10.94 -13.27 -19.39
CA LEU A 219 9.85 -14.14 -19.82
C LEU A 219 10.17 -15.62 -19.72
N LEU A 220 11.37 -15.96 -19.24
CA LEU A 220 11.83 -17.35 -19.16
C LEU A 220 11.12 -18.06 -18.03
N ASP A 221 10.75 -19.31 -18.25
CA ASP A 221 10.16 -20.11 -17.18
C ASP A 221 11.24 -20.64 -16.24
N GLU A 222 10.87 -21.57 -15.35
CA GLU A 222 11.81 -22.11 -14.36
C GLU A 222 12.91 -22.95 -15.01
N PHE A 223 12.64 -23.46 -16.21
CA PHE A 223 13.63 -24.22 -16.95
C PHE A 223 14.50 -23.35 -17.86
N GLY A 224 14.33 -22.04 -17.78
CA GLY A 224 15.09 -21.10 -18.61
C GLY A 224 14.57 -20.94 -20.03
N VAL A 225 13.30 -21.28 -20.26
CA VAL A 225 12.72 -21.25 -21.60
C VAL A 225 11.59 -20.23 -21.67
N GLY A 226 11.68 -19.33 -22.65
CA GLY A 226 10.63 -18.34 -22.89
C GLY A 226 9.61 -18.87 -23.89
N PRO A 227 8.55 -18.08 -24.15
CA PRO A 227 7.61 -18.42 -25.21
C PRO A 227 8.31 -18.72 -26.55
N LEU A 228 7.93 -19.83 -27.18
CA LEU A 228 8.51 -20.26 -28.46
C LEU A 228 7.51 -19.97 -29.57
N CYS A 229 7.92 -19.15 -30.54
CA CYS A 229 6.95 -18.56 -31.47
C CYS A 229 6.63 -19.46 -32.64
N LYS A 230 5.44 -20.06 -32.61
CA LYS A 230 5.00 -20.99 -33.66
C LYS A 230 4.71 -20.26 -34.96
N GLY A 231 5.29 -20.73 -36.06
CA GLY A 231 5.09 -20.10 -37.35
C GLY A 231 5.77 -18.74 -37.45
N ASP A 232 6.79 -18.49 -36.62
CA ASP A 232 7.45 -17.17 -36.61
C ASP A 232 6.48 -16.00 -36.38
N ASN A 233 5.54 -16.21 -35.45
CA ASN A 233 4.63 -15.17 -35.02
C ASN A 233 4.69 -15.00 -33.50
N LEU A 234 4.74 -13.73 -33.07
CA LEU A 234 4.70 -13.36 -31.66
C LEU A 234 3.32 -12.78 -31.34
N TYR A 235 2.67 -13.30 -30.30
CA TYR A 235 1.34 -12.81 -29.92
C TYR A 235 1.43 -11.88 -28.73
N LEU A 236 0.94 -10.66 -28.91
CA LEU A 236 0.85 -9.68 -27.85
C LEU A 236 -0.61 -9.39 -27.56
N SER A 237 -0.98 -9.39 -26.28
CA SER A 237 -2.36 -9.11 -25.89
C SER A 237 -2.39 -8.13 -24.75
N ALA A 238 -3.42 -7.29 -24.69
CA ALA A 238 -3.55 -6.33 -23.60
C ALA A 238 -4.97 -5.85 -23.30
N VAL A 239 -5.16 -5.43 -22.05
CA VAL A 239 -6.30 -4.61 -21.64
C VAL A 239 -5.77 -3.54 -20.72
N ASP A 240 -6.21 -2.31 -20.93
CA ASP A 240 -5.87 -1.21 -20.03
C ASP A 240 -7.05 -0.28 -19.92
N VAL A 241 -8.08 -0.81 -19.26
CA VAL A 241 -9.20 -0.02 -18.79
C VAL A 241 -8.72 0.75 -17.55
N CYS A 242 -8.58 2.06 -17.69
CA CYS A 242 -7.97 2.85 -16.65
C CYS A 242 -8.98 3.28 -15.59
N GLY A 243 -10.25 3.16 -15.91
CA GLY A 243 -11.30 3.68 -15.07
C GLY A 243 -12.44 4.20 -15.92
N MET A 244 -13.30 5.01 -15.28
CA MET A 244 -14.46 5.62 -15.92
C MET A 244 -14.32 7.13 -15.94
N PHE A 245 -14.65 7.73 -17.09
CA PHE A 245 -14.83 9.17 -17.20
C PHE A 245 -16.30 9.53 -16.96
N THR A 246 -16.54 10.51 -16.10
CA THR A 246 -17.88 10.98 -15.75
C THR A 246 -18.16 12.30 -16.44
N ASN A 247 -19.17 12.33 -17.32
CA ASN A 247 -19.59 13.53 -18.01
CA ASN A 247 -19.48 13.61 -17.95
C ASN A 247 -20.36 14.48 -17.05
N ARG A 248 -20.55 15.72 -17.47
CA ARG A 248 -21.29 16.75 -16.73
C ARG A 248 -22.59 16.23 -16.15
N SER A 249 -23.33 15.48 -16.94
CA SER A 249 -24.65 15.00 -16.54
C SER A 249 -24.62 13.72 -15.71
N GLY A 250 -23.43 13.17 -15.44
CA GLY A 250 -23.31 11.99 -14.61
C GLY A 250 -23.06 10.68 -15.36
N PHE A 251 -23.28 10.69 -16.67
CA PHE A 251 -23.05 9.49 -17.47
C PHE A 251 -21.58 9.09 -17.47
N GLN A 252 -21.34 7.79 -17.42
CA GLN A 252 -19.99 7.28 -17.26
C GLN A 252 -19.60 6.39 -18.41
N GLN A 253 -18.37 6.57 -18.88
CA GLN A 253 -17.82 5.81 -19.98
C GLN A 253 -16.45 5.23 -19.59
N TRP A 254 -16.20 3.98 -19.94
CA TRP A 254 -14.87 3.42 -19.73
C TRP A 254 -13.86 4.21 -20.57
N ARG A 255 -12.70 4.52 -19.98
CA ARG A 255 -11.58 5.13 -20.73
C ARG A 255 -10.38 4.20 -20.71
N GLY A 256 -9.82 3.92 -21.88
CA GLY A 256 -8.66 3.05 -21.99
C GLY A 256 -7.48 3.74 -22.63
N LEU A 257 -6.30 3.15 -22.47
CA LEU A 257 -5.07 3.70 -23.08
C LEU A 257 -4.25 2.62 -23.79
N SER A 258 -3.41 3.04 -24.73
CA SER A 258 -2.56 2.12 -25.48
C SER A 258 -1.43 1.59 -24.61
N ARG A 259 -0.90 0.42 -24.99
CA ARG A 259 0.22 -0.18 -24.31
C ARG A 259 1.40 -0.44 -25.25
N TYR A 260 2.57 0.00 -24.82
CA TYR A 260 3.85 -0.23 -25.50
C TYR A 260 4.38 -1.59 -25.14
N PHE A 261 4.94 -2.28 -26.13
CA PHE A 261 5.60 -3.54 -25.96
C PHE A 261 6.98 -3.49 -26.62
N LYS A 262 8.02 -3.91 -25.90
CA LYS A 262 9.30 -4.23 -26.56
C LYS A 262 9.74 -5.59 -26.07
N VAL A 263 9.89 -6.51 -27.02
CA VAL A 263 10.23 -7.88 -26.72
C VAL A 263 11.53 -8.26 -27.40
N GLN A 264 12.50 -8.80 -26.65
CA GLN A 264 13.72 -9.33 -27.24
C GLN A 264 13.62 -10.83 -27.41
N LEU A 265 14.02 -11.30 -28.59
CA LEU A 265 13.90 -12.69 -28.93
C LEU A 265 15.23 -13.25 -29.41
N ARG A 266 15.43 -14.54 -29.19
CA ARG A 266 16.64 -15.22 -29.62
C ARG A 266 16.29 -16.52 -30.31
N LYS A 267 17.12 -16.93 -31.25
CA LYS A 267 16.92 -18.18 -31.96
C LYS A 267 17.24 -19.37 -31.08
N ARG A 268 16.35 -20.35 -31.09
CA ARG A 268 16.49 -21.53 -30.28
C ARG A 268 16.22 -22.77 -31.12
N ARG A 269 17.11 -23.75 -31.04
CA ARG A 269 16.94 -25.02 -31.77
C ARG A 269 16.01 -25.94 -31.00
N VAL A 270 15.20 -26.69 -31.77
CA VAL A 270 14.16 -27.57 -31.23
C VAL A 270 14.09 -28.82 -32.11
N LYS A 271 13.72 -29.97 -31.53
CA LYS A 271 13.64 -31.24 -32.28
C LYS A 271 12.26 -31.48 -32.91
N GLU B 8 26.95 -11.78 30.57
CA GLU B 8 27.87 -12.35 29.55
C GLU B 8 27.37 -13.69 28.98
N VAL B 9 27.34 -13.79 27.65
CA VAL B 9 26.70 -14.91 26.97
C VAL B 9 27.74 -15.85 26.37
N LEU B 10 27.67 -17.13 26.71
CA LEU B 10 28.59 -18.10 26.17
C LEU B 10 27.86 -19.01 25.18
N GLU B 11 28.26 -20.28 25.11
CA GLU B 11 27.77 -21.17 24.06
C GLU B 11 26.36 -21.73 24.30
N VAL B 12 25.73 -22.09 23.18
CA VAL B 12 24.46 -22.78 23.15
C VAL B 12 24.67 -24.25 23.53
N LYS B 13 23.77 -24.83 24.33
CA LYS B 13 23.79 -26.29 24.53
C LYS B 13 23.18 -26.95 23.30
N THR B 14 23.71 -28.12 22.94
CA THR B 14 23.16 -28.95 21.87
C THR B 14 22.73 -30.26 22.50
N GLY B 15 22.16 -31.15 21.69
CA GLY B 15 21.62 -32.41 22.19
C GLY B 15 20.12 -32.35 22.28
N VAL B 16 19.51 -33.53 22.46
CA VAL B 16 18.05 -33.70 22.38
C VAL B 16 17.33 -32.89 23.47
N ASP B 17 17.87 -32.90 24.68
CA ASP B 17 17.31 -32.16 25.81
C ASP B 17 17.50 -30.61 25.74
N SER B 18 18.16 -30.10 24.71
CA SER B 18 18.59 -28.71 24.70
C SER B 18 17.54 -27.71 24.17
N ILE B 19 16.43 -28.19 23.60
CA ILE B 19 15.43 -27.30 23.04
C ILE B 19 14.08 -27.55 23.68
N THR B 20 13.26 -26.51 23.69
CA THR B 20 11.89 -26.65 24.16
C THR B 20 11.03 -25.67 23.42
N GLU B 21 9.73 -25.81 23.60
CA GLU B 21 8.79 -25.13 22.77
C GLU B 21 7.63 -24.71 23.66
N VAL B 22 7.19 -23.47 23.49
CA VAL B 22 6.03 -22.94 24.17
C VAL B 22 4.95 -22.64 23.13
N GLU B 23 3.73 -23.08 23.41
CA GLU B 23 2.61 -22.86 22.51
C GLU B 23 1.39 -22.46 23.33
N CYS B 24 0.73 -21.38 22.95
CA CYS B 24 -0.44 -20.89 23.69
C CYS B 24 -1.16 -19.77 22.98
N PHE B 25 -2.29 -19.35 23.53
CA PHE B 25 -3.00 -18.20 23.00
C PHE B 25 -3.24 -17.19 24.10
N LEU B 26 -3.25 -15.92 23.75
CA LEU B 26 -3.62 -14.87 24.69
C LEU B 26 -4.96 -14.29 24.26
N THR B 27 -5.93 -14.30 25.17
CA THR B 27 -7.24 -13.76 24.88
C THR B 27 -7.18 -12.24 24.98
N PRO B 28 -7.99 -11.55 24.18
CA PRO B 28 -8.02 -10.11 24.29
C PRO B 28 -8.77 -9.68 25.55
N GLU B 29 -8.46 -8.46 26.01
CA GLU B 29 -9.09 -7.88 27.20
C GLU B 29 -9.61 -6.49 26.84
N MET B 30 -10.79 -6.50 26.21
CA MET B 30 -11.36 -5.31 25.60
C MET B 30 -12.25 -4.55 26.58
N GLY B 31 -12.64 -5.21 27.66
CA GLY B 31 -13.45 -4.57 28.68
C GLY B 31 -14.57 -5.46 29.19
N ASP B 32 -15.17 -6.24 28.30
CA ASP B 32 -16.13 -7.29 28.67
C ASP B 32 -17.26 -6.72 29.51
N PRO B 33 -18.05 -5.81 28.92
CA PRO B 33 -19.07 -5.03 29.66
C PRO B 33 -20.20 -5.83 30.24
N ASP B 34 -20.50 -6.99 29.68
CA ASP B 34 -21.46 -7.88 30.30
C ASP B 34 -21.15 -9.33 29.97
N GLU B 35 -21.98 -10.22 30.51
CA GLU B 35 -21.75 -11.65 30.40
C GLU B 35 -21.93 -12.19 28.96
N HIS B 36 -22.43 -11.39 28.02
CA HIS B 36 -22.56 -11.81 26.62
C HIS B 36 -21.57 -11.16 25.66
N LEU B 37 -20.65 -10.36 26.20
CA LEU B 37 -19.85 -9.45 25.36
C LEU B 37 -18.33 -9.55 25.57
N ARG B 38 -17.86 -10.73 25.97
CA ARG B 38 -16.44 -11.08 26.00
C ARG B 38 -15.81 -10.81 24.63
N GLY B 39 -14.73 -10.05 24.59
CA GLY B 39 -14.07 -9.65 23.34
C GLY B 39 -14.48 -8.28 22.82
N PHE B 40 -15.49 -7.70 23.45
CA PHE B 40 -15.95 -6.37 23.15
C PHE B 40 -15.69 -5.43 24.33
N SER B 41 -15.58 -4.15 24.05
CA SER B 41 -15.63 -3.14 25.08
C SER B 41 -17.07 -2.68 25.30
N LYS B 42 -17.27 -1.94 26.37
CA LYS B 42 -18.44 -1.13 26.56
C LYS B 42 -18.55 -0.12 25.39
N SER B 43 -19.77 0.29 25.07
CA SER B 43 -19.97 1.32 24.06
CA SER B 43 -20.00 1.33 24.08
C SER B 43 -19.16 2.56 24.45
N ILE B 44 -18.61 3.22 23.46
CA ILE B 44 -17.77 4.37 23.74
C ILE B 44 -18.63 5.61 23.88
N SER B 45 -18.45 6.35 24.95
CA SER B 45 -19.09 7.65 25.06
C SER B 45 -18.00 8.71 25.23
N ILE B 46 -18.35 9.93 24.86
CA ILE B 46 -17.41 11.03 24.76
C ILE B 46 -17.64 12.05 25.90
N SER B 47 -16.58 12.47 26.58
CA SER B 47 -16.73 13.49 27.60
C SER B 47 -17.00 14.87 26.98
N ASP B 48 -17.71 15.72 27.73
CA ASP B 48 -18.04 17.08 27.33
C ASP B 48 -16.80 17.95 27.23
N THR B 49 -15.80 17.65 28.06
CA THR B 49 -14.58 18.45 28.09
C THR B 49 -13.36 17.57 28.32
N PHE B 50 -12.20 18.17 28.14
CA PHE B 50 -10.95 17.50 28.45
C PHE B 50 -10.90 17.23 29.95
N GLU B 51 -11.25 18.24 30.74
CA GLU B 51 -11.22 18.13 32.21
C GLU B 51 -12.05 16.96 32.68
N SER B 52 -13.19 16.71 32.05
CA SER B 52 -14.15 15.73 32.55
C SER B 52 -14.02 14.32 31.96
N ASP B 53 -12.93 14.03 31.26
CA ASP B 53 -12.69 12.70 30.69
C ASP B 53 -12.49 11.70 31.83
N SER B 54 -13.41 10.74 31.91
CA SER B 54 -13.41 9.75 32.99
CA SER B 54 -13.45 9.77 32.99
C SER B 54 -13.98 8.42 32.51
N PRO B 55 -13.23 7.72 31.65
CA PRO B 55 -13.71 6.46 31.09
C PRO B 55 -13.91 5.39 32.14
N ASN B 56 -14.96 4.60 31.98
CA ASN B 56 -15.16 3.44 32.81
C ASN B 56 -14.24 2.31 32.38
N ARG B 57 -13.91 1.46 33.34
CA ARG B 57 -12.98 0.40 33.13
C ARG B 57 -13.39 -0.54 31.98
N ASP B 58 -14.66 -0.90 31.93
CA ASP B 58 -15.11 -1.79 30.88
C ASP B 58 -15.15 -1.13 29.49
N MET B 59 -14.82 0.15 29.41
CA MET B 59 -14.68 0.86 28.15
C MET B 59 -13.23 0.91 27.66
N LEU B 60 -12.29 0.37 28.44
CA LEU B 60 -10.86 0.53 28.14
C LEU B 60 -10.17 -0.80 27.79
N PRO B 61 -9.84 -1.00 26.52
CA PRO B 61 -9.00 -2.18 26.22
C PRO B 61 -7.67 -2.15 26.99
N CYS B 62 -7.21 -3.31 27.40
CA CYS B 62 -5.98 -3.43 28.19
C CYS B 62 -4.98 -4.35 27.48
N TYR B 63 -3.71 -4.19 27.79
CA TYR B 63 -2.69 -5.11 27.28
C TYR B 63 -2.96 -6.51 27.83
N SER B 64 -2.74 -7.54 27.01
CA SER B 64 -2.71 -8.92 27.51
C SER B 64 -1.28 -9.38 27.77
N VAL B 65 -1.13 -10.20 28.81
CA VAL B 65 0.18 -10.75 29.16
C VAL B 65 0.01 -12.14 29.75
N ALA B 66 0.94 -13.02 29.41
CA ALA B 66 1.05 -14.32 30.08
C ALA B 66 2.51 -14.55 30.43
N ARG B 67 2.74 -15.00 31.65
CA ARG B 67 4.03 -15.48 32.12
C ARG B 67 3.96 -16.99 32.08
N ILE B 68 4.82 -17.60 31.26
CA ILE B 68 4.80 -19.04 31.01
C ILE B 68 6.05 -19.64 31.66
N PRO B 69 5.85 -20.50 32.69
CA PRO B 69 7.03 -21.13 33.30
C PRO B 69 7.66 -22.13 32.34
N LEU B 70 8.99 -22.15 32.31
CA LEU B 70 9.77 -23.04 31.45
C LEU B 70 10.42 -24.11 32.30
N PRO B 71 10.90 -25.21 31.69
CA PRO B 71 11.55 -26.26 32.49
C PRO B 71 12.69 -25.70 33.35
N ASN B 72 12.66 -26.02 34.64
CA ASN B 72 13.62 -25.51 35.60
C ASN B 72 15.06 -25.73 35.14
N LEU B 73 15.89 -24.69 35.19
CA LEU B 73 17.32 -24.84 34.93
C LEU B 73 18.21 -24.59 36.20
N ASN B 74 17.61 -24.39 37.37
CA ASN B 74 18.34 -24.28 38.66
C ASN B 74 19.08 -25.55 39.03
N ASN B 81 27.36 -24.30 36.52
CA ASN B 81 27.11 -23.45 35.34
C ASN B 81 25.72 -22.84 35.31
N ILE B 82 25.64 -21.55 34.96
CA ILE B 82 24.32 -20.89 34.82
C ILE B 82 23.83 -21.03 33.38
N LEU B 83 22.73 -21.77 33.23
CA LEU B 83 22.03 -21.89 31.96
C LEU B 83 20.76 -21.05 31.96
N MET B 84 20.40 -20.55 30.78
CA MET B 84 19.12 -19.86 30.60
C MET B 84 18.48 -20.31 29.29
N TRP B 85 17.14 -20.32 29.28
CA TRP B 85 16.40 -20.53 28.06
C TRP B 85 16.45 -19.27 27.20
N GLU B 86 16.85 -19.44 25.95
CA GLU B 86 16.95 -18.37 24.99
C GLU B 86 15.86 -18.53 23.94
N ALA B 87 14.99 -17.53 23.80
CA ALA B 87 13.92 -17.59 22.80
C ALA B 87 14.50 -17.19 21.43
N VAL B 88 14.28 -18.05 20.44
CA VAL B 88 14.96 -17.98 19.13
C VAL B 88 14.01 -17.60 17.99
N THR B 89 12.85 -18.25 17.94
CA THR B 89 11.87 -17.97 16.88
C THR B 89 10.48 -17.88 17.45
N LEU B 90 9.65 -17.12 16.75
CA LEU B 90 8.23 -16.95 17.05
C LEU B 90 7.41 -17.20 15.79
N LYS B 91 6.34 -17.98 15.93
CA LYS B 91 5.25 -17.94 14.98
C LYS B 91 4.04 -17.37 15.71
N THR B 92 3.31 -16.47 15.05
CA THR B 92 2.19 -15.83 15.68
C THR B 92 1.08 -15.56 14.68
N GLU B 93 -0.14 -15.51 15.18
CA GLU B 93 -1.29 -15.38 14.33
C GLU B 93 -2.48 -14.83 15.10
N VAL B 94 -3.26 -13.95 14.47
CA VAL B 94 -4.54 -13.53 15.04
C VAL B 94 -5.60 -14.63 14.77
N ILE B 95 -6.30 -15.05 15.82
CA ILE B 95 -7.24 -16.19 15.74
C ILE B 95 -8.70 -15.72 15.64
N GLY B 96 -9.36 -16.17 14.57
CA GLY B 96 -10.78 -15.91 14.37
C GLY B 96 -11.02 -14.74 13.42
N VAL B 97 -10.09 -14.50 12.48
CA VAL B 97 -10.20 -13.34 11.61
C VAL B 97 -11.51 -13.32 10.84
N THR B 98 -12.02 -14.48 10.47
CA THR B 98 -13.25 -14.58 9.66
C THR B 98 -14.53 -14.26 10.44
N SER B 99 -14.47 -14.24 11.77
CA SER B 99 -15.62 -13.82 12.57
C SER B 99 -16.09 -12.43 12.19
N LEU B 100 -15.19 -11.63 11.61
CA LEU B 100 -15.52 -10.28 11.22
C LEU B 100 -16.41 -10.24 9.96
N MET B 101 -16.71 -11.40 9.42
CA MET B 101 -17.66 -11.49 8.32
C MET B 101 -19.10 -11.54 8.81
N ASN B 102 -19.30 -11.57 10.12
CA ASN B 102 -20.66 -11.52 10.61
C ASN B 102 -21.16 -10.09 10.54
N VAL B 103 -21.83 -9.78 9.44
CA VAL B 103 -22.44 -8.47 9.21
C VAL B 103 -23.97 -8.57 9.21
N HIS B 104 -24.49 -9.57 9.92
CA HIS B 104 -25.93 -9.80 10.01
C HIS B 104 -26.42 -9.80 11.46
N SER B 105 -25.63 -9.23 12.38
CA SER B 105 -25.89 -9.37 13.81
C SER B 105 -25.96 -8.03 14.55
N ASN B 106 -27.15 -7.43 14.56
CA ASN B 106 -27.42 -6.15 15.18
C ASN B 106 -26.44 -5.05 14.83
N GLY B 107 -26.01 -5.02 13.59
CA GLY B 107 -25.11 -3.99 13.11
C GLY B 107 -25.94 -2.87 12.52
N GLN B 108 -25.27 -1.84 12.05
CA GLN B 108 -25.96 -0.72 11.42
C GLN B 108 -25.83 -0.85 9.90
N ALA B 109 -26.96 -0.88 9.22
CA ALA B 109 -26.96 -0.96 7.77
C ALA B 109 -26.17 0.20 7.20
N THR B 110 -25.25 -0.14 6.29
CA THR B 110 -24.46 0.85 5.57
C THR B 110 -25.32 1.75 4.67
N HIS B 111 -26.45 1.22 4.20
CA HIS B 111 -27.40 2.01 3.42
C HIS B 111 -28.73 1.29 3.47
N ASP B 112 -29.80 1.94 3.02
CA ASP B 112 -31.14 1.33 3.10
C ASP B 112 -31.12 -0.05 2.43
N ASN B 113 -31.51 -1.07 3.18
CA ASN B 113 -31.54 -2.48 2.74
C ASN B 113 -30.19 -3.18 2.69
N GLY B 114 -29.12 -2.47 3.11
CA GLY B 114 -27.77 -3.00 3.06
C GLY B 114 -27.36 -3.86 4.24
N ALA B 115 -26.21 -4.51 4.10
CA ALA B 115 -25.65 -5.32 5.15
C ALA B 115 -25.10 -4.43 6.27
N GLY B 116 -24.82 -5.04 7.41
CA GLY B 116 -24.22 -4.35 8.54
C GLY B 116 -22.81 -3.84 8.25
N LYS B 117 -22.53 -2.67 8.80
CA LYS B 117 -21.22 -2.05 8.77
C LYS B 117 -20.28 -3.00 9.47
N PRO B 118 -19.23 -3.46 8.78
CA PRO B 118 -18.30 -4.35 9.48
C PRO B 118 -17.41 -3.62 10.46
N VAL B 119 -16.73 -4.40 11.29
CA VAL B 119 -15.77 -3.87 12.24
C VAL B 119 -14.68 -3.09 11.49
N GLN B 120 -14.38 -1.89 11.96
CA GLN B 120 -13.42 -1.05 11.26
C GLN B 120 -13.05 0.14 12.12
N GLY B 121 -12.17 0.97 11.59
CA GLY B 121 -11.65 2.09 12.32
C GLY B 121 -10.39 1.69 13.08
N THR B 122 -10.03 2.51 14.06
CA THR B 122 -8.75 2.41 14.71
C THR B 122 -8.43 1.00 15.19
N SER B 123 -7.24 0.51 14.82
CA SER B 123 -6.73 -0.78 15.26
C SER B 123 -5.34 -0.65 15.90
N PHE B 124 -5.06 -1.53 16.84
CA PHE B 124 -3.72 -1.68 17.34
C PHE B 124 -3.44 -3.18 17.45
N HIS B 125 -2.42 -3.62 16.71
CA HIS B 125 -1.96 -4.99 16.75
C HIS B 125 -0.53 -4.96 17.20
N PHE B 126 -0.29 -5.70 18.28
CA PHE B 126 0.94 -5.67 19.00
C PHE B 126 1.25 -7.03 19.60
N PHE B 127 2.51 -7.44 19.50
CA PHE B 127 2.98 -8.61 20.22
C PHE B 127 4.45 -8.44 20.65
N SER B 128 4.80 -9.06 21.77
CA SER B 128 6.19 -9.11 22.22
C SER B 128 6.53 -10.42 22.89
N VAL B 129 7.81 -10.79 22.75
CA VAL B 129 8.34 -11.96 23.44
C VAL B 129 9.57 -11.51 24.22
N GLY B 130 9.67 -11.91 25.49
CA GLY B 130 10.76 -11.48 26.34
C GLY B 130 11.09 -12.40 27.49
N GLY B 131 12.30 -12.22 28.03
CA GLY B 131 12.80 -13.02 29.14
C GLY B 131 12.47 -12.39 30.49
N GLU B 132 11.57 -11.40 30.45
CA GLU B 132 11.10 -10.66 31.64
C GLU B 132 9.92 -9.82 31.18
N ALA B 133 9.25 -9.17 32.11
CA ALA B 133 8.03 -8.44 31.78
C ALA B 133 8.31 -7.31 30.82
N LEU B 134 7.35 -7.03 29.96
CA LEU B 134 7.48 -5.91 29.05
C LEU B 134 7.57 -4.65 29.88
N GLU B 135 8.54 -3.81 29.55
CA GLU B 135 8.68 -2.54 30.24
C GLU B 135 7.92 -1.47 29.50
N LEU B 136 7.12 -0.70 30.25
CA LEU B 136 6.17 0.28 29.71
C LEU B 136 6.56 1.72 30.07
N GLN B 137 6.30 2.63 29.13
CA GLN B 137 6.37 4.08 29.34
C GLN B 137 4.97 4.66 29.19
N GLY B 138 4.57 5.52 30.11
CA GLY B 138 3.25 6.12 30.06
C GLY B 138 3.23 7.33 29.14
N VAL B 139 2.24 7.40 28.26
CA VAL B 139 1.97 8.63 27.48
C VAL B 139 0.45 8.80 27.41
N LEU B 140 -0.01 9.99 27.78
CA LEU B 140 -1.43 10.28 27.90
C LEU B 140 -1.88 11.22 26.80
N PHE B 141 -2.99 10.90 26.16
CA PHE B 141 -3.57 11.82 25.20
C PHE B 141 -3.98 13.12 25.91
N ASN B 142 -4.60 12.96 27.08
CA ASN B 142 -5.08 14.07 27.89
C ASN B 142 -4.69 13.80 29.36
N TYR B 143 -3.78 14.62 29.89
CA TYR B 143 -3.22 14.35 31.23
C TYR B 143 -4.29 14.44 32.31
N ARG B 144 -5.35 15.19 32.05
CA ARG B 144 -6.47 15.32 32.99
C ARG B 144 -7.50 14.18 32.92
N THR B 145 -7.25 13.14 32.12
CA THR B 145 -8.13 11.98 32.12
C THR B 145 -8.09 11.32 33.52
N LYS B 146 -9.28 11.01 34.08
CA LYS B 146 -9.38 10.24 35.32
C LYS B 146 -9.55 8.77 34.97
N TYR B 147 -8.51 7.97 35.22
CA TYR B 147 -8.56 6.56 34.90
C TYR B 147 -9.22 5.79 36.06
N PRO B 148 -9.96 4.72 35.74
CA PRO B 148 -10.81 4.14 36.76
C PRO B 148 -10.10 3.15 37.66
N ASP B 149 -10.69 2.94 38.84
CA ASP B 149 -10.28 1.91 39.77
C ASP B 149 -10.21 0.56 39.10
N GLY B 150 -9.20 -0.23 39.45
CA GLY B 150 -9.03 -1.55 38.87
C GLY B 150 -8.12 -1.54 37.65
N THR B 151 -7.74 -0.35 37.17
CA THR B 151 -6.69 -0.25 36.15
C THR B 151 -5.42 0.33 36.76
N ILE B 152 -4.30 0.06 36.11
CA ILE B 152 -3.01 0.59 36.53
C ILE B 152 -2.60 1.60 35.45
N PHE B 153 -2.45 2.86 35.85
CA PHE B 153 -2.30 3.98 34.92
C PHE B 153 -1.21 4.95 35.38
N PRO B 154 -0.71 5.80 34.46
CA PRO B 154 0.29 6.77 34.87
C PRO B 154 -0.21 7.66 36.03
N LYS B 155 0.58 7.77 37.09
CA LYS B 155 0.18 8.48 38.29
C LYS B 155 0.96 9.77 38.40
N ASN B 156 0.42 10.75 39.13
CA ASN B 156 1.02 12.09 39.24
C ASN B 156 1.19 12.76 37.85
N ALA B 157 0.17 12.57 36.99
CA ALA B 157 0.22 13.05 35.64
C ALA B 157 0.37 14.57 35.65
N THR B 158 1.19 15.12 34.74
CA THR B 158 1.29 16.55 34.53
C THR B 158 1.05 16.80 33.06
N VAL B 159 0.98 18.07 32.64
CA VAL B 159 0.79 18.36 31.25
C VAL B 159 1.93 17.78 30.42
N GLN B 160 3.11 17.66 31.02
CA GLN B 160 4.23 17.04 30.31
C GLN B 160 3.97 15.56 30.00
N SER B 161 3.03 14.94 30.70
CA SER B 161 2.66 13.55 30.42
C SER B 161 2.00 13.36 29.05
N GLN B 162 1.58 14.46 28.42
CA GLN B 162 1.01 14.41 27.07
C GLN B 162 2.08 14.24 25.99
N VAL B 163 3.36 14.34 26.36
CA VAL B 163 4.44 14.15 25.39
C VAL B 163 5.55 13.21 25.89
N MET B 164 6.05 13.45 27.10
CA MET B 164 7.00 12.55 27.79
C MET B 164 7.23 12.98 29.24
N ASN B 165 6.85 12.09 30.16
CA ASN B 165 7.13 12.29 31.54
C ASN B 165 7.79 11.02 31.97
N THR B 166 9.09 11.11 32.27
CA THR B 166 9.87 9.89 32.56
C THR B 166 9.50 9.24 33.90
N GLU B 167 8.66 9.87 34.70
CA GLU B 167 8.16 9.21 35.90
C GLU B 167 7.27 8.00 35.58
N HIS B 168 6.57 8.02 34.44
CA HIS B 168 5.61 6.95 34.14
C HIS B 168 6.28 5.71 33.58
N LYS B 169 6.93 4.96 34.47
CA LYS B 169 7.58 3.67 34.15
C LYS B 169 6.81 2.57 34.85
N ALA B 170 6.55 1.46 34.15
CA ALA B 170 5.93 0.30 34.76
C ALA B 170 6.30 -0.98 34.02
N TYR B 171 5.89 -2.10 34.62
CA TYR B 171 6.07 -3.44 34.07
C TYR B 171 4.69 -3.97 33.71
N LEU B 172 4.58 -4.60 32.55
CA LEU B 172 3.35 -5.26 32.17
C LEU B 172 3.31 -6.58 32.95
N ASP B 173 2.82 -6.51 34.17
CA ASP B 173 2.92 -7.63 35.14
C ASP B 173 1.54 -8.15 35.62
N LYS B 174 0.47 -7.73 34.97
CA LYS B 174 -0.87 -8.08 35.40
C LYS B 174 -1.80 -7.99 34.21
N ASN B 175 -2.68 -8.97 34.09
CA ASN B 175 -3.57 -9.05 32.96
C ASN B 175 -4.80 -8.18 33.23
N LYS B 176 -5.52 -7.83 32.16
CA LYS B 176 -6.62 -6.84 32.19
C LYS B 176 -6.46 -5.66 33.18
N ALA B 177 -5.29 -5.04 33.20
CA ALA B 177 -5.03 -3.95 34.14
C ALA B 177 -4.42 -2.70 33.52
N TYR B 178 -3.58 -2.86 32.49
CA TYR B 178 -2.83 -1.73 31.90
C TYR B 178 -3.52 -1.26 30.62
N PRO B 179 -4.21 -0.11 30.67
CA PRO B 179 -4.96 0.30 29.49
C PRO B 179 -4.04 0.58 28.31
N VAL B 180 -4.50 0.17 27.14
CA VAL B 180 -3.72 0.32 25.94
C VAL B 180 -3.40 1.79 25.70
N GLU B 181 -4.38 2.66 25.95
CA GLU B 181 -4.26 4.05 25.54
C GLU B 181 -3.26 4.89 26.38
N CYS B 182 -2.86 4.38 27.55
CA CYS B 182 -1.91 5.07 28.45
C CYS B 182 -0.50 4.60 28.39
N TRP B 183 -0.29 3.42 27.82
CA TRP B 183 1.03 2.79 27.87
C TRP B 183 1.51 2.34 26.51
N VAL B 184 2.83 2.43 26.34
CA VAL B 184 3.54 1.85 25.21
C VAL B 184 4.81 1.16 25.73
N PRO B 185 5.37 0.25 24.91
CA PRO B 185 6.71 -0.24 25.22
C PRO B 185 7.71 0.93 25.37
N ASP B 186 8.52 0.86 26.43
CA ASP B 186 9.51 1.87 26.72
C ASP B 186 10.73 1.58 25.84
N PRO B 187 10.98 2.42 24.83
CA PRO B 187 12.11 2.15 23.97
C PRO B 187 13.46 2.38 24.65
N THR B 188 13.47 3.05 25.80
CA THR B 188 14.72 3.25 26.56
C THR B 188 15.10 1.99 27.32
N ARG B 189 14.22 1.02 27.42
CA ARG B 189 14.52 -0.23 28.12
C ARG B 189 14.24 -1.38 27.18
N ASN B 190 13.70 -2.48 27.71
CA ASN B 190 13.35 -3.66 26.90
C ASN B 190 14.49 -4.29 26.11
N GLU B 191 15.70 -4.27 26.66
CA GLU B 191 16.82 -4.92 25.97
C GLU B 191 16.61 -6.45 25.88
N ASN B 192 15.84 -7.03 26.78
CA ASN B 192 15.69 -8.50 26.87
C ASN B 192 14.30 -8.92 26.38
N THR B 193 13.74 -8.10 25.48
CA THR B 193 12.45 -8.34 24.85
C THR B 193 12.51 -7.90 23.38
N ARG B 194 11.77 -8.60 22.53
CA ARG B 194 11.52 -8.15 21.16
C ARG B 194 10.05 -7.78 21.04
N TYR B 195 9.78 -6.53 20.66
CA TYR B 195 8.37 -6.11 20.50
C TYR B 195 8.08 -5.54 19.12
N PHE B 196 6.84 -5.72 18.67
CA PHE B 196 6.38 -5.26 17.37
C PHE B 196 4.94 -4.78 17.46
N GLY B 197 4.66 -3.59 16.91
CA GLY B 197 3.31 -3.06 16.96
C GLY B 197 2.99 -2.11 15.83
N THR B 198 1.71 -2.10 15.45
CA THR B 198 1.20 -1.16 14.49
C THR B 198 -0.12 -0.56 14.97
N LEU B 199 -0.14 0.76 15.03
CA LEU B 199 -1.36 1.49 15.22
C LEU B 199 -1.79 1.99 13.85
N THR B 200 -3.01 1.63 13.45
CA THR B 200 -3.65 2.19 12.26
C THR B 200 -4.90 2.97 12.68
N GLY B 201 -4.84 4.30 12.54
CA GLY B 201 -5.91 5.22 12.98
C GLY B 201 -6.97 5.50 11.93
N GLY B 202 -7.88 6.41 12.24
CA GLY B 202 -9.02 6.76 11.35
C GLY B 202 -10.26 5.94 11.67
N GLU B 203 -11.46 6.51 11.50
CA GLU B 203 -12.71 5.78 11.83
C GLU B 203 -13.16 4.79 10.78
N ASN B 204 -12.65 4.93 9.56
CA ASN B 204 -13.04 4.02 8.51
C ASN B 204 -11.94 3.11 8.00
N VAL B 205 -10.81 2.99 8.70
CA VAL B 205 -9.78 2.08 8.18
C VAL B 205 -10.23 0.64 8.21
N PRO B 206 -10.01 -0.05 7.09
CA PRO B 206 -10.38 -1.44 6.94
C PRO B 206 -9.38 -2.34 7.66
N PRO B 207 -9.87 -3.32 8.42
CA PRO B 207 -8.94 -4.33 8.89
C PRO B 207 -8.32 -5.09 7.71
N VAL B 208 -7.01 -5.36 7.78
CA VAL B 208 -6.30 -6.21 6.83
C VAL B 208 -5.56 -7.25 7.67
N LEU B 209 -6.03 -8.48 7.64
CA LEU B 209 -5.53 -9.49 8.58
C LEU B 209 -5.10 -10.69 7.79
N HIS B 210 -3.80 -10.99 7.87
CA HIS B 210 -3.21 -12.08 7.14
C HIS B 210 -3.02 -13.22 8.09
N ILE B 211 -3.27 -14.44 7.62
CA ILE B 211 -2.98 -15.65 8.38
C ILE B 211 -2.16 -16.61 7.50
N THR B 212 -1.20 -17.27 8.11
CA THR B 212 -0.50 -18.38 7.50
C THR B 212 0.28 -19.13 8.56
N ASN B 213 0.49 -20.43 8.38
CA ASN B 213 1.40 -21.17 9.25
C ASN B 213 2.80 -21.34 8.61
N THR B 214 3.15 -20.47 7.67
CA THR B 214 4.45 -20.57 7.00
C THR B 214 5.40 -19.40 7.33
N ALA B 215 5.01 -18.50 8.22
CA ALA B 215 5.83 -17.34 8.57
C ALA B 215 6.44 -17.51 9.96
N THR B 216 7.74 -17.27 10.08
CA THR B 216 8.47 -17.35 11.36
C THR B 216 9.19 -16.01 11.58
N THR B 217 9.19 -15.48 12.79
CA THR B 217 10.02 -14.33 13.11
C THR B 217 11.23 -14.79 13.91
N VAL B 218 12.43 -14.41 13.47
CA VAL B 218 13.66 -14.71 14.24
C VAL B 218 13.81 -13.64 15.33
N LEU B 219 14.07 -14.06 16.57
CA LEU B 219 14.10 -13.17 17.75
C LEU B 219 15.53 -12.81 18.16
N LEU B 220 16.51 -13.36 17.45
CA LEU B 220 17.90 -13.03 17.73
C LEU B 220 18.20 -11.55 17.45
N ASP B 221 19.05 -10.94 18.27
CA ASP B 221 19.51 -9.58 18.00
C ASP B 221 20.71 -9.61 17.05
N GLU B 222 21.34 -8.46 16.84
CA GLU B 222 22.46 -8.36 15.87
C GLU B 222 23.71 -9.16 16.27
N PHE B 223 23.77 -9.63 17.52
CA PHE B 223 24.86 -10.45 18.00
C PHE B 223 24.47 -11.93 18.03
N GLY B 224 23.29 -12.26 17.51
CA GLY B 224 22.82 -13.65 17.52
C GLY B 224 22.25 -14.14 18.84
N VAL B 225 21.77 -13.23 19.69
CA VAL B 225 21.26 -13.58 21.00
C VAL B 225 19.79 -13.20 21.12
N GLY B 226 18.97 -14.16 21.52
CA GLY B 226 17.55 -13.91 21.74
C GLY B 226 17.28 -13.53 23.19
N PRO B 227 16.02 -13.20 23.50
CA PRO B 227 15.60 -12.97 24.87
C PRO B 227 16.03 -14.12 25.76
N LEU B 228 16.63 -13.78 26.90
CA LEU B 228 17.11 -14.77 27.88
C LEU B 228 16.17 -14.77 29.09
N CYS B 229 15.58 -15.91 29.36
CA CYS B 229 14.48 -16.02 30.32
C CYS B 229 14.92 -16.10 31.76
N LYS B 230 14.84 -14.97 32.46
CA LYS B 230 15.22 -14.92 33.87
C LYS B 230 14.26 -15.72 34.74
N GLY B 231 14.83 -16.50 35.65
CA GLY B 231 14.02 -17.33 36.52
C GLY B 231 13.18 -18.35 35.77
N ASP B 232 13.55 -18.67 34.53
CA ASP B 232 12.85 -19.67 33.72
C ASP B 232 11.38 -19.31 33.46
N ASN B 233 11.14 -18.04 33.16
CA ASN B 233 9.83 -17.60 32.70
C ASN B 233 9.95 -16.87 31.37
N LEU B 234 9.06 -17.23 30.46
CA LEU B 234 8.86 -16.53 29.21
C LEU B 234 7.66 -15.56 29.33
N TYR B 235 7.83 -14.36 28.80
CA TYR B 235 6.80 -13.34 28.89
C TYR B 235 6.27 -13.05 27.50
N LEU B 236 4.99 -13.34 27.31
CA LEU B 236 4.32 -13.05 26.05
C LEU B 236 3.31 -11.95 26.31
N SER B 237 3.27 -10.95 25.43
CA SER B 237 2.31 -9.85 25.52
C SER B 237 1.64 -9.56 24.19
N ALA B 238 0.41 -9.08 24.22
CA ALA B 238 -0.31 -8.73 22.99
C ALA B 238 -1.41 -7.67 23.16
N VAL B 239 -1.72 -7.02 22.05
CA VAL B 239 -2.94 -6.27 21.91
C VAL B 239 -3.39 -6.53 20.48
N ASP B 240 -4.66 -6.89 20.29
CA ASP B 240 -5.25 -6.96 18.94
C ASP B 240 -6.64 -6.33 18.94
N VAL B 241 -6.66 -5.01 19.05
CA VAL B 241 -7.87 -4.24 18.84
C VAL B 241 -8.04 -4.15 17.33
N CYS B 242 -9.04 -4.83 16.81
CA CYS B 242 -9.21 -4.96 15.37
C CYS B 242 -9.90 -3.76 14.74
N GLY B 243 -10.58 -2.98 15.58
CA GLY B 243 -11.45 -1.91 15.15
C GLY B 243 -12.64 -1.76 16.08
N MET B 244 -13.65 -1.06 15.59
CA MET B 244 -14.92 -0.90 16.30
C MET B 244 -16.08 -1.56 15.61
N PHE B 245 -16.96 -2.18 16.39
CA PHE B 245 -18.26 -2.64 15.92
C PHE B 245 -19.27 -1.54 16.17
N THR B 246 -20.07 -1.22 15.16
CA THR B 246 -21.18 -0.25 15.29
C THR B 246 -22.49 -0.99 15.32
N ASN B 247 -23.26 -0.81 16.39
CA ASN B 247 -24.54 -1.51 16.47
C ASN B 247 -25.64 -0.73 15.74
N ARG B 248 -26.85 -1.29 15.74
CA ARG B 248 -27.97 -0.74 14.99
C ARG B 248 -28.26 0.73 15.36
N SER B 249 -28.11 1.08 16.63
CA SER B 249 -28.35 2.43 17.06
C SER B 249 -27.14 3.34 16.92
N GLY B 250 -26.04 2.81 16.39
CA GLY B 250 -24.84 3.62 16.15
C GLY B 250 -23.78 3.66 17.24
N PHE B 251 -24.02 2.98 18.35
CA PHE B 251 -23.04 2.92 19.45
C PHE B 251 -21.90 2.07 18.97
N GLN B 252 -20.70 2.42 19.38
CA GLN B 252 -19.50 1.75 18.89
C GLN B 252 -18.74 1.09 20.01
N GLN B 253 -18.28 -0.13 19.77
CA GLN B 253 -17.50 -0.86 20.76
C GLN B 253 -16.24 -1.37 20.13
N TRP B 254 -15.14 -1.32 20.87
CA TRP B 254 -13.93 -1.96 20.43
C TRP B 254 -14.17 -3.46 20.32
N ARG B 255 -13.58 -4.11 19.31
CA ARG B 255 -13.62 -5.57 19.17
C ARG B 255 -12.19 -6.09 19.06
N GLY B 256 -11.86 -7.10 19.87
CA GLY B 256 -10.56 -7.73 19.89
C GLY B 256 -10.63 -9.20 19.57
N LEU B 257 -9.47 -9.76 19.23
CA LEU B 257 -9.33 -11.18 18.90
C LEU B 257 -8.11 -11.76 19.62
N SER B 258 -8.11 -13.08 19.79
CA SER B 258 -7.03 -13.77 20.51
C SER B 258 -5.81 -13.87 19.61
N ARG B 259 -4.62 -13.96 20.21
CA ARG B 259 -3.37 -14.15 19.48
C ARG B 259 -2.69 -15.47 19.86
N TYR B 260 -2.32 -16.23 18.82
CA TYR B 260 -1.55 -17.46 18.98
C TYR B 260 -0.08 -17.14 19.08
N PHE B 261 0.66 -17.89 19.89
CA PHE B 261 2.11 -17.81 19.99
C PHE B 261 2.71 -19.21 19.98
N LYS B 262 3.72 -19.43 19.14
CA LYS B 262 4.59 -20.61 19.26
C LYS B 262 6.03 -20.13 19.27
N VAL B 263 6.72 -20.37 20.36
CA VAL B 263 8.09 -19.91 20.53
C VAL B 263 9.03 -21.10 20.74
N GLN B 264 10.16 -21.09 20.06
CA GLN B 264 11.16 -22.12 20.26
C GLN B 264 12.30 -21.54 21.01
N LEU B 265 12.76 -22.31 21.98
CA LEU B 265 13.80 -21.86 22.86
C LEU B 265 14.91 -22.89 22.90
N ARG B 266 16.12 -22.41 23.20
CA ARG B 266 17.25 -23.30 23.38
C ARG B 266 17.99 -22.91 24.64
N LYS B 267 18.80 -23.83 25.16
CA LYS B 267 19.54 -23.57 26.36
C LYS B 267 20.81 -22.86 26.01
N ARG B 268 21.13 -21.82 26.75
CA ARG B 268 22.31 -21.00 26.54
C ARG B 268 23.06 -20.83 27.87
N ARG B 269 24.38 -21.03 27.84
CA ARG B 269 25.19 -20.79 29.04
C ARG B 269 25.56 -19.32 29.14
N VAL B 270 25.50 -18.79 30.36
CA VAL B 270 25.94 -17.42 30.66
C VAL B 270 26.82 -17.43 31.92
N LYS B 271 27.63 -16.40 32.11
CA LYS B 271 28.57 -16.33 33.27
C LYS B 271 28.04 -15.43 34.38
N VAL C 7 6.12 -40.56 11.88
CA VAL C 7 6.66 -40.46 10.49
C VAL C 7 8.11 -40.00 10.52
N GLU C 8 9.04 -40.89 10.19
CA GLU C 8 10.39 -40.47 9.89
C GLU C 8 10.56 -40.32 8.38
N VAL C 9 10.81 -39.10 7.93
CA VAL C 9 10.89 -38.80 6.52
C VAL C 9 12.29 -39.16 6.05
N LEU C 10 12.39 -39.89 4.94
CA LEU C 10 13.69 -40.32 4.42
C LEU C 10 13.85 -39.77 3.00
N GLU C 11 14.52 -40.49 2.11
CA GLU C 11 14.88 -39.93 0.81
C GLU C 11 13.72 -39.78 -0.16
N VAL C 12 13.89 -38.84 -1.08
CA VAL C 12 13.00 -38.63 -2.22
C VAL C 12 13.30 -39.66 -3.28
N LYS C 13 12.27 -40.28 -3.85
CA LYS C 13 12.48 -41.18 -4.98
C LYS C 13 12.66 -40.34 -6.23
N THR C 14 13.58 -40.74 -7.12
CA THR C 14 13.75 -40.10 -8.43
C THR C 14 13.38 -41.10 -9.53
N GLY C 15 13.49 -40.67 -10.79
CA GLY C 15 13.13 -41.52 -11.92
C GLY C 15 11.88 -40.98 -12.60
N VAL C 16 11.62 -41.46 -13.81
CA VAL C 16 10.50 -40.97 -14.62
C VAL C 16 9.18 -41.07 -13.87
N ASP C 17 8.96 -42.19 -13.19
CA ASP C 17 7.70 -42.48 -12.51
C ASP C 17 7.51 -41.83 -11.11
N SER C 18 8.33 -40.85 -10.73
CA SER C 18 8.42 -40.41 -9.35
C SER C 18 7.79 -39.06 -9.06
N ILE C 19 7.32 -38.37 -10.10
CA ILE C 19 6.62 -37.10 -9.90
C ILE C 19 5.24 -37.20 -10.49
N THR C 20 4.32 -36.38 -9.98
CA THR C 20 3.00 -36.28 -10.57
C THR C 20 2.46 -34.87 -10.34
N GLU C 21 1.37 -34.58 -11.00
CA GLU C 21 0.83 -33.23 -11.03
C GLU C 21 -0.69 -33.32 -10.81
N VAL C 22 -1.24 -32.40 -10.01
CA VAL C 22 -2.67 -32.28 -9.81
C VAL C 22 -3.09 -30.88 -10.26
N GLU C 23 -4.12 -30.83 -11.10
CA GLU C 23 -4.61 -29.57 -11.61
C GLU C 23 -6.11 -29.57 -11.46
N CYS C 24 -6.66 -28.53 -10.86
CA CYS C 24 -8.10 -28.41 -10.79
C CYS C 24 -8.58 -27.03 -10.35
N PHE C 25 -9.89 -26.88 -10.33
CA PHE C 25 -10.54 -25.68 -9.82
C PHE C 25 -11.53 -26.07 -8.72
N LEU C 26 -11.58 -25.27 -7.65
CA LEU C 26 -12.60 -25.36 -6.62
C LEU C 26 -13.63 -24.26 -6.83
N THR C 27 -14.89 -24.64 -6.88
CA THR C 27 -15.94 -23.66 -7.11
C THR C 27 -16.25 -23.08 -5.77
N PRO C 28 -16.67 -21.80 -5.75
CA PRO C 28 -17.01 -21.17 -4.50
C PRO C 28 -18.37 -21.65 -4.00
N GLU C 29 -18.56 -21.53 -2.69
CA GLU C 29 -19.80 -21.97 -2.04
C GLU C 29 -20.37 -20.82 -1.20
N MET C 30 -21.04 -19.91 -1.90
CA MET C 30 -21.47 -18.66 -1.32
C MET C 30 -22.88 -18.75 -0.76
N GLY C 31 -23.61 -19.83 -1.09
CA GLY C 31 -24.96 -20.03 -0.58
C GLY C 31 -26.00 -20.43 -1.62
N ASP C 32 -25.85 -19.90 -2.84
CA ASP C 32 -26.65 -20.30 -4.00
C ASP C 32 -28.15 -20.29 -3.70
N PRO C 33 -28.72 -19.10 -3.46
CA PRO C 33 -30.09 -18.97 -2.96
C PRO C 33 -31.18 -19.41 -3.95
N ASP C 34 -30.89 -19.40 -5.24
CA ASP C 34 -31.80 -20.00 -6.21
C ASP C 34 -31.04 -20.56 -7.39
N GLU C 35 -31.78 -21.11 -8.35
CA GLU C 35 -31.17 -21.78 -9.49
C GLU C 35 -30.47 -20.85 -10.50
N HIS C 36 -30.58 -19.53 -10.32
CA HIS C 36 -29.88 -18.57 -11.20
C HIS C 36 -28.69 -17.88 -10.52
N LEU C 37 -28.43 -18.22 -9.27
CA LEU C 37 -27.55 -17.40 -8.44
C LEU C 37 -26.39 -18.18 -7.87
N ARG C 38 -25.87 -19.12 -8.64
CA ARG C 38 -24.65 -19.83 -8.29
C ARG C 38 -23.52 -18.80 -8.21
N GLY C 39 -22.82 -18.80 -7.07
CA GLY C 39 -21.73 -17.87 -6.84
C GLY C 39 -22.11 -16.65 -6.01
N PHE C 40 -23.40 -16.52 -5.71
CA PHE C 40 -23.93 -15.46 -4.88
C PHE C 40 -24.49 -16.06 -3.58
N SER C 41 -24.53 -15.24 -2.53
CA SER C 41 -25.29 -15.56 -1.32
C SER C 41 -26.71 -15.02 -1.45
N LYS C 42 -27.58 -15.47 -0.56
CA LYS C 42 -28.84 -14.76 -0.34
C LYS C 42 -28.52 -13.34 0.10
N SER C 43 -29.44 -12.41 -0.16
CA SER C 43 -29.24 -11.04 0.29
CA SER C 43 -29.29 -11.05 0.31
C SER C 43 -29.11 -11.05 1.82
N ILE C 44 -28.26 -10.17 2.32
CA ILE C 44 -27.95 -10.12 3.72
C ILE C 44 -29.03 -9.32 4.46
N SER C 45 -29.56 -9.92 5.51
CA SER C 45 -30.44 -9.22 6.45
C SER C 45 -29.77 -9.18 7.82
N ILE C 46 -30.20 -8.25 8.65
CA ILE C 46 -29.56 -7.97 9.94
C ILE C 46 -30.54 -8.23 11.09
N SER C 47 -30.10 -8.98 12.10
CA SER C 47 -30.94 -9.24 13.26
C SER C 47 -31.01 -7.98 14.12
N ASP C 48 -32.10 -7.85 14.88
CA ASP C 48 -32.33 -6.69 15.76
C ASP C 48 -31.60 -6.82 17.10
N THR C 49 -31.16 -8.03 17.44
CA THR C 49 -30.40 -8.28 18.66
C THR C 49 -29.37 -9.33 18.35
N PHE C 50 -28.35 -9.46 19.20
CA PHE C 50 -27.40 -10.58 19.10
C PHE C 50 -28.14 -11.92 19.34
N GLU C 51 -28.99 -11.99 20.38
CA GLU C 51 -29.74 -13.24 20.71
C GLU C 51 -30.52 -13.76 19.50
N SER C 52 -31.09 -12.86 18.71
CA SER C 52 -31.92 -13.23 17.56
C SER C 52 -31.20 -13.41 16.19
N ASP C 53 -29.86 -13.38 16.20
CA ASP C 53 -29.08 -13.70 14.99
C ASP C 53 -29.26 -15.17 14.59
N SER C 54 -29.97 -15.39 13.49
CA SER C 54 -30.27 -16.74 13.01
CA SER C 54 -30.23 -16.75 13.01
C SER C 54 -30.14 -16.78 11.49
N PRO C 55 -28.90 -16.86 10.98
CA PRO C 55 -28.74 -16.74 9.52
C PRO C 55 -29.23 -17.96 8.74
N ASN C 56 -29.96 -17.72 7.66
CA ASN C 56 -30.31 -18.78 6.74
C ASN C 56 -29.04 -19.36 6.11
N ARG C 57 -29.09 -20.66 5.83
CA ARG C 57 -27.97 -21.36 5.21
C ARG C 57 -27.48 -20.70 3.91
N ASP C 58 -28.41 -20.31 3.05
CA ASP C 58 -28.00 -19.78 1.76
C ASP C 58 -27.50 -18.33 1.84
N MET C 59 -27.43 -17.79 3.05
CA MET C 59 -26.85 -16.46 3.33
C MET C 59 -25.42 -16.57 3.88
N LEU C 60 -24.95 -17.81 4.06
CA LEU C 60 -23.66 -18.06 4.69
C LEU C 60 -22.64 -18.67 3.74
N PRO C 61 -21.61 -17.89 3.34
CA PRO C 61 -20.52 -18.53 2.59
C PRO C 61 -19.85 -19.64 3.38
N CYS C 62 -19.37 -20.67 2.68
CA CYS C 62 -18.76 -21.79 3.34
C CYS C 62 -17.38 -22.03 2.74
N TYR C 63 -16.51 -22.71 3.48
CA TYR C 63 -15.25 -23.23 2.94
C TYR C 63 -15.49 -24.22 1.80
N SER C 64 -14.64 -24.16 0.78
CA SER C 64 -14.58 -25.17 -0.28
C SER C 64 -13.47 -26.15 0.01
N VAL C 65 -13.71 -27.42 -0.28
CA VAL C 65 -12.71 -28.44 -0.09
C VAL C 65 -12.82 -29.47 -1.20
N ALA C 66 -11.68 -29.96 -1.66
CA ALA C 66 -11.62 -31.10 -2.59
C ALA C 66 -10.58 -32.08 -2.10
N ARG C 67 -10.99 -33.34 -2.02
CA ARG C 67 -10.08 -34.44 -1.75
C ARG C 67 -9.73 -35.09 -3.09
N ILE C 68 -8.49 -34.98 -3.50
CA ILE C 68 -8.04 -35.44 -4.81
C ILE C 68 -7.28 -36.75 -4.66
N PRO C 69 -7.82 -37.86 -5.21
CA PRO C 69 -7.09 -39.14 -5.17
C PRO C 69 -5.83 -39.07 -6.00
N LEU C 70 -4.74 -39.63 -5.48
CA LEU C 70 -3.46 -39.65 -6.18
C LEU C 70 -3.16 -41.09 -6.62
N PRO C 71 -2.17 -41.27 -7.51
CA PRO C 71 -1.83 -42.64 -7.86
C PRO C 71 -1.46 -43.46 -6.63
N ASN C 72 -2.01 -44.66 -6.59
CA ASN C 72 -1.85 -45.60 -5.49
C ASN C 72 -0.39 -45.95 -5.24
N LEU C 73 0.00 -46.02 -3.99
CA LEU C 73 1.39 -46.31 -3.60
C LEU C 73 1.53 -47.50 -2.64
N ASN C 74 0.41 -48.02 -2.12
CA ASN C 74 0.42 -49.19 -1.21
C ASN C 74 0.78 -50.49 -1.90
N ASN C 81 8.26 -51.23 2.65
CA ASN C 81 8.50 -49.83 2.30
C ASN C 81 7.20 -49.01 2.24
N ILE C 82 7.24 -47.80 2.79
CA ILE C 82 6.09 -46.89 2.68
C ILE C 82 6.48 -45.65 1.90
N LEU C 83 5.81 -45.44 0.78
CA LEU C 83 5.95 -44.24 -0.02
C LEU C 83 4.71 -43.36 0.13
N MET C 84 4.95 -42.05 0.20
CA MET C 84 3.91 -41.06 0.27
C MET C 84 4.22 -39.99 -0.74
N TRP C 85 3.16 -39.44 -1.32
CA TRP C 85 3.28 -38.31 -2.22
C TRP C 85 3.55 -37.07 -1.38
N GLU C 86 4.51 -36.27 -1.81
CA GLU C 86 4.89 -35.05 -1.11
C GLU C 86 4.57 -33.85 -1.99
N ALA C 87 3.74 -32.93 -1.51
CA ALA C 87 3.41 -31.73 -2.27
C ALA C 87 4.55 -30.73 -2.16
N VAL C 88 5.02 -30.25 -3.31
CA VAL C 88 6.24 -29.45 -3.36
C VAL C 88 5.98 -28.00 -3.81
N THR C 89 5.20 -27.82 -4.87
CA THR C 89 4.90 -26.48 -5.37
C THR C 89 3.41 -26.31 -5.67
N LEU C 90 3.00 -25.05 -5.66
CA LEU C 90 1.65 -24.62 -5.93
C LEU C 90 1.65 -23.42 -6.88
N LYS C 91 0.89 -23.52 -7.96
CA LYS C 91 0.37 -22.35 -8.66
C LYS C 91 -1.12 -22.26 -8.35
N THR C 92 -1.59 -21.05 -8.10
CA THR C 92 -2.98 -20.85 -7.79
C THR C 92 -3.42 -19.49 -8.30
N GLU C 93 -4.70 -19.37 -8.56
CA GLU C 93 -5.23 -18.18 -9.20
C GLU C 93 -6.73 -18.16 -9.04
N VAL C 94 -7.26 -16.96 -8.84
CA VAL C 94 -8.69 -16.74 -8.80
C VAL C 94 -9.18 -16.64 -10.24
N ILE C 95 -10.22 -17.39 -10.57
CA ILE C 95 -10.68 -17.47 -11.96
C ILE C 95 -11.90 -16.59 -12.17
N GLY C 96 -11.83 -15.72 -13.18
CA GLY C 96 -12.98 -14.92 -13.59
C GLY C 96 -12.98 -13.52 -13.01
N VAL C 97 -11.78 -12.97 -12.75
CA VAL C 97 -11.67 -11.69 -12.05
C VAL C 97 -12.38 -10.58 -12.82
N THR C 98 -12.32 -10.64 -14.13
CA THR C 98 -12.94 -9.64 -14.99
C THR C 98 -14.47 -9.62 -14.97
N SER C 99 -15.11 -10.70 -14.50
CA SER C 99 -16.57 -10.69 -14.38
C SER C 99 -17.04 -9.52 -13.53
N LEU C 100 -16.21 -9.09 -12.58
CA LEU C 100 -16.56 -7.97 -11.72
C LEU C 100 -16.63 -6.63 -12.46
N MET C 101 -16.35 -6.61 -13.76
CA MET C 101 -16.57 -5.41 -14.57
C MET C 101 -17.99 -5.29 -15.08
N ASN C 102 -18.83 -6.27 -14.82
CA ASN C 102 -20.23 -6.13 -15.14
C ASN C 102 -20.90 -5.16 -14.16
N VAL C 103 -20.88 -3.87 -14.52
CA VAL C 103 -21.56 -2.83 -13.76
C VAL C 103 -22.89 -2.39 -14.40
N HIS C 104 -23.45 -3.24 -15.26
CA HIS C 104 -24.65 -2.89 -16.00
C HIS C 104 -25.82 -3.83 -15.71
N SER C 105 -25.69 -4.71 -14.71
CA SER C 105 -26.66 -5.78 -14.47
C SER C 105 -27.44 -5.57 -13.18
N ASN C 106 -28.41 -4.66 -13.27
CA ASN C 106 -29.34 -4.35 -12.17
C ASN C 106 -28.65 -3.99 -10.85
N GLY C 107 -27.57 -3.23 -10.96
CA GLY C 107 -26.86 -2.74 -9.81
C GLY C 107 -27.45 -1.42 -9.34
N GLN C 108 -26.85 -0.85 -8.32
CA GLN C 108 -27.30 0.43 -7.79
C GLN C 108 -26.39 1.53 -8.31
N ALA C 109 -26.99 2.46 -9.06
CA ALA C 109 -26.23 3.53 -9.67
C ALA C 109 -25.54 4.34 -8.58
N THR C 110 -24.25 4.55 -8.76
CA THR C 110 -23.41 5.25 -7.79
C THR C 110 -23.87 6.69 -7.63
N HIS C 111 -24.48 7.23 -8.69
CA HIS C 111 -25.02 8.59 -8.67
C HIS C 111 -25.96 8.68 -9.86
N ASP C 112 -26.69 9.78 -9.94
CA ASP C 112 -27.68 9.94 -11.01
CA ASP C 112 -27.67 9.98 -11.01
C ASP C 112 -27.03 9.78 -12.39
N ASN C 113 -27.59 8.88 -13.19
CA ASN C 113 -27.07 8.50 -14.52
C ASN C 113 -25.77 7.69 -14.52
N GLY C 114 -25.26 7.32 -13.34
CA GLY C 114 -23.96 6.67 -13.21
C GLY C 114 -24.06 5.18 -13.48
N ALA C 115 -22.91 4.55 -13.61
CA ALA C 115 -22.80 3.10 -13.70
C ALA C 115 -23.16 2.45 -12.35
N GLY C 116 -23.38 1.15 -12.40
CA GLY C 116 -23.64 0.31 -11.24
C GLY C 116 -22.45 0.24 -10.30
N LYS C 117 -22.74 0.26 -9.01
CA LYS C 117 -21.73 0.09 -7.98
C LYS C 117 -21.10 -1.30 -8.16
N PRO C 118 -19.77 -1.35 -8.34
CA PRO C 118 -19.13 -2.65 -8.53
C PRO C 118 -19.07 -3.44 -7.23
N VAL C 119 -18.83 -4.73 -7.35
CA VAL C 119 -18.60 -5.60 -6.17
C VAL C 119 -17.46 -5.01 -5.32
N GLN C 120 -17.70 -4.95 -4.02
CA GLN C 120 -16.76 -4.36 -3.11
C GLN C 120 -17.13 -4.68 -1.68
N GLY C 121 -16.26 -4.25 -0.77
CA GLY C 121 -16.45 -4.54 0.64
C GLY C 121 -15.71 -5.79 1.09
N THR C 122 -16.00 -6.20 2.30
CA THR C 122 -15.31 -7.30 2.98
C THR C 122 -14.99 -8.48 2.09
N SER C 123 -13.71 -8.87 2.06
CA SER C 123 -13.26 -9.98 1.26
C SER C 123 -12.46 -10.94 2.12
N PHE C 124 -12.54 -12.22 1.78
CA PHE C 124 -11.65 -13.19 2.38
C PHE C 124 -11.16 -14.08 1.26
N HIS C 125 -9.84 -14.14 1.14
CA HIS C 125 -9.18 -14.95 0.12
C HIS C 125 -8.24 -15.89 0.82
N PHE C 126 -8.43 -17.18 0.58
CA PHE C 126 -7.80 -18.23 1.36
C PHE C 126 -7.58 -19.45 0.53
N PHE C 127 -6.43 -20.07 0.71
CA PHE C 127 -6.18 -21.35 0.08
C PHE C 127 -5.22 -22.17 0.94
N SER C 128 -5.40 -23.48 0.86
CA SER C 128 -4.52 -24.39 1.56
C SER C 128 -4.33 -25.69 0.78
N VAL C 129 -3.12 -26.24 0.93
CA VAL C 129 -2.73 -27.52 0.37
C VAL C 129 -2.21 -28.37 1.53
N GLY C 130 -2.77 -29.57 1.69
CA GLY C 130 -2.38 -30.46 2.78
C GLY C 130 -2.48 -31.92 2.42
N GLY C 131 -1.80 -32.75 3.21
CA GLY C 131 -1.82 -34.19 3.01
C GLY C 131 -2.90 -34.86 3.84
N GLU C 132 -3.81 -34.05 4.37
CA GLU C 132 -4.92 -34.48 5.20
C GLU C 132 -5.85 -33.26 5.37
N ALA C 133 -7.05 -33.47 5.88
CA ALA C 133 -8.02 -32.40 5.89
C ALA C 133 -7.53 -31.20 6.72
N LEU C 134 -7.85 -30.00 6.25
CA LEU C 134 -7.54 -28.78 6.98
C LEU C 134 -8.17 -28.88 8.35
N GLU C 135 -7.41 -28.54 9.39
CA GLU C 135 -7.92 -28.56 10.75
C GLU C 135 -8.38 -27.17 11.15
N LEU C 136 -9.55 -27.12 11.77
CA LEU C 136 -10.25 -25.85 12.03
C LEU C 136 -10.42 -25.63 13.53
N GLN C 137 -10.39 -24.35 13.90
CA GLN C 137 -10.72 -23.90 15.24
C GLN C 137 -11.88 -22.95 15.09
N GLY C 138 -12.88 -23.10 15.95
CA GLY C 138 -14.06 -22.23 15.90
C GLY C 138 -13.89 -20.94 16.69
N VAL C 139 -14.28 -19.81 16.08
CA VAL C 139 -14.38 -18.54 16.77
C VAL C 139 -15.63 -17.81 16.26
N LEU C 140 -16.41 -17.27 17.19
CA LEU C 140 -17.69 -16.69 16.88
C LEU C 140 -17.68 -15.20 17.14
N PHE C 141 -18.22 -14.43 16.20
CA PHE C 141 -18.44 -13.02 16.43
C PHE C 141 -19.39 -12.80 17.60
N ASN C 142 -20.41 -13.65 17.64
CA ASN C 142 -21.50 -13.55 18.59
C ASN C 142 -21.91 -14.99 18.93
N TYR C 143 -21.68 -15.37 20.18
CA TYR C 143 -21.83 -16.76 20.57
C TYR C 143 -23.27 -17.25 20.54
N ARG C 144 -24.21 -16.32 20.55
CA ARG C 144 -25.63 -16.67 20.55
C ARG C 144 -26.21 -16.79 19.12
N THR C 145 -25.38 -16.55 18.11
CA THR C 145 -25.80 -16.81 16.74
C THR C 145 -26.25 -18.26 16.58
N LYS C 146 -27.41 -18.46 15.97
CA LYS C 146 -27.90 -19.80 15.72
C LYS C 146 -27.58 -20.15 14.29
N TYR C 147 -26.69 -21.12 14.09
CA TYR C 147 -26.31 -21.54 12.75
C TYR C 147 -27.32 -22.58 12.25
N PRO C 148 -27.69 -22.50 10.96
CA PRO C 148 -28.80 -23.28 10.45
C PRO C 148 -28.47 -24.73 10.17
N ASP C 149 -29.54 -25.51 10.06
CA ASP C 149 -29.47 -26.89 9.64
C ASP C 149 -28.77 -27.06 8.33
N GLY C 150 -27.92 -28.09 8.25
CA GLY C 150 -27.15 -28.37 7.06
C GLY C 150 -25.76 -27.77 7.12
N THR C 151 -25.48 -26.91 8.10
CA THR C 151 -24.13 -26.42 8.30
C THR C 151 -23.50 -27.09 9.51
N ILE C 152 -22.17 -27.12 9.53
CA ILE C 152 -21.43 -27.68 10.65
C ILE C 152 -20.74 -26.52 11.35
N PHE C 153 -21.06 -26.33 12.63
CA PHE C 153 -20.71 -25.13 13.37
C PHE C 153 -20.25 -25.45 14.79
N PRO C 154 -19.62 -24.46 15.46
CA PRO C 154 -19.21 -24.69 16.84
C PRO C 154 -20.40 -25.04 17.73
N LYS C 155 -20.31 -26.19 18.41
CA LYS C 155 -21.37 -26.65 19.30
C LYS C 155 -21.05 -26.31 20.76
N ASN C 156 -22.08 -26.21 21.61
CA ASN C 156 -21.93 -25.85 23.03
C ASN C 156 -21.20 -24.53 23.19
N ALA C 157 -21.61 -23.55 22.38
CA ALA C 157 -21.00 -22.24 22.41
C ALA C 157 -21.21 -21.58 23.76
N THR C 158 -20.23 -20.84 24.21
CA THR C 158 -20.34 -20.01 25.41
C THR C 158 -19.81 -18.65 25.03
N VAL C 159 -19.89 -17.71 25.94
CA VAL C 159 -19.41 -16.36 25.67
C VAL C 159 -17.91 -16.38 25.40
N GLN C 160 -17.21 -17.33 26.01
CA GLN C 160 -15.77 -17.50 25.75
C GLN C 160 -15.49 -17.88 24.28
N SER C 161 -16.45 -18.52 23.63
CA SER C 161 -16.31 -18.83 22.20
C SER C 161 -16.12 -17.59 21.31
N GLN C 162 -16.43 -16.39 21.82
CA GLN C 162 -16.20 -15.14 21.11
C GLN C 162 -14.74 -14.72 21.04
N VAL C 163 -13.89 -15.37 21.84
CA VAL C 163 -12.47 -15.09 21.81
C VAL C 163 -11.59 -16.34 21.60
N MET C 164 -11.85 -17.39 22.38
CA MET C 164 -11.21 -18.70 22.19
C MET C 164 -11.82 -19.73 23.12
N ASN C 165 -12.42 -20.74 22.52
CA ASN C 165 -12.93 -21.89 23.26
C ASN C 165 -12.34 -23.12 22.57
N THR C 166 -11.43 -23.81 23.27
CA THR C 166 -10.71 -24.95 22.69
C THR C 166 -11.56 -26.17 22.42
N GLU C 167 -12.83 -26.17 22.82
CA GLU C 167 -13.73 -27.25 22.43
C GLU C 167 -14.01 -27.23 20.92
N HIS C 168 -13.98 -26.05 20.28
CA HIS C 168 -14.41 -25.95 18.89
C HIS C 168 -13.32 -26.34 17.88
N LYS C 169 -13.10 -27.64 17.77
CA LYS C 169 -12.15 -28.27 16.85
C LYS C 169 -12.93 -29.07 15.80
N ALA C 170 -12.54 -28.98 14.55
CA ALA C 170 -13.16 -29.75 13.48
C ALA C 170 -12.21 -29.92 12.31
N TYR C 171 -12.60 -30.80 11.39
CA TYR C 171 -11.90 -31.03 10.13
C TYR C 171 -12.76 -30.50 9.00
N LEU C 172 -12.12 -29.82 8.06
CA LEU C 172 -12.80 -29.35 6.85
C LEU C 172 -12.90 -30.56 5.94
N ASP C 173 -13.91 -31.36 6.23
CA ASP C 173 -14.10 -32.69 5.67
C ASP C 173 -15.41 -32.80 4.88
N LYS C 174 -15.99 -31.67 4.53
CA LYS C 174 -17.21 -31.66 3.75
C LYS C 174 -17.41 -30.32 3.07
N ASN C 175 -17.85 -30.35 1.82
CA ASN C 175 -18.08 -29.15 1.03
C ASN C 175 -19.43 -28.54 1.37
N LYS C 176 -19.58 -27.22 1.15
CA LYS C 176 -20.85 -26.50 1.40
C LYS C 176 -21.36 -26.68 2.83
N ALA C 177 -20.47 -26.78 3.80
CA ALA C 177 -20.91 -27.16 5.14
C ALA C 177 -20.37 -26.28 6.26
N TYR C 178 -19.11 -25.89 6.17
CA TYR C 178 -18.41 -25.17 7.23
C TYR C 178 -18.46 -23.69 6.95
N PRO C 179 -19.29 -22.93 7.71
CA PRO C 179 -19.40 -21.51 7.42
C PRO C 179 -18.12 -20.74 7.66
N VAL C 180 -17.76 -19.90 6.71
CA VAL C 180 -16.53 -19.14 6.80
C VAL C 180 -16.44 -18.32 8.09
N GLU C 181 -17.55 -17.70 8.51
CA GLU C 181 -17.50 -16.72 9.61
C GLU C 181 -17.26 -17.32 10.98
N CYS C 182 -17.47 -18.62 11.16
CA CYS C 182 -17.25 -19.24 12.45
C CYS C 182 -16.06 -20.19 12.56
N TRP C 183 -15.32 -20.39 11.47
CA TRP C 183 -14.17 -21.27 11.49
C TRP C 183 -12.93 -20.61 10.85
N VAL C 184 -11.77 -20.83 11.47
CA VAL C 184 -10.47 -20.50 10.88
C VAL C 184 -9.56 -21.74 10.96
N PRO C 185 -8.46 -21.75 10.18
CA PRO C 185 -7.41 -22.74 10.37
C PRO C 185 -6.91 -22.72 11.81
N ASP C 186 -6.72 -23.90 12.39
CA ASP C 186 -6.26 -24.05 13.76
C ASP C 186 -4.74 -23.96 13.74
N PRO C 187 -4.18 -22.86 14.30
CA PRO C 187 -2.75 -22.72 14.26
C PRO C 187 -2.01 -23.67 15.20
N THR C 188 -2.74 -24.31 16.13
CA THR C 188 -2.11 -25.30 17.03
C THR C 188 -1.95 -26.64 16.33
N ARG C 189 -2.56 -26.81 15.17
CA ARG C 189 -2.43 -28.05 14.46
C ARG C 189 -1.93 -27.75 13.03
N ASN C 190 -2.43 -28.48 12.03
CA ASN C 190 -2.04 -28.23 10.63
C ASN C 190 -0.56 -28.35 10.29
N GLU C 191 0.14 -29.21 11.01
CA GLU C 191 1.54 -29.55 10.70
C GLU C 191 1.73 -30.08 9.27
N ASN C 192 0.71 -30.75 8.73
CA ASN C 192 0.81 -31.41 7.44
C ASN C 192 0.01 -30.65 6.36
N THR C 193 -0.17 -29.33 6.58
CA THR C 193 -0.88 -28.44 5.66
C THR C 193 -0.15 -27.10 5.61
N ARG C 194 -0.22 -26.44 4.45
CA ARG C 194 0.22 -25.06 4.31
C ARG C 194 -0.98 -24.23 3.96
N TYR C 195 -1.25 -23.23 4.81
CA TYR C 195 -2.40 -22.36 4.58
C TYR C 195 -2.02 -20.89 4.51
N PHE C 196 -2.81 -20.14 3.73
CA PHE C 196 -2.58 -18.71 3.48
C PHE C 196 -3.93 -18.04 3.32
N GLY C 197 -4.20 -16.98 4.06
CA GLY C 197 -5.45 -16.25 3.89
C GLY C 197 -5.32 -14.80 4.25
N THR C 198 -6.17 -13.98 3.66
CA THR C 198 -6.27 -12.55 3.99
C THR C 198 -7.71 -12.11 4.12
N LEU C 199 -8.05 -11.53 5.27
CA LEU C 199 -9.33 -10.85 5.48
C LEU C 199 -9.11 -9.37 5.28
N THR C 200 -9.86 -8.77 4.36
CA THR C 200 -9.89 -7.32 4.21
C THR C 200 -11.31 -6.84 4.45
N GLY C 201 -11.56 -6.18 5.59
CA GLY C 201 -12.90 -5.78 6.02
C GLY C 201 -13.21 -4.32 5.75
N GLY C 202 -14.48 -3.96 5.72
CA GLY C 202 -14.87 -2.57 5.42
C GLY C 202 -15.79 -2.57 4.22
N GLU C 203 -16.87 -1.80 4.27
CA GLU C 203 -17.92 -1.91 3.24
C GLU C 203 -17.53 -1.34 1.88
N ASN C 204 -16.53 -0.45 1.85
CA ASN C 204 -16.12 0.17 0.59
C ASN C 204 -14.79 -0.34 0.09
N VAL C 205 -14.32 -1.46 0.64
CA VAL C 205 -13.00 -1.96 0.29
C VAL C 205 -12.99 -2.44 -1.16
N PRO C 206 -12.03 -1.93 -1.96
CA PRO C 206 -11.92 -2.27 -3.36
C PRO C 206 -11.20 -3.62 -3.56
N PRO C 207 -11.80 -4.56 -4.31
CA PRO C 207 -11.08 -5.77 -4.65
C PRO C 207 -9.80 -5.47 -5.42
N VAL C 208 -8.71 -6.14 -5.06
CA VAL C 208 -7.45 -6.05 -5.77
C VAL C 208 -7.06 -7.48 -6.07
N LEU C 209 -7.22 -7.89 -7.33
CA LEU C 209 -7.01 -9.30 -7.73
C LEU C 209 -5.98 -9.43 -8.83
N HIS C 210 -4.89 -10.11 -8.52
CA HIS C 210 -3.79 -10.25 -9.43
C HIS C 210 -3.86 -11.62 -10.06
N ILE C 211 -3.63 -11.70 -11.36
CA ILE C 211 -3.52 -12.98 -12.03
C ILE C 211 -2.20 -13.03 -12.80
N THR C 212 -1.56 -14.20 -12.75
CA THR C 212 -0.43 -14.49 -13.59
C THR C 212 -0.13 -15.99 -13.55
N ASN C 213 0.45 -16.51 -14.64
CA ASN C 213 0.91 -17.91 -14.67
C ASN C 213 2.43 -18.02 -14.42
N THR C 214 3.05 -16.98 -13.85
CA THR C 214 4.49 -17.00 -13.62
C THR C 214 4.84 -17.10 -12.13
N ALA C 215 3.86 -17.21 -11.24
CA ALA C 215 4.17 -17.24 -9.79
C ALA C 215 3.97 -18.63 -9.22
N THR C 216 4.94 -19.08 -8.44
CA THR C 216 4.91 -20.38 -7.79
C THR C 216 5.19 -20.24 -6.28
N THR C 217 4.40 -20.91 -5.45
CA THR C 217 4.65 -21.00 -4.02
C THR C 217 5.28 -22.34 -3.70
N VAL C 218 6.39 -22.30 -2.98
CA VAL C 218 7.06 -23.50 -2.51
C VAL C 218 6.37 -23.95 -1.24
N LEU C 219 6.08 -25.25 -1.14
CA LEU C 219 5.30 -25.81 -0.04
C LEU C 219 6.15 -26.50 1.01
N LEU C 220 7.47 -26.53 0.79
CA LEU C 220 8.40 -27.19 1.70
C LEU C 220 8.52 -26.38 2.97
N ASP C 221 8.58 -27.06 4.11
CA ASP C 221 8.79 -26.37 5.39
C ASP C 221 10.29 -26.08 5.61
N GLU C 222 10.66 -25.59 6.80
CA GLU C 222 12.04 -25.24 7.07
C GLU C 222 12.98 -26.43 7.02
N PHE C 223 12.46 -27.65 7.06
CA PHE C 223 13.30 -28.84 6.91
C PHE C 223 13.32 -29.43 5.51
N GLY C 224 12.73 -28.73 4.54
CA GLY C 224 12.67 -29.22 3.16
C GLY C 224 11.56 -30.24 2.89
N VAL C 225 10.59 -30.34 3.80
CA VAL C 225 9.51 -31.34 3.70
C VAL C 225 8.16 -30.65 3.44
N GLY C 226 7.44 -31.15 2.45
CA GLY C 226 6.13 -30.62 2.12
C GLY C 226 5.06 -31.51 2.72
N PRO C 227 3.79 -31.14 2.49
CA PRO C 227 2.70 -31.98 2.98
C PRO C 227 2.80 -33.40 2.44
N LEU C 228 2.67 -34.37 3.33
CA LEU C 228 2.70 -35.77 2.97
C LEU C 228 1.29 -36.31 2.94
N CYS C 229 0.91 -36.88 1.79
CA CYS C 229 -0.47 -37.22 1.50
C CYS C 229 -0.86 -38.58 2.04
N LYS C 230 -1.58 -38.57 3.16
CA LYS C 230 -2.01 -39.79 3.81
C LYS C 230 -3.12 -40.46 3.00
N GLY C 231 -2.99 -41.77 2.79
CA GLY C 231 -3.96 -42.52 2.00
C GLY C 231 -3.93 -42.15 0.54
N ASP C 232 -2.86 -41.50 0.08
CA ASP C 232 -2.76 -41.03 -1.31
C ASP C 232 -3.89 -40.08 -1.67
N ASN C 233 -4.19 -39.15 -0.77
CA ASN C 233 -5.14 -38.08 -1.02
C ASN C 233 -4.48 -36.74 -0.76
N LEU C 234 -4.72 -35.81 -1.69
CA LEU C 234 -4.33 -34.43 -1.56
C LEU C 234 -5.59 -33.62 -1.19
N TYR C 235 -5.50 -32.75 -0.18
CA TYR C 235 -6.59 -31.88 0.21
C TYR C 235 -6.30 -30.44 -0.21
N LEU C 236 -7.23 -29.91 -0.99
CA LEU C 236 -7.22 -28.51 -1.42
C LEU C 236 -8.42 -27.82 -0.80
N SER C 237 -8.20 -26.65 -0.21
CA SER C 237 -9.25 -25.84 0.40
C SER C 237 -9.13 -24.40 -0.04
N ALA C 238 -10.26 -23.71 -0.12
CA ALA C 238 -10.31 -22.34 -0.63
C ALA C 238 -11.50 -21.58 -0.13
N VAL C 239 -11.31 -20.28 0.07
CA VAL C 239 -12.41 -19.33 0.15
C VAL C 239 -12.00 -18.11 -0.68
N ASP C 240 -12.92 -17.64 -1.50
CA ASP C 240 -12.67 -16.44 -2.28
C ASP C 240 -13.95 -15.64 -2.37
N VAL C 241 -14.33 -15.11 -1.21
CA VAL C 241 -15.35 -14.11 -1.12
C VAL C 241 -14.72 -12.80 -1.58
N CYS C 242 -15.18 -12.27 -2.70
CA CYS C 242 -14.55 -11.12 -3.32
C CYS C 242 -15.09 -9.79 -2.84
N GLY C 243 -16.25 -9.83 -2.21
CA GLY C 243 -16.94 -8.64 -1.76
C GLY C 243 -18.41 -8.88 -1.85
N MET C 244 -19.16 -7.79 -1.89
CA MET C 244 -20.60 -7.85 -2.03
C MET C 244 -21.09 -7.16 -3.30
N PHE C 245 -22.06 -7.79 -3.96
CA PHE C 245 -22.85 -7.16 -5.02
C PHE C 245 -24.04 -6.43 -4.43
N THR C 246 -24.20 -5.16 -4.78
CA THR C 246 -25.33 -4.34 -4.38
C THR C 246 -26.32 -4.19 -5.53
N ASN C 247 -27.54 -4.70 -5.34
CA ASN C 247 -28.54 -4.54 -6.39
CA ASN C 247 -28.63 -4.60 -6.30
C ASN C 247 -29.23 -3.19 -6.29
N ARG C 248 -30.03 -2.88 -7.29
CA ARG C 248 -30.71 -1.59 -7.45
C ARG C 248 -31.40 -1.12 -6.17
N SER C 249 -32.05 -2.05 -5.49
CA SER C 249 -32.81 -1.70 -4.28
C SER C 249 -31.95 -1.56 -3.03
N GLY C 250 -30.65 -1.84 -3.14
CA GLY C 250 -29.71 -1.69 -2.02
C GLY C 250 -29.42 -2.98 -1.27
N PHE C 251 -30.14 -4.05 -1.60
CA PHE C 251 -29.90 -5.34 -0.98
C PHE C 251 -28.53 -5.82 -1.45
N GLN C 252 -27.78 -6.44 -0.54
CA GLN C 252 -26.42 -6.88 -0.79
C GLN C 252 -26.24 -8.40 -0.69
N GLN C 253 -25.46 -8.96 -1.60
CA GLN C 253 -25.16 -10.38 -1.65
C GLN C 253 -23.66 -10.57 -1.76
N TRP C 254 -23.16 -11.57 -1.06
CA TRP C 254 -21.77 -11.96 -1.23
C TRP C 254 -21.57 -12.54 -2.62
N ARG C 255 -20.40 -12.26 -3.22
CA ARG C 255 -20.05 -12.82 -4.54
C ARG C 255 -18.70 -13.49 -4.44
N GLY C 256 -18.62 -14.75 -4.84
CA GLY C 256 -17.36 -15.48 -4.88
C GLY C 256 -16.95 -15.91 -6.28
N LEU C 257 -15.71 -16.38 -6.38
CA LEU C 257 -15.15 -16.85 -7.63
C LEU C 257 -14.40 -18.16 -7.39
N SER C 258 -14.28 -18.98 -8.44
CA SER C 258 -13.55 -20.23 -8.37
C SER C 258 -12.04 -20.00 -8.21
N ARG C 259 -11.34 -21.01 -7.72
CA ARG C 259 -9.89 -20.95 -7.59
C ARG C 259 -9.21 -22.13 -8.28
N TYR C 260 -8.20 -21.78 -9.07
CA TYR C 260 -7.35 -22.75 -9.75
C TYR C 260 -6.21 -23.21 -8.85
N PHE C 261 -5.90 -24.51 -8.90
CA PHE C 261 -4.78 -25.11 -8.18
C PHE C 261 -3.96 -26.00 -9.12
N LYS C 262 -2.66 -25.80 -9.19
CA LYS C 262 -1.80 -26.79 -9.80
C LYS C 262 -0.72 -27.12 -8.79
N VAL C 263 -0.66 -28.38 -8.40
CA VAL C 263 0.28 -28.83 -7.41
C VAL C 263 1.19 -29.90 -7.99
N GLN C 264 2.50 -29.73 -7.81
CA GLN C 264 3.49 -30.73 -8.19
CA GLN C 264 3.48 -30.72 -8.19
C GLN C 264 3.84 -31.57 -6.97
N LEU C 265 3.85 -32.90 -7.17
CA LEU C 265 4.20 -33.81 -6.09
C LEU C 265 5.30 -34.77 -6.49
N ARG C 266 6.04 -35.25 -5.48
CA ARG C 266 7.12 -36.20 -5.69
C ARG C 266 6.97 -37.32 -4.68
N LYS C 267 7.55 -38.49 -4.97
CA LYS C 267 7.43 -39.61 -4.03
C LYS C 267 8.54 -39.54 -2.98
N ARG C 268 8.15 -39.75 -1.72
CA ARG C 268 9.04 -39.64 -0.59
C ARG C 268 8.88 -40.87 0.30
N ARG C 269 10.01 -41.51 0.63
CA ARG C 269 10.00 -42.68 1.51
C ARG C 269 9.95 -42.23 2.97
N VAL C 270 9.15 -42.93 3.76
CA VAL C 270 9.00 -42.66 5.19
C VAL C 270 9.07 -43.98 5.97
N LYS C 271 9.47 -43.92 7.24
CA LYS C 271 9.68 -45.15 8.05
C LYS C 271 8.42 -45.58 8.80
N VAL D 7 28.26 4.79 -31.97
CA VAL D 7 29.45 4.81 -31.08
C VAL D 7 29.66 3.45 -30.41
N GLU D 8 30.87 2.87 -30.58
CA GLU D 8 31.33 1.81 -29.70
C GLU D 8 31.70 2.50 -28.40
N VAL D 9 31.23 1.96 -27.28
CA VAL D 9 31.57 2.49 -25.98
C VAL D 9 32.77 1.72 -25.46
N LEU D 10 33.85 2.41 -25.15
CA LEU D 10 35.07 1.76 -24.70
C LEU D 10 35.24 1.97 -23.20
N GLU D 11 36.45 2.27 -22.74
CA GLU D 11 36.74 2.23 -21.32
C GLU D 11 36.41 3.55 -20.61
N VAL D 12 36.15 3.44 -19.31
CA VAL D 12 36.02 4.60 -18.44
C VAL D 12 37.42 5.16 -18.16
N LYS D 13 37.54 6.48 -18.15
CA LYS D 13 38.81 7.11 -17.79
C LYS D 13 38.81 7.27 -16.29
N THR D 14 39.94 6.98 -15.66
CA THR D 14 40.09 7.11 -14.21
C THR D 14 41.07 8.25 -13.94
N GLY D 15 41.34 8.53 -12.67
CA GLY D 15 42.23 9.64 -12.32
C GLY D 15 41.44 10.79 -11.74
N VAL D 16 42.15 11.81 -11.25
CA VAL D 16 41.51 12.88 -10.47
C VAL D 16 40.56 13.70 -11.35
N ASP D 17 41.01 13.98 -12.57
CA ASP D 17 40.27 14.80 -13.53
C ASP D 17 38.99 14.16 -14.12
N SER D 18 38.71 12.90 -13.82
CA SER D 18 37.83 12.08 -14.65
C SER D 18 36.40 11.97 -14.17
N ILE D 19 36.06 12.70 -13.12
CA ILE D 19 34.72 12.67 -12.55
C ILE D 19 34.22 14.10 -12.37
N THR D 20 32.91 14.31 -12.49
CA THR D 20 32.35 15.57 -12.17
C THR D 20 30.94 15.42 -11.64
N GLU D 21 30.42 16.52 -11.11
CA GLU D 21 29.15 16.50 -10.42
C GLU D 21 28.30 17.66 -10.88
N VAL D 22 27.00 17.42 -11.05
CA VAL D 22 26.07 18.47 -11.36
C VAL D 22 24.96 18.50 -10.31
N GLU D 23 24.62 19.71 -9.88
CA GLU D 23 23.64 19.90 -8.83
C GLU D 23 22.81 21.10 -9.22
N CYS D 24 21.49 20.95 -9.21
CA CYS D 24 20.61 22.04 -9.53
C CYS D 24 19.17 21.73 -9.11
N PHE D 25 18.31 22.71 -9.28
CA PHE D 25 16.89 22.54 -9.04
C PHE D 25 16.10 23.04 -10.24
N LEU D 26 15.04 22.33 -10.58
CA LEU D 26 14.08 22.75 -11.60
C LEU D 26 12.83 23.26 -10.91
N THR D 27 12.42 24.47 -11.25
CA THR D 27 11.20 25.03 -10.69
C THR D 27 10.04 24.50 -11.51
N PRO D 28 8.87 24.38 -10.88
CA PRO D 28 7.71 23.88 -11.56
C PRO D 28 7.08 24.97 -12.40
N GLU D 29 6.43 24.55 -13.47
CA GLU D 29 5.73 25.47 -14.37
C GLU D 29 4.26 25.08 -14.42
N MET D 30 3.51 25.59 -13.45
CA MET D 30 2.12 25.18 -13.27
C MET D 30 1.12 26.07 -13.99
N GLY D 31 1.61 27.17 -14.56
CA GLY D 31 0.75 28.13 -15.24
C GLY D 31 0.95 29.57 -14.76
N ASP D 32 1.22 29.77 -13.46
CA ASP D 32 1.55 31.11 -12.92
C ASP D 32 0.62 32.25 -13.32
N PRO D 33 -0.66 32.18 -12.89
CA PRO D 33 -1.73 33.06 -13.39
C PRO D 33 -1.58 34.56 -13.08
N ASP D 34 -0.85 34.92 -12.03
CA ASP D 34 -0.54 36.31 -11.76
C ASP D 34 0.78 36.44 -11.00
N GLU D 35 1.13 37.69 -10.66
CA GLU D 35 2.40 38.02 -10.02
C GLU D 35 2.58 37.43 -8.62
N HIS D 36 1.49 36.96 -7.99
CA HIS D 36 1.55 36.39 -6.63
C HIS D 36 1.43 34.86 -6.56
N LEU D 37 1.28 34.19 -7.70
CA LEU D 37 0.83 32.80 -7.74
C LEU D 37 1.78 31.86 -8.52
N ARG D 38 3.06 32.17 -8.51
CA ARG D 38 4.07 31.25 -8.99
C ARG D 38 3.93 29.89 -8.26
N GLY D 39 3.94 28.81 -9.03
CA GLY D 39 3.81 27.46 -8.50
C GLY D 39 2.38 26.98 -8.45
N PHE D 40 1.45 27.85 -8.85
CA PHE D 40 0.04 27.51 -8.92
C PHE D 40 -0.38 27.66 -10.37
N SER D 41 -1.42 26.95 -10.79
CA SER D 41 -2.09 27.20 -12.06
C SER D 41 -3.22 28.19 -11.84
N LYS D 42 -3.80 28.68 -12.94
CA LYS D 42 -5.08 29.38 -12.87
C LYS D 42 -6.12 28.39 -12.37
N SER D 43 -7.19 28.88 -11.75
CA SER D 43 -8.28 28.02 -11.37
CA SER D 43 -8.31 28.04 -11.38
C SER D 43 -8.81 27.25 -12.59
N ILE D 44 -9.20 26.00 -12.36
CA ILE D 44 -9.61 25.15 -13.44
C ILE D 44 -11.08 25.37 -13.71
N SER D 45 -11.43 25.60 -14.97
CA SER D 45 -12.83 25.66 -15.36
C SER D 45 -13.11 24.54 -16.36
N ILE D 46 -14.38 24.16 -16.46
CA ILE D 46 -14.80 23.00 -17.20
C ILE D 46 -15.55 23.48 -18.44
N SER D 47 -15.23 22.93 -19.61
CA SER D 47 -15.90 23.33 -20.85
C SER D 47 -17.34 22.87 -20.83
N ASP D 48 -18.19 23.59 -21.55
CA ASP D 48 -19.62 23.29 -21.61
C ASP D 48 -19.93 22.03 -22.39
N THR D 49 -19.04 21.65 -23.31
CA THR D 49 -19.22 20.45 -24.13
C THR D 49 -17.85 19.89 -24.37
N PHE D 50 -17.80 18.67 -24.87
CA PHE D 50 -16.53 18.02 -25.13
C PHE D 50 -15.80 18.79 -26.21
N GLU D 51 -16.53 19.11 -27.28
CA GLU D 51 -15.92 19.77 -28.45
C GLU D 51 -15.45 21.19 -28.18
N SER D 52 -15.97 21.87 -27.15
CA SER D 52 -15.56 23.24 -26.84
C SER D 52 -14.45 23.36 -25.76
N ASP D 53 -13.83 22.24 -25.40
CA ASP D 53 -12.69 22.24 -24.48
C ASP D 53 -11.58 23.13 -25.04
N SER D 54 -11.25 24.18 -24.32
CA SER D 54 -10.25 25.14 -24.77
CA SER D 54 -10.28 25.15 -24.76
C SER D 54 -9.52 25.73 -23.57
N PRO D 55 -8.64 24.92 -22.96
CA PRO D 55 -7.96 25.42 -21.77
C PRO D 55 -7.03 26.61 -22.10
N ASN D 56 -7.11 27.63 -21.25
CA ASN D 56 -6.18 28.74 -21.29
C ASN D 56 -4.79 28.31 -20.85
N ARG D 57 -3.80 29.01 -21.36
CA ARG D 57 -2.41 28.66 -21.14
C ARG D 57 -2.05 28.62 -19.66
N ASP D 58 -2.49 29.61 -18.91
CA ASP D 58 -2.14 29.66 -17.49
C ASP D 58 -2.86 28.58 -16.64
N MET D 59 -3.68 27.74 -17.29
CA MET D 59 -4.38 26.64 -16.62
C MET D 59 -3.69 25.27 -16.84
N LEU D 60 -2.63 25.27 -17.66
CA LEU D 60 -1.99 24.05 -18.11
C LEU D 60 -0.57 23.91 -17.54
N PRO D 61 -0.40 23.03 -16.55
CA PRO D 61 0.97 22.70 -16.18
C PRO D 61 1.79 22.19 -17.38
N CYS D 62 3.08 22.51 -17.37
CA CYS D 62 4.00 22.11 -18.42
C CYS D 62 5.20 21.32 -17.88
N TYR D 63 5.86 20.57 -18.75
CA TYR D 63 7.10 19.89 -18.37
C TYR D 63 8.19 20.93 -18.08
N SER D 64 9.01 20.69 -17.05
CA SER D 64 10.18 21.51 -16.80
C SER D 64 11.41 20.83 -17.42
N VAL D 65 12.38 21.63 -17.85
CA VAL D 65 13.60 21.11 -18.47
C VAL D 65 14.73 22.09 -18.25
N ALA D 66 15.91 21.57 -17.95
CA ALA D 66 17.11 22.38 -17.93
C ALA D 66 18.19 21.62 -18.66
N ARG D 67 18.98 22.36 -19.42
CA ARG D 67 20.13 21.85 -20.13
C ARG D 67 21.38 22.39 -19.44
N ILE D 68 22.22 21.50 -18.92
CA ILE D 68 23.34 21.89 -18.07
C ILE D 68 24.65 21.67 -18.80
N PRO D 69 25.43 22.74 -19.03
CA PRO D 69 26.73 22.56 -19.70
C PRO D 69 27.69 21.79 -18.82
N LEU D 70 28.46 20.87 -19.39
CA LEU D 70 29.46 20.12 -18.64
C LEU D 70 30.85 20.64 -18.99
N PRO D 71 31.86 20.33 -18.16
CA PRO D 71 33.22 20.73 -18.54
C PRO D 71 33.55 20.27 -19.97
N ASN D 72 34.12 21.17 -20.74
CA ASN D 72 34.35 20.96 -22.17
C ASN D 72 35.33 19.81 -22.37
N LEU D 73 35.01 18.85 -23.21
CA LEU D 73 35.96 17.80 -23.57
C LEU D 73 36.40 17.97 -25.03
N ILE D 82 37.53 10.63 -28.91
CA ILE D 82 36.29 11.15 -28.34
C ILE D 82 36.03 10.68 -26.89
N LEU D 83 36.07 11.63 -25.95
CA LEU D 83 35.54 11.41 -24.60
C LEU D 83 34.14 12.01 -24.46
N MET D 84 33.29 11.31 -23.72
CA MET D 84 31.98 11.81 -23.35
C MET D 84 31.73 11.64 -21.87
N TRP D 85 30.99 12.59 -21.30
CA TRP D 85 30.55 12.47 -19.95
C TRP D 85 29.41 11.45 -19.91
N GLU D 86 29.52 10.53 -18.96
CA GLU D 86 28.55 9.48 -18.74
C GLU D 86 27.88 9.71 -17.39
N ALA D 87 26.55 9.75 -17.39
CA ALA D 87 25.78 9.96 -16.15
C ALA D 87 25.58 8.64 -15.46
N VAL D 88 26.04 8.53 -14.22
CA VAL D 88 26.13 7.26 -13.51
C VAL D 88 25.11 7.16 -12.40
N THR D 89 24.98 8.19 -11.58
CA THR D 89 24.02 8.18 -10.47
C THR D 89 23.23 9.47 -10.38
N LEU D 90 22.08 9.34 -9.73
CA LEU D 90 21.17 10.44 -9.49
C LEU D 90 20.69 10.40 -8.06
N LYS D 91 20.73 11.55 -7.41
CA LYS D 91 19.93 11.79 -6.21
C LYS D 91 18.94 12.86 -6.55
N THR D 92 17.70 12.66 -6.13
CA THR D 92 16.66 13.61 -6.47
C THR D 92 15.64 13.71 -5.37
N GLU D 93 15.05 14.87 -5.25
CA GLU D 93 14.15 15.16 -4.15
C GLU D 93 13.18 16.28 -4.50
N VAL D 94 11.92 16.13 -4.09
CA VAL D 94 10.97 17.24 -4.18
C VAL D 94 11.27 18.24 -3.07
N ILE D 95 11.36 19.53 -3.41
CA ILE D 95 11.76 20.58 -2.47
C ILE D 95 10.59 21.40 -1.94
N GLY D 96 10.41 21.38 -0.63
CA GLY D 96 9.37 22.17 0.02
C GLY D 96 8.13 21.37 0.35
N VAL D 97 8.29 20.08 0.64
CA VAL D 97 7.15 19.23 0.91
C VAL D 97 6.31 19.73 2.06
N THR D 98 6.95 20.35 3.08
CA THR D 98 6.23 20.82 4.24
C THR D 98 5.31 22.02 4.02
N SER D 99 5.54 22.79 2.97
CA SER D 99 4.68 23.92 2.66
C SER D 99 3.21 23.49 2.52
N LEU D 100 2.99 22.21 2.23
CA LEU D 100 1.63 21.69 2.11
C LEU D 100 0.90 21.59 3.45
N MET D 101 1.58 21.92 4.53
CA MET D 101 0.92 22.02 5.83
C MET D 101 0.29 23.38 6.05
N ASN D 102 0.47 24.32 5.13
CA ASN D 102 -0.27 25.56 5.22
C ASN D 102 -1.74 25.31 4.84
N VAL D 103 -2.55 24.98 5.84
CA VAL D 103 -4.00 24.80 5.67
C VAL D 103 -4.81 25.94 6.31
N HIS D 104 -4.16 27.11 6.45
CA HIS D 104 -4.75 28.29 7.12
C HIS D 104 -4.85 29.56 6.23
N SER D 105 -4.76 29.38 4.92
CA SER D 105 -4.54 30.47 3.98
C SER D 105 -5.54 30.35 2.83
N ASN D 106 -6.69 31.01 2.96
CA ASN D 106 -7.67 31.08 1.89
C ASN D 106 -8.15 29.72 1.41
N GLY D 107 -8.21 28.77 2.32
CA GLY D 107 -8.61 27.40 2.00
C GLY D 107 -10.07 27.17 2.23
N GLN D 108 -10.55 25.97 1.88
CA GLN D 108 -11.93 25.58 2.11
C GLN D 108 -11.99 24.65 3.30
N ALA D 109 -12.79 25.04 4.27
CA ALA D 109 -12.90 24.26 5.49
C ALA D 109 -13.50 22.90 5.16
N THR D 110 -12.91 21.85 5.71
CA THR D 110 -13.29 20.45 5.44
C THR D 110 -14.61 20.07 6.12
N HIS D 111 -15.02 20.88 7.10
CA HIS D 111 -16.31 20.80 7.78
C HIS D 111 -16.37 22.09 8.62
N ASP D 112 -17.51 22.34 9.26
CA ASP D 112 -17.68 23.58 9.99
CA ASP D 112 -17.71 23.57 10.02
C ASP D 112 -16.64 23.71 11.12
N ASN D 113 -15.92 24.82 11.07
CA ASN D 113 -14.83 25.18 12.00
C ASN D 113 -13.53 24.40 11.79
N GLY D 114 -13.48 23.59 10.75
CA GLY D 114 -12.32 22.78 10.46
C GLY D 114 -11.22 23.57 9.80
N ALA D 115 -10.07 22.93 9.67
CA ALA D 115 -8.95 23.48 8.93
C ALA D 115 -9.20 23.38 7.42
N GLY D 116 -8.37 24.08 6.66
CA GLY D 116 -8.43 24.04 5.22
C GLY D 116 -8.09 22.67 4.64
N LYS D 117 -8.86 22.31 3.62
CA LYS D 117 -8.60 21.14 2.82
C LYS D 117 -7.19 21.27 2.22
N PRO D 118 -6.32 20.28 2.44
CA PRO D 118 -4.97 20.44 1.92
C PRO D 118 -4.89 20.06 0.46
N VAL D 119 -3.77 20.40 -0.17
CA VAL D 119 -3.51 19.97 -1.50
C VAL D 119 -3.66 18.43 -1.62
N GLN D 120 -4.44 18.01 -2.60
CA GLN D 120 -4.72 16.60 -2.83
C GLN D 120 -5.34 16.42 -4.21
N GLY D 121 -5.54 15.16 -4.58
CA GLY D 121 -6.10 14.84 -5.86
C GLY D 121 -5.03 14.43 -6.83
N THR D 122 -5.31 14.56 -8.11
CA THR D 122 -4.45 14.02 -9.13
C THR D 122 -3.04 14.61 -9.04
N SER D 123 -2.05 13.72 -9.06
CA SER D 123 -0.64 14.11 -9.03
C SER D 123 0.15 13.42 -10.14
N PHE D 124 1.18 14.10 -10.60
CA PHE D 124 2.13 13.50 -11.53
C PHE D 124 3.51 13.93 -11.09
N HIS D 125 4.33 12.97 -10.69
CA HIS D 125 5.72 13.21 -10.31
C HIS D 125 6.62 12.45 -11.28
N PHE D 126 7.51 13.20 -11.93
CA PHE D 126 8.27 12.68 -13.04
C PHE D 126 9.61 13.32 -13.06
N PHE D 127 10.63 12.54 -13.41
CA PHE D 127 11.95 13.08 -13.62
C PHE D 127 12.71 12.21 -14.61
N SER D 128 13.62 12.84 -15.35
CA SER D 128 14.48 12.13 -16.28
C SER D 128 15.85 12.77 -16.31
N VAL D 129 16.85 11.95 -16.66
CA VAL D 129 18.22 12.37 -16.85
C VAL D 129 18.68 11.74 -18.17
N GLY D 130 19.23 12.57 -19.06
CA GLY D 130 19.64 12.12 -20.38
C GLY D 130 20.77 12.92 -20.97
N GLY D 131 21.41 12.34 -21.98
CA GLY D 131 22.53 12.98 -22.67
C GLY D 131 22.07 13.74 -23.90
N GLU D 132 20.76 13.95 -23.99
CA GLU D 132 20.09 14.71 -25.04
C GLU D 132 18.65 14.98 -24.55
N ALA D 133 17.91 15.81 -25.28
CA ALA D 133 16.54 16.16 -24.88
C ALA D 133 15.63 14.93 -24.75
N LEU D 134 14.74 14.96 -23.77
CA LEU D 134 13.73 13.92 -23.58
C LEU D 134 12.85 13.89 -24.84
N GLU D 135 12.57 12.70 -25.34
CA GLU D 135 11.74 12.57 -26.52
C GLU D 135 10.31 12.29 -26.07
N LEU D 136 9.38 13.06 -26.62
CA LEU D 136 7.96 12.98 -26.27
C LEU D 136 7.10 12.32 -27.33
N GLN D 137 6.03 11.68 -26.86
CA GLN D 137 4.96 11.19 -27.70
C GLN D 137 3.68 11.85 -27.21
N GLY D 138 2.88 12.34 -28.15
CA GLY D 138 1.63 13.04 -27.82
C GLY D 138 0.46 12.08 -27.68
N VAL D 139 -0.28 12.19 -26.58
CA VAL D 139 -1.56 11.51 -26.42
C VAL D 139 -2.56 12.51 -25.84
N LEU D 140 -3.75 12.58 -26.41
CA LEU D 140 -4.74 13.56 -26.01
C LEU D 140 -5.94 12.89 -25.39
N PHE D 141 -6.40 13.43 -24.25
CA PHE D 141 -7.65 12.97 -23.67
C PHE D 141 -8.80 13.14 -24.66
N ASN D 142 -8.83 14.32 -25.28
CA ASN D 142 -9.88 14.75 -26.18
C ASN D 142 -9.24 15.43 -27.41
N TYR D 143 -9.39 14.84 -28.60
CA TYR D 143 -8.63 15.32 -29.76
C TYR D 143 -9.16 16.65 -30.26
N ARG D 144 -10.40 16.97 -29.93
CA ARG D 144 -10.96 18.29 -30.28
C ARG D 144 -10.62 19.39 -29.27
N THR D 145 -9.86 19.08 -28.23
CA THR D 145 -9.35 20.14 -27.36
C THR D 145 -8.61 21.22 -28.17
N LYS D 146 -8.96 22.48 -27.94
CA LYS D 146 -8.23 23.59 -28.55
C LYS D 146 -7.13 24.03 -27.58
N TYR D 147 -5.88 23.61 -27.83
CA TYR D 147 -4.75 23.98 -26.96
C TYR D 147 -4.33 25.39 -27.29
N PRO D 148 -3.89 26.15 -26.28
CA PRO D 148 -3.75 27.58 -26.48
C PRO D 148 -2.44 27.99 -27.10
N ASP D 149 -2.45 29.18 -27.69
CA ASP D 149 -1.24 29.76 -28.25
C ASP D 149 -0.18 29.94 -27.18
N GLY D 150 1.05 29.62 -27.51
CA GLY D 150 2.14 29.78 -26.58
C GLY D 150 2.55 28.45 -26.00
N THR D 151 1.75 27.42 -26.24
CA THR D 151 2.12 26.05 -25.88
C THR D 151 2.42 25.24 -27.14
N ILE D 152 3.22 24.20 -26.96
CA ILE D 152 3.56 23.31 -28.06
C ILE D 152 2.81 22.00 -27.83
N PHE D 153 1.90 21.70 -28.74
CA PHE D 153 0.96 20.59 -28.56
C PHE D 153 0.88 19.73 -29.80
N PRO D 154 0.30 18.53 -29.67
CA PRO D 154 0.14 17.70 -30.85
C PRO D 154 -0.69 18.41 -31.92
N LYS D 155 -0.10 18.59 -33.11
CA LYS D 155 -0.76 19.27 -34.23
C LYS D 155 -1.43 18.23 -35.16
N ASN D 156 -2.39 18.70 -35.97
CA ASN D 156 -3.12 17.82 -36.87
C ASN D 156 -3.84 16.67 -36.15
N ALA D 157 -4.37 16.96 -34.97
CA ALA D 157 -4.95 15.92 -34.14
C ALA D 157 -6.10 15.24 -34.88
N THR D 158 -6.21 13.93 -34.74
CA THR D 158 -7.36 13.19 -35.24
C THR D 158 -7.89 12.35 -34.08
N VAL D 159 -8.95 11.59 -34.33
CA VAL D 159 -9.57 10.83 -33.27
C VAL D 159 -8.58 9.75 -32.79
N GLN D 160 -7.71 9.28 -33.68
CA GLN D 160 -6.65 8.34 -33.30
C GLN D 160 -5.69 8.92 -32.25
N SER D 161 -5.55 10.25 -32.21
CA SER D 161 -4.71 10.92 -31.22
C SER D 161 -5.17 10.65 -29.79
N GLN D 162 -6.42 10.24 -29.60
CA GLN D 162 -6.91 9.88 -28.25
C GLN D 162 -6.33 8.57 -27.74
N VAL D 163 -5.76 7.75 -28.64
CA VAL D 163 -5.15 6.47 -28.27
C VAL D 163 -3.69 6.32 -28.73
N MET D 164 -3.41 6.52 -30.02
CA MET D 164 -2.03 6.60 -30.50
C MET D 164 -1.95 7.10 -31.92
N ASN D 165 -1.33 8.27 -32.09
CA ASN D 165 -1.06 8.81 -33.40
C ASN D 165 0.44 9.08 -33.44
N THR D 166 1.17 8.27 -34.20
CA THR D 166 2.64 8.30 -34.22
C THR D 166 3.20 9.56 -34.90
N GLU D 167 2.35 10.41 -35.46
CA GLU D 167 2.78 11.72 -35.93
C GLU D 167 3.17 12.65 -34.79
N HIS D 168 2.64 12.43 -33.58
CA HIS D 168 2.87 13.38 -32.48
C HIS D 168 4.19 13.11 -31.75
N LYS D 169 5.29 13.46 -32.39
CA LYS D 169 6.62 13.33 -31.81
C LYS D 169 7.17 14.74 -31.55
N ALA D 170 7.87 14.92 -30.44
CA ALA D 170 8.54 16.17 -30.17
C ALA D 170 9.74 15.94 -29.24
N TYR D 171 10.54 16.97 -29.08
CA TYR D 171 11.62 17.01 -28.10
C TYR D 171 11.24 17.97 -27.02
N LEU D 172 11.54 17.63 -25.77
CA LEU D 172 11.33 18.54 -24.67
C LEU D 172 12.51 19.49 -24.69
N ASP D 173 12.41 20.48 -25.56
CA ASP D 173 13.50 21.42 -25.83
C ASP D 173 13.18 22.86 -25.41
N LYS D 174 12.15 23.03 -24.59
CA LYS D 174 11.74 24.38 -24.23
C LYS D 174 10.93 24.36 -22.92
N ASN D 175 11.24 25.28 -22.03
CA ASN D 175 10.52 25.45 -20.77
CA ASN D 175 10.53 25.42 -20.77
C ASN D 175 9.21 26.15 -20.97
N LYS D 176 8.24 25.88 -20.08
CA LYS D 176 6.93 26.58 -20.09
C LYS D 176 6.15 26.42 -21.36
N ALA D 177 6.33 25.30 -22.04
CA ALA D 177 5.80 25.14 -23.37
C ALA D 177 5.02 23.86 -23.62
N TYR D 178 5.47 22.73 -23.07
CA TYR D 178 4.91 21.42 -23.37
C TYR D 178 3.95 20.98 -22.28
N PRO D 179 2.63 21.00 -22.58
CA PRO D 179 1.72 20.69 -21.49
C PRO D 179 1.75 19.25 -21.07
N VAL D 180 1.76 19.05 -19.77
CA VAL D 180 1.84 17.73 -19.17
C VAL D 180 0.75 16.82 -19.73
N GLU D 181 -0.47 17.32 -19.84
CA GLU D 181 -1.63 16.50 -20.21
C GLU D 181 -1.60 15.99 -21.65
N CYS D 182 -0.79 16.62 -22.52
CA CYS D 182 -0.66 16.26 -23.94
C CYS D 182 0.44 15.30 -24.28
N TRP D 183 1.45 15.21 -23.42
CA TRP D 183 2.69 14.54 -23.76
C TRP D 183 3.15 13.57 -22.67
N VAL D 184 3.75 12.48 -23.12
CA VAL D 184 4.48 11.54 -22.27
C VAL D 184 5.83 11.22 -22.91
N PRO D 185 6.77 10.70 -22.11
CA PRO D 185 8.00 10.19 -22.71
C PRO D 185 7.67 9.10 -23.73
N ASP D 186 8.35 9.15 -24.88
CA ASP D 186 8.17 8.23 -25.98
C ASP D 186 8.98 6.97 -25.73
N PRO D 187 8.28 5.85 -25.48
CA PRO D 187 9.00 4.66 -25.07
C PRO D 187 9.69 3.99 -26.26
N THR D 188 9.35 4.42 -27.49
CA THR D 188 9.97 3.91 -28.68
C THR D 188 11.31 4.57 -28.92
N ARG D 189 11.62 5.64 -28.21
CA ARG D 189 12.89 6.31 -28.39
C ARG D 189 13.56 6.42 -27.01
N ASN D 190 14.27 7.50 -26.71
CA ASN D 190 14.88 7.72 -25.39
C ASN D 190 15.90 6.65 -24.96
N GLU D 191 16.68 6.14 -25.92
CA GLU D 191 17.74 5.18 -25.61
C GLU D 191 18.82 5.84 -24.73
N ASN D 192 18.96 7.16 -24.82
CA ASN D 192 20.06 7.84 -24.13
C ASN D 192 19.55 8.69 -22.94
N THR D 193 18.39 8.32 -22.42
CA THR D 193 17.76 9.02 -21.31
C THR D 193 17.23 7.94 -20.34
N ARG D 194 17.22 8.22 -19.03
CA ARG D 194 16.51 7.35 -18.09
C ARG D 194 15.36 8.15 -17.52
N TYR D 195 14.14 7.63 -17.61
CA TYR D 195 12.97 8.35 -17.11
C TYR D 195 12.10 7.55 -16.16
N PHE D 196 11.44 8.24 -15.24
CA PHE D 196 10.66 7.62 -14.17
C PHE D 196 9.50 8.56 -13.88
N GLY D 197 8.28 8.03 -13.91
CA GLY D 197 7.12 8.83 -13.52
C GLY D 197 6.00 8.04 -12.91
N THR D 198 5.20 8.71 -12.08
CA THR D 198 3.99 8.12 -11.55
C THR D 198 2.83 9.09 -11.65
N LEU D 199 1.76 8.67 -12.29
CA LEU D 199 0.49 9.35 -12.21
C LEU D 199 -0.37 8.70 -11.15
N THR D 200 -0.80 9.48 -10.17
CA THR D 200 -1.80 9.06 -9.20
C THR D 200 -3.06 9.91 -9.39
N GLY D 201 -4.13 9.32 -9.91
CA GLY D 201 -5.38 10.04 -10.25
C GLY D 201 -6.41 10.00 -9.14
N GLY D 202 -7.56 10.67 -9.33
CA GLY D 202 -8.64 10.68 -8.33
C GLY D 202 -8.62 11.99 -7.56
N GLU D 203 -9.78 12.52 -7.18
CA GLU D 203 -9.82 13.91 -6.66
C GLU D 203 -9.46 14.04 -5.20
N ASN D 204 -9.47 12.96 -4.46
CA ASN D 204 -9.12 13.04 -3.05
C ASN D 204 -7.86 12.33 -2.68
N VAL D 205 -7.13 11.75 -3.65
CA VAL D 205 -5.91 11.00 -3.29
C VAL D 205 -4.93 11.86 -2.51
N PRO D 206 -4.35 11.28 -1.43
CA PRO D 206 -3.45 11.98 -0.54
C PRO D 206 -2.04 12.04 -1.09
N PRO D 207 -1.43 13.22 -1.13
CA PRO D 207 -0.02 13.24 -1.49
C PRO D 207 0.82 12.43 -0.49
N VAL D 208 1.72 11.59 -0.97
CA VAL D 208 2.70 10.93 -0.14
C VAL D 208 4.09 11.31 -0.66
N LEU D 209 4.80 12.17 0.07
CA LEU D 209 6.07 12.74 -0.41
C LEU D 209 7.18 12.41 0.57
N HIS D 210 8.16 11.64 0.09
CA HIS D 210 9.26 11.16 0.89
C HIS D 210 10.46 12.02 0.59
N ILE D 211 11.20 12.42 1.62
CA ILE D 211 12.47 13.07 1.42
C ILE D 211 13.58 12.32 2.17
N THR D 212 14.75 12.24 1.55
CA THR D 212 15.95 11.72 2.21
C THR D 212 17.18 12.05 1.38
N ASN D 213 18.33 12.23 2.03
CA ASN D 213 19.58 12.38 1.28
C ASN D 213 20.41 11.09 1.21
N THR D 214 19.76 9.94 1.40
CA THR D 214 20.45 8.67 1.47
C THR D 214 20.13 7.72 0.32
N ALA D 215 19.26 8.14 -0.60
CA ALA D 215 18.77 7.26 -1.66
C ALA D 215 19.40 7.69 -2.96
N THR D 216 19.98 6.75 -3.67
CA THR D 216 20.62 7.00 -4.96
C THR D 216 20.00 6.10 -6.03
N THR D 217 19.72 6.64 -7.21
CA THR D 217 19.35 5.84 -8.38
C THR D 217 20.54 5.63 -9.32
N VAL D 218 20.83 4.38 -9.67
CA VAL D 218 21.90 4.08 -10.62
C VAL D 218 21.32 4.24 -12.03
N LEU D 219 22.01 4.99 -12.88
CA LEU D 219 21.50 5.32 -14.21
C LEU D 219 22.03 4.39 -15.32
N LEU D 220 22.84 3.41 -14.96
CA LEU D 220 23.46 2.54 -15.94
C LEU D 220 22.42 1.58 -16.48
N ASP D 221 22.52 1.27 -17.77
CA ASP D 221 21.64 0.26 -18.39
C ASP D 221 22.20 -1.14 -18.10
N GLU D 222 21.64 -2.16 -18.74
CA GLU D 222 22.02 -3.55 -18.46
C GLU D 222 23.45 -3.88 -18.94
N PHE D 223 23.99 -3.07 -19.84
CA PHE D 223 25.37 -3.23 -20.30
C PHE D 223 26.36 -2.39 -19.49
N GLY D 224 25.90 -1.77 -18.39
CA GLY D 224 26.77 -0.96 -17.55
C GLY D 224 27.04 0.43 -18.11
N VAL D 225 26.15 0.92 -18.98
CA VAL D 225 26.34 2.20 -19.63
C VAL D 225 25.25 3.22 -19.29
N GLY D 226 25.66 4.38 -18.82
CA GLY D 226 24.74 5.46 -18.48
C GLY D 226 24.53 6.39 -19.67
N PRO D 227 23.63 7.37 -19.52
CA PRO D 227 23.44 8.37 -20.56
C PRO D 227 24.73 9.06 -20.95
N LEU D 228 24.93 9.23 -22.24
CA LEU D 228 26.16 9.83 -22.78
C LEU D 228 25.84 11.22 -23.30
N CYS D 229 26.51 12.22 -22.75
CA CYS D 229 26.11 13.59 -22.94
C CYS D 229 26.63 14.18 -24.23
N LYS D 230 25.76 14.27 -25.24
CA LYS D 230 26.16 14.83 -26.53
C LYS D 230 26.47 16.32 -26.42
N GLY D 231 27.59 16.74 -26.97
CA GLY D 231 28.00 18.14 -26.92
C GLY D 231 28.31 18.66 -25.51
N ASP D 232 28.56 17.75 -24.56
CA ASP D 232 28.86 18.08 -23.16
C ASP D 232 27.72 18.80 -22.48
N ASN D 233 26.50 18.34 -22.76
CA ASN D 233 25.30 18.84 -22.13
C ASN D 233 24.51 17.70 -21.49
N LEU D 234 24.04 17.97 -20.29
CA LEU D 234 23.21 17.04 -19.56
C LEU D 234 21.80 17.64 -19.52
N TYR D 235 20.81 16.80 -19.80
CA TYR D 235 19.44 17.23 -19.84
C TYR D 235 18.67 16.67 -18.65
N LEU D 236 18.11 17.56 -17.84
CA LEU D 236 17.26 17.18 -16.75
C LEU D 236 15.84 17.63 -17.01
N SER D 237 14.86 16.76 -16.72
CA SER D 237 13.46 17.10 -16.88
C SER D 237 12.62 16.67 -15.69
N ALA D 238 11.52 17.37 -15.43
CA ALA D 238 10.70 17.13 -14.25
C ALA D 238 9.28 17.62 -14.39
N VAL D 239 8.38 16.94 -13.68
CA VAL D 239 7.06 17.43 -13.38
C VAL D 239 6.74 16.97 -11.96
N ASP D 240 6.25 17.89 -11.14
CA ASP D 240 5.84 17.56 -9.79
C ASP D 240 4.60 18.34 -9.47
N VAL D 241 3.52 17.96 -10.14
CA VAL D 241 2.17 18.39 -9.82
C VAL D 241 1.79 17.56 -8.60
N CYS D 242 1.67 18.21 -7.45
CA CYS D 242 1.46 17.54 -6.18
C CYS D 242 -0.02 17.27 -5.93
N GLY D 243 -0.87 17.97 -6.67
CA GLY D 243 -2.29 17.91 -6.46
C GLY D 243 -2.92 19.25 -6.74
N MET D 244 -4.13 19.44 -6.24
CA MET D 244 -4.86 20.67 -6.40
C MET D 244 -5.07 21.33 -5.04
N PHE D 245 -4.97 22.65 -5.03
CA PHE D 245 -5.35 23.49 -3.91
C PHE D 245 -6.78 23.96 -4.14
N THR D 246 -7.60 23.86 -3.09
CA THR D 246 -8.99 24.30 -3.15
C THR D 246 -9.16 25.54 -2.30
N ASN D 247 -9.60 26.63 -2.92
CA ASN D 247 -9.87 27.84 -2.16
C ASN D 247 -11.24 27.84 -1.51
N ARG D 248 -11.46 28.89 -0.72
CA ARG D 248 -12.67 29.13 0.03
C ARG D 248 -13.91 28.88 -0.80
N SER D 249 -13.96 29.47 -1.98
CA SER D 249 -15.15 29.33 -2.83
C SER D 249 -15.20 27.99 -3.58
N GLY D 250 -14.17 27.16 -3.47
CA GLY D 250 -14.16 25.85 -4.10
C GLY D 250 -13.41 25.77 -5.43
N PHE D 251 -12.94 26.90 -5.93
CA PHE D 251 -12.10 26.92 -7.12
C PHE D 251 -10.81 26.16 -6.84
N GLN D 252 -10.38 25.39 -7.82
CA GLN D 252 -9.22 24.51 -7.66
C GLN D 252 -8.12 24.85 -8.62
N GLN D 253 -6.88 24.81 -8.13
CA GLN D 253 -5.71 25.11 -8.92
C GLN D 253 -4.67 24.04 -8.67
N TRP D 254 -3.95 23.67 -9.72
CA TRP D 254 -2.80 22.80 -9.57
C TRP D 254 -1.75 23.46 -8.70
N ARG D 255 -1.06 22.67 -7.87
CA ARG D 255 0.08 23.18 -7.09
C ARG D 255 1.28 22.28 -7.33
N GLY D 256 2.39 22.90 -7.69
CA GLY D 256 3.62 22.18 -8.03
C GLY D 256 4.75 22.57 -7.10
N LEU D 257 5.81 21.78 -7.12
CA LEU D 257 6.98 22.09 -6.30
C LEU D 257 8.23 21.83 -7.11
N SER D 258 9.32 22.48 -6.73
CA SER D 258 10.62 22.28 -7.35
C SER D 258 11.21 20.91 -7.06
N ARG D 259 12.09 20.47 -7.96
CA ARG D 259 12.80 19.19 -7.82
C ARG D 259 14.30 19.40 -7.85
N TYR D 260 15.00 18.79 -6.89
CA TYR D 260 16.46 18.80 -6.82
C TYR D 260 17.04 17.59 -7.57
N PHE D 261 18.16 17.82 -8.26
CA PHE D 261 18.92 16.80 -8.95
C PHE D 261 20.38 16.91 -8.54
N LYS D 262 20.99 15.79 -8.17
CA LYS D 262 22.44 15.72 -8.09
C LYS D 262 22.85 14.53 -8.94
N VAL D 263 23.64 14.79 -9.99
CA VAL D 263 24.10 13.75 -10.89
C VAL D 263 25.63 13.65 -10.87
N GLN D 264 26.13 12.42 -10.80
CA GLN D 264 27.56 12.14 -10.90
C GLN D 264 27.86 11.58 -12.27
N LEU D 265 28.92 12.10 -12.86
CA LEU D 265 29.30 11.73 -14.20
C LEU D 265 30.77 11.36 -14.26
N ARG D 266 31.10 10.47 -15.17
CA ARG D 266 32.48 10.06 -15.39
C ARG D 266 32.78 10.11 -16.89
N LYS D 267 34.06 10.30 -17.19
CA LYS D 267 34.48 10.36 -18.59
C LYS D 267 34.58 8.96 -19.16
N ARG D 268 34.02 8.82 -20.36
CA ARG D 268 33.98 7.56 -21.06
C ARG D 268 34.56 7.78 -22.44
N ARG D 269 35.47 6.89 -22.86
CA ARG D 269 35.98 6.93 -24.24
C ARG D 269 35.03 6.20 -25.17
N VAL D 270 34.92 6.74 -26.37
CA VAL D 270 33.96 6.30 -27.38
C VAL D 270 34.63 6.39 -28.77
N LYS D 271 34.19 5.56 -29.73
CA LYS D 271 34.79 5.51 -31.08
C LYS D 271 33.88 6.13 -32.14
N VAL E 7 38.50 17.55 5.62
CA VAL E 7 38.69 16.28 6.38
C VAL E 7 39.00 15.15 5.39
N GLU E 8 40.18 14.55 5.54
CA GLU E 8 40.47 13.24 4.96
C GLU E 8 40.21 12.15 6.04
N VAL E 9 39.41 11.16 5.70
CA VAL E 9 38.99 10.14 6.68
C VAL E 9 39.94 8.96 6.68
N LEU E 10 40.49 8.63 7.83
CA LEU E 10 41.44 7.53 7.94
C LEU E 10 40.79 6.40 8.72
N GLU E 11 41.52 5.69 9.59
CA GLU E 11 40.98 4.46 10.18
C GLU E 11 40.12 4.66 11.43
N VAL E 12 39.26 3.69 11.65
CA VAL E 12 38.47 3.55 12.86
C VAL E 12 39.34 3.04 14.02
N LYS E 13 39.18 3.61 15.21
CA LYS E 13 39.84 3.10 16.42
C LYS E 13 39.07 1.90 16.93
N THR E 14 39.81 0.93 17.48
CA THR E 14 39.23 -0.22 18.14
C THR E 14 39.68 -0.18 19.59
N GLY E 15 39.25 -1.14 20.39
CA GLY E 15 39.51 -1.11 21.82
C GLY E 15 38.17 -0.84 22.50
N VAL E 16 38.09 -1.13 23.78
CA VAL E 16 36.81 -1.03 24.49
C VAL E 16 36.37 0.44 24.61
N ASP E 17 37.34 1.34 24.74
CA ASP E 17 37.08 2.77 24.85
C ASP E 17 36.58 3.44 23.53
N SER E 18 36.51 2.69 22.44
CA SER E 18 36.41 3.29 21.13
C SER E 18 34.99 3.52 20.64
N ILE E 19 33.99 3.07 21.38
CA ILE E 19 32.59 3.27 21.01
C ILE E 19 31.81 3.90 22.13
N THR E 20 30.78 4.66 21.79
CA THR E 20 29.89 5.23 22.77
C THR E 20 28.48 5.28 22.18
N GLU E 21 27.53 5.58 23.04
CA GLU E 21 26.14 5.51 22.68
C GLU E 21 25.44 6.73 23.21
N VAL E 22 24.50 7.26 22.45
CA VAL E 22 23.66 8.37 22.88
C VAL E 22 22.23 7.86 22.82
N GLU E 23 21.45 8.21 23.84
CA GLU E 23 20.07 7.77 23.89
C GLU E 23 19.28 8.89 24.50
N CYS E 24 18.25 9.37 23.80
CA CYS E 24 17.44 10.45 24.31
C CYS E 24 16.09 10.50 23.58
N PHE E 25 15.25 11.43 23.99
CA PHE E 25 13.97 11.64 23.33
C PHE E 25 13.83 13.13 23.08
N LEU E 26 13.20 13.47 21.96
CA LEU E 26 12.89 14.85 21.60
C LEU E 26 11.40 15.04 21.71
N THR E 27 10.98 16.01 22.52
CA THR E 27 9.57 16.32 22.65
C THR E 27 9.15 17.12 21.43
N PRO E 28 7.88 16.99 21.03
CA PRO E 28 7.34 17.76 19.94
C PRO E 28 7.03 19.20 20.36
N GLU E 29 7.02 20.10 19.37
CA GLU E 29 6.71 21.50 19.60
C GLU E 29 5.63 21.89 18.61
N MET E 30 4.39 21.64 19.04
CA MET E 30 3.23 21.77 18.18
C MET E 30 2.58 23.12 18.35
N GLY E 31 3.00 23.87 19.37
CA GLY E 31 2.46 25.19 19.63
C GLY E 31 2.10 25.46 21.07
N ASP E 32 1.58 24.46 21.78
CA ASP E 32 1.32 24.56 23.23
C ASP E 32 0.49 25.77 23.61
N PRO E 33 -0.75 25.84 23.14
CA PRO E 33 -1.53 27.08 23.26
C PRO E 33 -1.93 27.50 24.69
N ASP E 34 -1.95 26.55 25.64
CA ASP E 34 -2.10 26.90 27.05
C ASP E 34 -1.39 25.85 27.90
N GLU E 35 -1.52 25.98 29.21
CA GLU E 35 -0.80 25.12 30.15
C GLU E 35 -1.30 23.68 30.21
N HIS E 36 -2.44 23.40 29.57
CA HIS E 36 -3.01 22.05 29.54
C HIS E 36 -2.82 21.35 28.18
N LEU E 37 -2.24 22.05 27.20
CA LEU E 37 -2.25 21.55 25.80
C LEU E 37 -0.86 21.33 25.23
N ARG E 38 0.06 20.88 26.06
CA ARG E 38 1.34 20.46 25.57
C ARG E 38 1.15 19.32 24.56
N GLY E 39 1.80 19.43 23.41
CA GLY E 39 1.71 18.43 22.37
C GLY E 39 0.60 18.73 21.39
N PHE E 40 -0.14 19.82 21.60
CA PHE E 40 -1.16 20.25 20.66
C PHE E 40 -0.80 21.63 20.18
N SER E 41 -1.35 22.01 19.02
CA SER E 41 -1.34 23.39 18.56
C SER E 41 -2.63 24.03 19.01
N LYS E 42 -2.65 25.34 18.87
CA LYS E 42 -3.85 26.14 18.87
C LYS E 42 -4.80 25.64 17.77
N SER E 43 -6.09 25.86 17.95
CA SER E 43 -7.02 25.49 16.92
C SER E 43 -6.67 26.26 15.64
N ILE E 44 -6.92 25.63 14.51
CA ILE E 44 -6.49 26.14 13.24
C ILE E 44 -7.59 26.98 12.63
N SER E 45 -7.25 28.21 12.28
CA SER E 45 -8.19 29.08 11.59
C SER E 45 -7.68 29.30 10.18
N ILE E 46 -8.49 29.92 9.35
CA ILE E 46 -8.19 30.08 7.95
C ILE E 46 -8.39 31.56 7.59
N SER E 47 -7.35 32.19 7.03
CA SER E 47 -7.48 33.58 6.58
C SER E 47 -8.41 33.66 5.38
N ASP E 48 -9.00 34.83 5.19
CA ASP E 48 -9.89 35.08 4.05
C ASP E 48 -9.14 35.17 2.70
N THR E 49 -7.89 35.61 2.73
CA THR E 49 -7.07 35.70 1.53
C THR E 49 -5.63 35.30 1.80
N PHE E 50 -4.88 35.04 0.74
CA PHE E 50 -3.43 34.85 0.85
C PHE E 50 -2.74 36.07 1.48
N GLU E 51 -3.14 37.26 1.05
CA GLU E 51 -2.56 38.49 1.58
C GLU E 51 -2.76 38.64 3.10
N SER E 52 -3.86 38.11 3.65
CA SER E 52 -4.15 38.29 5.08
C SER E 52 -3.70 37.09 5.93
N ASP E 53 -2.99 36.14 5.34
CA ASP E 53 -2.52 34.97 6.08
C ASP E 53 -1.54 35.40 7.20
N SER E 54 -1.94 35.22 8.45
CA SER E 54 -1.21 35.78 9.56
C SER E 54 -1.24 34.85 10.77
N PRO E 55 -0.61 33.67 10.66
CA PRO E 55 -0.75 32.64 11.71
C PRO E 55 -0.18 33.00 13.09
N ASN E 56 -0.93 32.70 14.13
CA ASN E 56 -0.40 32.75 15.48
C ASN E 56 0.76 31.81 15.66
N ARG E 57 1.71 32.23 16.49
CA ARG E 57 2.82 31.40 16.85
C ARG E 57 2.36 30.06 17.39
N ASP E 58 1.36 30.04 18.24
CA ASP E 58 0.97 28.77 18.86
C ASP E 58 0.11 27.84 17.96
N MET E 59 -0.14 28.29 16.72
CA MET E 59 -0.82 27.48 15.70
C MET E 59 0.20 26.84 14.76
N LEU E 60 1.49 27.15 14.93
CA LEU E 60 2.50 26.65 14.01
C LEU E 60 3.42 25.64 14.69
N PRO E 61 3.31 24.36 14.29
CA PRO E 61 4.31 23.39 14.74
C PRO E 61 5.71 23.76 14.26
N CYS E 62 6.71 23.50 15.08
CA CYS E 62 8.10 23.79 14.78
C CYS E 62 8.94 22.50 14.77
N TYR E 63 10.11 22.57 14.14
CA TYR E 63 11.08 21.50 14.18
C TYR E 63 11.65 21.40 15.60
N SER E 64 11.92 20.18 16.02
CA SER E 64 12.61 19.92 17.27
C SER E 64 14.07 19.63 16.98
N VAL E 65 14.93 20.06 17.89
CA VAL E 65 16.36 19.80 17.77
C VAL E 65 16.99 19.64 19.14
N ALA E 66 17.95 18.73 19.23
CA ALA E 66 18.76 18.60 20.42
C ALA E 66 20.23 18.47 20.01
N ARG E 67 21.08 19.25 20.68
CA ARG E 67 22.52 19.18 20.53
C ARG E 67 23.06 18.40 21.73
N ILE E 68 23.64 17.24 21.44
CA ILE E 68 24.08 16.29 22.48
C ILE E 68 25.61 16.32 22.56
N PRO E 69 26.17 16.80 23.69
CA PRO E 69 27.62 16.80 23.81
C PRO E 69 28.13 15.37 23.94
N LEU E 70 29.26 15.08 23.30
CA LEU E 70 29.83 13.74 23.30
C LEU E 70 31.11 13.77 24.16
N PRO E 71 31.64 12.59 24.54
CA PRO E 71 32.87 12.58 25.34
C PRO E 71 34.02 13.27 24.60
N ASN E 72 34.77 14.07 25.34
CA ASN E 72 35.79 14.94 24.76
C ASN E 72 36.84 14.14 24.00
N LEU E 73 37.12 14.56 22.76
CA LEU E 73 38.18 14.00 21.93
C LEU E 73 39.11 15.14 21.48
N ILE E 82 44.07 13.83 15.44
CA ILE E 82 42.68 14.31 15.44
C ILE E 82 41.67 13.17 15.29
N LEU E 83 40.93 12.91 16.38
CA LEU E 83 39.83 11.95 16.37
C LEU E 83 38.49 12.66 16.40
N MET E 84 37.50 12.05 15.75
CA MET E 84 36.12 12.51 15.77
C MET E 84 35.17 11.34 16.04
N TRP E 85 34.07 11.61 16.71
CA TRP E 85 33.02 10.61 16.82
C TRP E 85 32.28 10.49 15.49
N GLU E 86 32.08 9.24 15.06
CA GLU E 86 31.37 8.91 13.83
C GLU E 86 30.07 8.18 14.19
N ALA E 87 28.95 8.69 13.70
CA ALA E 87 27.67 8.07 13.98
C ALA E 87 27.43 6.94 12.97
N VAL E 88 27.14 5.74 13.48
CA VAL E 88 27.08 4.53 12.67
C VAL E 88 25.67 3.97 12.55
N THR E 89 24.95 3.89 13.66
CA THR E 89 23.61 3.34 13.63
C THR E 89 22.64 4.18 14.44
N LEU E 90 21.38 4.11 14.01
CA LEU E 90 20.26 4.75 14.66
C LEU E 90 19.14 3.72 14.89
N LYS E 91 18.59 3.72 16.10
CA LYS E 91 17.25 3.18 16.33
C LYS E 91 16.36 4.36 16.72
N THR E 92 15.17 4.40 16.14
CA THR E 92 14.27 5.46 16.46
C THR E 92 12.84 4.98 16.47
N GLU E 93 12.00 5.74 17.15
CA GLU E 93 10.64 5.31 17.43
C GLU E 93 9.78 6.48 17.89
N VAL E 94 8.56 6.58 17.38
CA VAL E 94 7.59 7.53 17.91
C VAL E 94 7.06 6.97 19.25
N ILE E 95 7.02 7.82 20.27
CA ILE E 95 6.66 7.41 21.64
C ILE E 95 5.24 7.83 22.00
N GLY E 96 4.40 6.86 22.38
CA GLY E 96 3.01 7.15 22.80
C GLY E 96 1.97 6.92 21.71
N VAL E 97 2.29 6.07 20.73
CA VAL E 97 1.35 5.85 19.62
C VAL E 97 -0.06 5.44 20.07
N THR E 98 -0.16 4.68 21.17
CA THR E 98 -1.47 4.22 21.65
C THR E 98 -2.39 5.33 22.20
N SER E 99 -1.81 6.48 22.52
CA SER E 99 -2.58 7.59 23.09
C SER E 99 -3.68 8.04 22.11
N LEU E 100 -3.43 7.86 20.82
CA LEU E 100 -4.43 8.17 19.78
C LEU E 100 -5.64 7.26 19.82
N MET E 101 -5.66 6.29 20.73
CA MET E 101 -6.88 5.50 20.95
C MET E 101 -7.86 6.17 21.91
N ASN E 102 -7.47 7.30 22.50
CA ASN E 102 -8.43 8.07 23.29
C ASN E 102 -9.40 8.83 22.38
N VAL E 103 -10.49 8.14 22.05
CA VAL E 103 -11.56 8.69 21.24
C VAL E 103 -12.77 9.01 22.11
N HIS E 104 -12.52 9.26 23.39
CA HIS E 104 -13.57 9.53 24.34
C HIS E 104 -13.40 10.87 25.03
N SER E 105 -12.44 11.69 24.60
CA SER E 105 -12.12 12.93 25.31
C SER E 105 -12.41 14.15 24.45
N ASN E 106 -13.60 14.74 24.66
CA ASN E 106 -14.05 15.97 23.97
C ASN E 106 -13.97 15.93 22.45
N GLY E 107 -14.24 14.78 21.89
CA GLY E 107 -14.14 14.60 20.45
C GLY E 107 -15.46 14.85 19.77
N GLN E 108 -15.42 14.85 18.45
CA GLN E 108 -16.61 15.01 17.65
C GLN E 108 -17.09 13.65 17.22
N ALA E 109 -18.28 13.26 17.63
CA ALA E 109 -18.84 11.99 17.23
C ALA E 109 -18.93 11.91 15.69
N THR E 110 -18.44 10.80 15.17
CA THR E 110 -18.45 10.49 13.74
C THR E 110 -19.86 10.37 13.18
N HIS E 111 -20.84 10.03 14.03
CA HIS E 111 -22.26 9.87 13.67
C HIS E 111 -23.03 9.78 15.00
N ASP E 112 -24.37 9.85 14.97
CA ASP E 112 -25.15 9.85 16.22
C ASP E 112 -24.83 8.63 17.09
N ASN E 113 -24.50 8.86 18.35
CA ASN E 113 -24.10 7.81 19.28
C ASN E 113 -22.70 7.19 19.05
N GLY E 114 -21.96 7.70 18.06
CA GLY E 114 -20.64 7.18 17.76
C GLY E 114 -19.54 7.61 18.71
N ALA E 115 -18.38 6.99 18.54
CA ALA E 115 -17.16 7.39 19.24
C ALA E 115 -16.57 8.65 18.60
N GLY E 116 -15.62 9.28 19.27
CA GLY E 116 -14.99 10.48 18.73
C GLY E 116 -14.15 10.19 17.49
N LYS E 117 -14.14 11.12 16.54
CA LYS E 117 -13.20 11.07 15.43
C LYS E 117 -11.80 11.02 15.98
N PRO E 118 -10.98 10.05 15.54
CA PRO E 118 -9.60 10.04 16.00
C PRO E 118 -8.71 11.03 15.26
N VAL E 119 -7.52 11.21 15.80
CA VAL E 119 -6.50 12.03 15.15
C VAL E 119 -6.28 11.50 13.74
N GLN E 120 -6.34 12.38 12.78
CA GLN E 120 -6.18 11.99 11.39
C GLN E 120 -5.91 13.23 10.57
N GLY E 121 -5.61 13.03 9.30
CA GLY E 121 -5.21 14.15 8.44
C GLY E 121 -3.71 14.29 8.25
N THR E 122 -3.33 15.39 7.63
CA THR E 122 -1.94 15.63 7.27
C THR E 122 -0.96 15.29 8.40
N SER E 123 0.08 14.52 8.04
CA SER E 123 1.13 14.16 8.94
C SER E 123 2.46 14.49 8.31
N PHE E 124 3.41 14.85 9.16
CA PHE E 124 4.81 14.93 8.79
C PHE E 124 5.65 14.21 9.85
N HIS E 125 6.30 13.13 9.46
CA HIS E 125 7.22 12.42 10.33
C HIS E 125 8.60 12.49 9.72
N PHE E 126 9.53 12.98 10.52
CA PHE E 126 10.87 13.35 10.05
C PHE E 126 11.88 13.15 11.18
N PHE E 127 13.05 12.66 10.82
CA PHE E 127 14.15 12.61 11.76
C PHE E 127 15.49 12.77 11.04
N SER E 128 16.46 13.34 11.74
CA SER E 128 17.82 13.42 11.22
C SER E 128 18.90 13.26 12.30
N VAL E 129 20.02 12.68 11.91
CA VAL E 129 21.20 12.53 12.74
C VAL E 129 22.34 13.17 11.97
N GLY E 130 23.06 14.10 12.59
CA GLY E 130 24.17 14.78 11.93
C GLY E 130 25.29 15.19 12.86
N GLY E 131 26.43 15.49 12.26
CA GLY E 131 27.61 15.94 13.00
C GLY E 131 27.70 17.46 13.12
N GLU E 132 26.61 18.12 12.77
CA GLU E 132 26.49 19.56 12.83
C GLU E 132 25.01 19.83 12.62
N ALA E 133 24.59 21.07 12.83
CA ALA E 133 23.17 21.41 12.70
C ALA E 133 22.62 21.08 11.31
N LEU E 134 21.34 20.72 11.27
CA LEU E 134 20.64 20.43 10.03
C LEU E 134 20.53 21.72 9.24
N GLU E 135 20.79 21.63 7.95
CA GLU E 135 20.72 22.79 7.09
C GLU E 135 19.38 22.85 6.38
N LEU E 136 18.76 24.02 6.47
CA LEU E 136 17.39 24.23 6.02
C LEU E 136 17.33 25.10 4.80
N GLN E 137 16.34 24.81 3.97
CA GLN E 137 15.95 25.65 2.85
C GLN E 137 14.50 26.07 3.10
N GLY E 138 14.25 27.36 2.93
CA GLY E 138 12.91 27.92 3.03
C GLY E 138 12.09 27.73 1.76
N VAL E 139 10.86 27.26 1.91
CA VAL E 139 9.90 27.22 0.82
C VAL E 139 8.53 27.55 1.43
N LEU E 140 7.88 28.57 0.87
CA LEU E 140 6.60 29.06 1.37
C LEU E 140 5.42 28.59 0.51
N PHE E 141 4.35 28.15 1.14
CA PHE E 141 3.14 27.87 0.41
C PHE E 141 2.61 29.18 -0.25
N ASN E 142 2.71 30.26 0.51
CA ASN E 142 2.17 31.57 0.19
C ASN E 142 3.21 32.60 0.66
N TYR E 143 3.86 33.28 -0.28
CA TYR E 143 4.96 34.17 0.08
C TYR E 143 4.50 35.38 0.91
N ARG E 144 3.22 35.70 0.89
CA ARG E 144 2.71 36.84 1.65
C ARG E 144 2.26 36.46 3.06
N THR E 145 2.40 35.20 3.44
CA THR E 145 2.15 34.81 4.82
C THR E 145 2.97 35.71 5.76
N LYS E 146 2.31 36.25 6.79
CA LYS E 146 3.01 37.00 7.85
C LYS E 146 3.29 36.05 9.01
N TYR E 147 4.56 35.65 9.17
CA TYR E 147 4.94 34.71 10.24
C TYR E 147 5.19 35.50 11.53
N PRO E 148 4.86 34.90 12.67
CA PRO E 148 4.78 35.70 13.87
C PRO E 148 6.10 35.87 14.61
N ASP E 149 6.12 36.88 15.47
CA ASP E 149 7.28 37.18 16.30
C ASP E 149 7.53 35.97 17.16
N GLY E 150 8.81 35.66 17.34
CA GLY E 150 9.19 34.46 18.06
C GLY E 150 9.55 33.31 17.15
N THR E 151 9.14 33.35 15.88
CA THR E 151 9.55 32.32 14.94
C THR E 151 10.67 32.83 14.05
N ILE E 152 11.46 31.91 13.52
CA ILE E 152 12.51 32.24 12.56
C ILE E 152 12.07 31.66 11.22
N PHE E 153 11.94 32.54 10.23
CA PHE E 153 11.22 32.23 8.99
C PHE E 153 11.91 32.86 7.80
N PRO E 154 11.54 32.46 6.57
CA PRO E 154 12.20 33.04 5.41
C PRO E 154 11.98 34.55 5.29
N LYS E 155 13.06 35.31 5.33
CA LYS E 155 13.01 36.77 5.26
C LYS E 155 13.20 37.28 3.81
N ASN E 156 12.68 38.47 3.53
CA ASN E 156 12.72 39.07 2.19
C ASN E 156 12.07 38.17 1.13
N ALA E 157 10.96 37.56 1.53
CA ALA E 157 10.22 36.65 0.69
C ALA E 157 9.72 37.35 -0.55
N THR E 158 9.76 36.67 -1.67
CA THR E 158 9.16 37.15 -2.91
C THR E 158 8.27 36.02 -3.41
N VAL E 159 7.59 36.25 -4.52
CA VAL E 159 6.74 35.23 -5.12
C VAL E 159 7.56 34.00 -5.52
N GLN E 160 8.84 34.19 -5.84
CA GLN E 160 9.72 33.07 -6.14
C GLN E 160 9.95 32.17 -4.93
N SER E 161 9.68 32.69 -3.72
CA SER E 161 9.83 31.90 -2.50
C SER E 161 8.80 30.75 -2.43
N GLN E 162 7.77 30.83 -3.26
CA GLN E 162 6.77 29.76 -3.37
C GLN E 162 7.27 28.53 -4.12
N VAL E 163 8.39 28.64 -4.83
CA VAL E 163 8.97 27.52 -5.55
C VAL E 163 10.42 27.26 -5.16
N MET E 164 11.25 28.29 -5.21
CA MET E 164 12.63 28.20 -4.74
C MET E 164 13.33 29.54 -4.76
N ASN E 165 13.74 30.00 -3.58
CA ASN E 165 14.51 31.22 -3.44
C ASN E 165 15.75 30.87 -2.62
N THR E 166 16.90 30.87 -3.27
CA THR E 166 18.12 30.39 -2.62
C THR E 166 18.59 31.31 -1.49
N GLU E 167 17.94 32.47 -1.32
CA GLU E 167 18.29 33.32 -0.22
C GLU E 167 17.91 32.68 1.12
N HIS E 168 16.84 31.86 1.14
CA HIS E 168 16.30 31.31 2.41
C HIS E 168 17.07 30.09 2.90
N LYS E 169 18.27 30.34 3.44
CA LYS E 169 19.13 29.34 4.05
C LYS E 169 19.15 29.53 5.55
N ALA E 170 19.16 28.44 6.30
CA ALA E 170 19.28 28.55 7.74
C ALA E 170 19.75 27.24 8.33
N TYR E 171 20.14 27.32 9.60
CA TYR E 171 20.52 26.18 10.42
C TYR E 171 19.43 25.95 11.43
N LEU E 172 19.09 24.70 11.66
CA LEU E 172 18.15 24.34 12.72
C LEU E 172 18.96 24.34 14.01
N ASP E 173 19.06 25.53 14.59
CA ASP E 173 19.95 25.81 15.73
C ASP E 173 19.16 26.31 16.95
N LYS E 174 17.85 26.13 16.95
CA LYS E 174 17.03 26.58 18.07
C LYS E 174 15.67 25.90 18.11
N ASN E 175 15.21 25.58 19.31
CA ASN E 175 13.88 24.98 19.50
C ASN E 175 12.76 25.98 19.54
N LYS E 176 11.55 25.48 19.26
CA LYS E 176 10.32 26.27 19.20
C LYS E 176 10.46 27.47 18.32
N ALA E 177 11.24 27.36 17.24
CA ALA E 177 11.56 28.53 16.46
C ALA E 177 11.29 28.40 14.96
N TYR E 178 11.65 27.26 14.38
CA TYR E 178 11.57 27.11 12.93
C TYR E 178 10.28 26.40 12.51
N PRO E 179 9.34 27.14 11.92
CA PRO E 179 8.07 26.46 11.69
C PRO E 179 8.25 25.39 10.65
N VAL E 180 7.55 24.28 10.83
CA VAL E 180 7.65 23.17 9.94
C VAL E 180 7.23 23.58 8.53
N GLU E 181 6.14 24.33 8.42
CA GLU E 181 5.57 24.61 7.10
C GLU E 181 6.45 25.44 6.18
N CYS E 182 7.43 26.17 6.71
CA CYS E 182 8.25 26.99 5.80
C CYS E 182 9.70 26.57 5.61
N TRP E 183 10.09 25.44 6.20
CA TRP E 183 11.44 24.98 6.07
C TRP E 183 11.48 23.50 5.73
N VAL E 184 12.49 23.13 4.96
CA VAL E 184 12.80 21.72 4.72
C VAL E 184 14.30 21.50 4.80
N PRO E 185 14.73 20.23 4.93
CA PRO E 185 16.15 19.99 4.77
C PRO E 185 16.64 20.48 3.42
N ASP E 186 17.76 21.20 3.43
CA ASP E 186 18.38 21.70 2.20
C ASP E 186 19.13 20.59 1.48
N PRO E 187 18.57 20.10 0.37
CA PRO E 187 19.24 18.97 -0.27
C PRO E 187 20.56 19.37 -0.94
N THR E 188 20.83 20.68 -1.11
CA THR E 188 22.10 21.14 -1.67
C THR E 188 23.21 21.14 -0.63
N ARG E 189 22.88 20.92 0.63
CA ARG E 189 23.91 20.88 1.67
C ARG E 189 23.74 19.57 2.43
N ASN E 190 23.90 19.61 3.75
CA ASN E 190 23.69 18.44 4.62
C ASN E 190 24.55 17.21 4.30
N GLU E 191 25.77 17.41 3.79
CA GLU E 191 26.64 16.25 3.52
C GLU E 191 27.01 15.50 4.81
N ASN E 192 26.97 16.20 5.95
CA ASN E 192 27.40 15.60 7.20
C ASN E 192 26.22 15.23 8.09
N THR E 193 25.06 14.99 7.48
CA THR E 193 23.81 14.65 8.15
C THR E 193 23.08 13.59 7.34
N ARG E 194 22.32 12.72 8.01
CA ARG E 194 21.40 11.82 7.35
C ARG E 194 20.00 12.20 7.78
N TYR E 195 19.13 12.51 6.82
CA TYR E 195 17.76 12.89 7.10
C TYR E 195 16.75 12.03 6.34
N PHE E 196 15.59 11.83 6.97
CA PHE E 196 14.50 11.04 6.45
C PHE E 196 13.18 11.67 6.87
N GLY E 197 12.27 11.86 5.92
CA GLY E 197 10.95 12.36 6.25
C GLY E 197 9.90 11.97 5.26
N THR E 198 8.66 11.94 5.75
CA THR E 198 7.52 11.66 4.94
C THR E 198 6.40 12.62 5.28
N LEU E 199 5.89 13.31 4.27
CA LEU E 199 4.66 14.05 4.37
C LEU E 199 3.52 13.26 3.73
N THR E 200 2.44 13.07 4.49
CA THR E 200 1.24 12.41 3.98
C THR E 200 0.09 13.41 4.17
N GLY E 201 -0.45 13.94 3.07
CA GLY E 201 -1.44 15.01 3.11
C GLY E 201 -2.85 14.55 2.86
N GLY E 202 -3.83 15.31 3.30
CA GLY E 202 -5.24 14.97 3.12
C GLY E 202 -5.92 14.94 4.46
N GLU E 203 -7.12 15.50 4.56
CA GLU E 203 -7.81 15.64 5.85
C GLU E 203 -8.22 14.33 6.50
N ASN E 204 -8.40 13.26 5.72
CA ASN E 204 -8.79 11.97 6.28
C ASN E 204 -7.71 10.90 6.27
N VAL E 205 -6.46 11.29 6.03
CA VAL E 205 -5.40 10.32 6.03
C VAL E 205 -5.33 9.66 7.42
N PRO E 206 -5.31 8.32 7.44
CA PRO E 206 -5.20 7.60 8.69
C PRO E 206 -3.76 7.51 9.12
N PRO E 207 -3.47 7.83 10.40
CA PRO E 207 -2.14 7.54 10.94
C PRO E 207 -1.79 6.04 10.84
N VAL E 208 -0.57 5.73 10.39
CA VAL E 208 -0.06 4.37 10.38
C VAL E 208 1.30 4.43 11.07
N LEU E 209 1.35 3.99 12.34
CA LEU E 209 2.55 4.14 13.16
C LEU E 209 3.03 2.77 13.62
N HIS E 210 4.26 2.43 13.26
CA HIS E 210 4.87 1.16 13.58
C HIS E 210 5.83 1.35 14.74
N ILE E 211 5.88 0.37 15.62
CA ILE E 211 6.87 0.40 16.69
C ILE E 211 7.55 -0.95 16.79
N THR E 212 8.86 -0.92 17.05
CA THR E 212 9.63 -2.11 17.28
C THR E 212 11.00 -1.69 17.82
N ASN E 213 11.65 -2.57 18.59
CA ASN E 213 13.01 -2.35 19.04
C ASN E 213 14.00 -3.27 18.29
N THR E 214 13.55 -3.82 17.16
CA THR E 214 14.36 -4.72 16.36
C THR E 214 14.88 -4.07 15.06
N ALA E 215 14.56 -2.81 14.81
CA ALA E 215 14.92 -2.12 13.55
C ALA E 215 16.05 -1.11 13.76
N THR E 216 17.08 -1.21 12.95
CA THR E 216 18.25 -0.32 12.99
C THR E 216 18.47 0.31 11.61
N THR E 217 18.70 1.62 11.54
CA THR E 217 19.16 2.28 10.31
C THR E 217 20.67 2.51 10.33
N VAL E 218 21.36 2.12 9.27
CA VAL E 218 22.79 2.35 9.18
C VAL E 218 23.00 3.76 8.62
N LEU E 219 23.90 4.53 9.23
CA LEU E 219 24.08 5.93 8.87
C LEU E 219 25.30 6.13 7.98
N LEU E 220 25.96 5.04 7.65
CA LEU E 220 27.14 5.10 6.79
C LEU E 220 26.74 5.55 5.38
N ASP E 221 27.51 6.43 4.77
CA ASP E 221 27.29 6.77 3.38
C ASP E 221 27.88 5.71 2.47
N GLU E 222 27.86 5.96 1.17
CA GLU E 222 28.37 4.98 0.21
C GLU E 222 29.89 4.76 0.31
N PHE E 223 30.61 5.55 1.11
CA PHE E 223 32.03 5.28 1.32
C PHE E 223 32.28 4.62 2.68
N GLY E 224 31.23 4.21 3.38
CA GLY E 224 31.39 3.56 4.69
C GLY E 224 31.68 4.58 5.79
N VAL E 225 31.34 5.84 5.53
CA VAL E 225 31.54 6.94 6.48
C VAL E 225 30.20 7.53 6.96
N GLY E 226 30.00 7.49 8.28
CA GLY E 226 28.84 8.13 8.91
C GLY E 226 29.09 9.61 9.21
N PRO E 227 28.07 10.31 9.74
CA PRO E 227 28.31 11.69 10.13
C PRO E 227 29.44 11.82 11.16
N LEU E 228 30.26 12.84 10.99
CA LEU E 228 31.42 13.10 11.82
C LEU E 228 31.10 14.30 12.68
N CYS E 229 31.24 14.12 13.98
CA CYS E 229 30.72 15.08 14.94
C CYS E 229 31.69 16.19 15.27
N LYS E 230 31.43 17.36 14.68
CA LYS E 230 32.30 18.53 14.84
C LYS E 230 32.18 19.05 16.26
N GLY E 231 33.32 19.40 16.88
CA GLY E 231 33.33 19.86 18.26
C GLY E 231 32.75 18.85 19.23
N ASP E 232 32.75 17.57 18.88
CA ASP E 232 32.13 16.52 19.70
C ASP E 232 30.67 16.81 20.04
N ASN E 233 29.89 17.23 19.05
CA ASN E 233 28.45 17.38 19.23
C ASN E 233 27.70 16.57 18.23
N LEU E 234 26.68 15.88 18.70
CA LEU E 234 25.79 15.17 17.82
C LEU E 234 24.47 15.96 17.68
N TYR E 235 23.97 16.15 16.46
CA TYR E 235 22.71 16.87 16.26
C TYR E 235 21.58 15.94 15.87
N LEU E 236 20.53 15.93 16.70
CA LEU E 236 19.31 15.19 16.45
C LEU E 236 18.18 16.17 16.21
N SER E 237 17.37 15.91 15.19
CA SER E 237 16.24 16.74 14.84
C SER E 237 15.04 15.85 14.48
N ALA E 238 13.85 16.38 14.70
CA ALA E 238 12.64 15.60 14.46
C ALA E 238 11.40 16.48 14.29
N VAL E 239 10.44 15.93 13.54
CA VAL E 239 9.08 16.41 13.52
C VAL E 239 8.19 15.17 13.48
N ASP E 240 7.18 15.13 14.33
CA ASP E 240 6.20 14.05 14.32
C ASP E 240 4.81 14.62 14.53
N VAL E 241 4.34 15.35 13.52
CA VAL E 241 2.97 15.85 13.45
C VAL E 241 2.14 14.67 12.98
N CYS E 242 1.31 14.13 13.86
CA CYS E 242 0.63 12.84 13.62
C CYS E 242 -0.67 13.00 12.86
N GLY E 243 -1.18 14.21 12.84
CA GLY E 243 -2.48 14.49 12.31
C GLY E 243 -3.11 15.64 13.07
N MET E 244 -4.42 15.74 12.94
CA MET E 244 -5.20 16.72 13.67
C MET E 244 -6.18 16.06 14.60
N PHE E 245 -6.35 16.63 15.78
CA PHE E 245 -7.42 16.26 16.70
C PHE E 245 -8.56 17.23 16.46
N THR E 246 -9.76 16.69 16.32
CA THR E 246 -10.98 17.46 16.09
C THR E 246 -11.81 17.50 17.36
N ASN E 247 -12.08 18.69 17.90
CA ASN E 247 -12.90 18.76 19.11
CA ASN E 247 -12.91 18.84 19.10
C ASN E 247 -14.41 18.69 18.79
N ARG E 248 -15.21 18.63 19.86
CA ARG E 248 -16.68 18.55 19.80
C ARG E 248 -17.25 19.55 18.78
N SER E 249 -16.75 20.78 18.82
CA SER E 249 -17.28 21.85 17.98
C SER E 249 -16.74 21.83 16.55
N GLY E 250 -15.82 20.91 16.24
CA GLY E 250 -15.19 20.85 14.92
C GLY E 250 -13.87 21.58 14.77
N PHE E 251 -13.43 22.31 15.78
CA PHE E 251 -12.13 22.96 15.71
C PHE E 251 -11.04 21.89 15.76
N GLN E 252 -9.98 22.12 14.99
CA GLN E 252 -8.94 21.13 14.84
C GLN E 252 -7.60 21.66 15.31
N GLN E 253 -6.85 20.79 15.97
CA GLN E 253 -5.51 21.10 16.47
C GLN E 253 -4.53 20.05 16.01
N TRP E 254 -3.36 20.49 15.55
CA TRP E 254 -2.28 19.54 15.29
C TRP E 254 -1.95 18.79 16.58
N ARG E 255 -1.65 17.50 16.47
CA ARG E 255 -1.20 16.69 17.62
C ARG E 255 0.12 16.02 17.27
N GLY E 256 1.12 16.19 18.13
CA GLY E 256 2.42 15.60 17.93
C GLY E 256 2.79 14.63 19.01
N LEU E 257 3.84 13.85 18.76
CA LEU E 257 4.38 12.91 19.74
C LEU E 257 5.89 13.00 19.79
N SER E 258 6.45 12.60 20.93
CA SER E 258 7.90 12.59 21.14
C SER E 258 8.57 11.48 20.29
N ARG E 259 9.85 11.66 19.99
CA ARG E 259 10.63 10.66 19.26
C ARG E 259 11.85 10.27 20.03
N TYR E 260 12.02 8.94 20.19
CA TYR E 260 13.22 8.31 20.77
C TYR E 260 14.31 8.18 19.74
N PHE E 261 15.55 8.47 20.14
CA PHE E 261 16.75 8.21 19.35
C PHE E 261 17.73 7.38 20.17
N LYS E 262 18.30 6.33 19.56
CA LYS E 262 19.49 5.68 20.09
C LYS E 262 20.52 5.62 18.97
N VAL E 263 21.65 6.28 19.20
CA VAL E 263 22.73 6.34 18.24
C VAL E 263 24.01 5.74 18.80
N GLN E 264 24.63 4.87 18.00
CA GLN E 264 25.93 4.29 18.31
CA GLN E 264 25.92 4.29 18.30
C GLN E 264 26.97 5.03 17.52
N LEU E 265 28.08 5.34 18.17
CA LEU E 265 29.14 6.07 17.53
C LEU E 265 30.48 5.38 17.78
N ARG E 266 31.42 5.55 16.85
CA ARG E 266 32.78 5.02 17.01
C ARG E 266 33.81 6.12 16.75
N LYS E 267 35.00 6.00 17.35
CA LYS E 267 36.08 6.97 17.11
C LYS E 267 36.71 6.73 15.77
N ARG E 268 36.88 7.79 14.99
CA ARG E 268 37.50 7.75 13.67
C ARG E 268 38.62 8.78 13.63
N ARG E 269 39.81 8.35 13.18
CA ARG E 269 40.89 9.31 12.92
C ARG E 269 40.69 10.02 11.59
N VAL E 270 41.04 11.31 11.57
CA VAL E 270 40.99 12.15 10.37
C VAL E 270 42.23 13.03 10.30
N LYS E 271 42.58 13.55 9.13
CA LYS E 271 43.77 14.41 8.97
C LYS E 271 43.48 15.86 9.31
C1 NAG F . -26.93 18.91 -20.25
C2 NAG F . -25.89 18.02 -20.92
C3 NAG F . -26.58 16.88 -21.66
C4 NAG F . -27.57 16.12 -20.75
C5 NAG F . -28.45 17.13 -20.00
C6 NAG F . -29.36 16.49 -18.95
C7 NAG F . -23.84 18.88 -21.99
C8 NAG F . -23.34 19.85 -23.03
N2 NAG F . -25.17 18.86 -21.85
O1 NAG F . -26.32 19.99 -19.57
O3 NAG F . -25.63 15.99 -22.16
O4 NAG F . -28.43 15.31 -21.52
O5 NAG F . -27.67 18.11 -19.36
O6 NAG F . -28.65 15.60 -18.12
O7 NAG F . -23.02 18.19 -21.36
C1 GAL F . -27.99 13.95 -21.75
C2 GAL F . -29.27 13.13 -21.95
C3 GAL F . -28.98 11.69 -22.36
C4 GAL F . -28.03 11.63 -23.56
C5 GAL F . -26.81 12.47 -23.21
C6 GAL F . -25.80 12.46 -24.36
O2 GAL F . -29.98 13.10 -20.74
O3 GAL F . -30.18 11.01 -22.62
O4 GAL F . -28.63 12.16 -24.70
O5 GAL F . -27.17 13.82 -22.89
O6 GAL F . -24.92 13.57 -24.21
C1 SIA F . -23.90 12.69 -22.25
C2 SIA F . -23.65 13.22 -23.66
C3 SIA F . -22.80 14.50 -23.65
C4 SIA F . -21.37 14.19 -23.23
C5 SIA F . -20.78 13.14 -24.18
C6 SIA F . -21.66 11.88 -24.13
C7 SIA F . -21.20 10.72 -25.02
C8 SIA F . -22.21 9.56 -24.99
C9 SIA F . -21.69 8.21 -25.46
C10 SIA F . -18.45 12.64 -24.66
C11 SIA F . -17.10 12.31 -24.08
N5 SIA F . -19.42 12.83 -23.78
O1A SIA F . -23.92 11.44 -22.08
O1B SIA F . -24.10 13.50 -21.31
O4 SIA F . -20.58 15.37 -23.23
O6 SIA F . -23.00 12.25 -24.49
O7 SIA F . -20.99 11.18 -26.35
O8 SIA F . -22.69 9.35 -23.66
O9 SIA F . -22.53 7.19 -24.89
O10 SIA F . -18.64 12.72 -25.85
C1 GOL G . -27.28 -3.49 -19.95
O1 GOL G . -26.42 -2.39 -20.26
C2 GOL G . -28.64 -3.28 -20.61
O2 GOL G . -29.47 -4.41 -20.36
C3 GOL G . -29.36 -2.04 -20.07
O3 GOL G . -29.54 -1.10 -21.13
C1 GOL H . -15.37 9.54 29.10
O1 GOL H . -15.73 8.31 28.47
C2 GOL H . -16.47 9.91 30.10
O2 GOL H . -16.02 10.98 30.92
C3 GOL H . -17.76 10.34 29.39
O3 GOL H . -18.87 9.60 29.92
C1 EDO I . 2.31 -5.69 14.28
O1 EDO I . 1.28 -6.34 13.54
C2 EDO I . 3.60 -5.80 13.50
O2 EDO I . 4.23 -4.53 13.45
C1 GOL J . -29.90 -12.35 10.51
O1 GOL J . -29.13 -13.51 10.18
C2 GOL J . -31.26 -12.69 11.13
O2 GOL J . -31.72 -14.00 10.74
C3 GOL J . -32.31 -11.67 10.68
O3 GOL J . -32.59 -11.82 9.28
C1 GOL K . -11.45 24.51 -20.62
O1 GOL K . -10.84 24.93 -19.40
C2 GOL K . -12.19 25.70 -21.25
O2 GOL K . -13.28 25.22 -22.03
C3 GOL K . -12.68 26.68 -20.17
O3 GOL K . -13.93 27.28 -20.56
C1 GOL L . -4.49 32.34 9.09
O1 GOL L . -3.21 31.98 9.63
C2 GOL L . -5.09 33.61 9.70
O2 GOL L . -4.42 34.77 9.19
C3 GOL L . -5.00 33.60 11.23
O3 GOL L . -5.18 32.26 11.72
#